data_1NA3
# 
_entry.id   1NA3 
# 
_audit_conform.dict_name       mmcif_pdbx.dic 
_audit_conform.dict_version    5.386 
_audit_conform.dict_location   http://mmcif.pdb.org/dictionaries/ascii/mmcif_pdbx.dic 
# 
loop_
_database_2.database_id 
_database_2.database_code 
_database_2.pdbx_database_accession 
_database_2.pdbx_DOI 
PDB   1NA3         pdb_00001na3 10.2210/pdb1na3/pdb 
RCSB  RCSB017707   ?            ?                   
WWPDB D_1000017707 ?            ?                   
# 
loop_
_pdbx_audit_revision_history.ordinal 
_pdbx_audit_revision_history.data_content_type 
_pdbx_audit_revision_history.major_revision 
_pdbx_audit_revision_history.minor_revision 
_pdbx_audit_revision_history.revision_date 
1 'Structure model' 1 0 2003-06-03 
2 'Structure model' 1 1 2008-04-28 
3 'Structure model' 1 2 2011-07-13 
4 'Structure model' 1 3 2020-07-29 
5 'Structure model' 1 4 2024-02-14 
# 
loop_
_pdbx_audit_revision_details.ordinal 
_pdbx_audit_revision_details.revision_ordinal 
_pdbx_audit_revision_details.data_content_type 
_pdbx_audit_revision_details.provider 
_pdbx_audit_revision_details.type 
_pdbx_audit_revision_details.description 
_pdbx_audit_revision_details.details 
1 1 'Structure model' repository 'Initial release' ?                          ? 
2 4 'Structure model' repository Remediation       'Carbohydrate remediation' ? 
# 
loop_
_pdbx_audit_revision_group.ordinal 
_pdbx_audit_revision_group.revision_ordinal 
_pdbx_audit_revision_group.data_content_type 
_pdbx_audit_revision_group.group 
1 2 'Structure model' 'Version format compliance' 
2 3 'Structure model' 'Version format compliance' 
3 4 'Structure model' 'Data collection'           
4 4 'Structure model' 'Derived calculations'      
5 4 'Structure model' 'Structure summary'         
6 5 'Structure model' 'Data collection'           
7 5 'Structure model' 'Database references'       
8 5 'Structure model' 'Structure summary'         
# 
loop_
_pdbx_audit_revision_category.ordinal 
_pdbx_audit_revision_category.revision_ordinal 
_pdbx_audit_revision_category.data_content_type 
_pdbx_audit_revision_category.category 
1  4 'Structure model' chem_comp                 
2  4 'Structure model' entity                    
3  4 'Structure model' pdbx_chem_comp_identifier 
4  4 'Structure model' pdbx_entity_nonpoly       
5  4 'Structure model' pdbx_struct_conn_angle    
6  4 'Structure model' struct_conn               
7  4 'Structure model' struct_site               
8  4 'Structure model' struct_site_gen           
9  5 'Structure model' chem_comp                 
10 5 'Structure model' chem_comp_atom            
11 5 'Structure model' chem_comp_bond            
12 5 'Structure model' database_2                
# 
loop_
_pdbx_audit_revision_item.ordinal 
_pdbx_audit_revision_item.revision_ordinal 
_pdbx_audit_revision_item.data_content_type 
_pdbx_audit_revision_item.item 
1  4 'Structure model' '_chem_comp.name'                             
2  4 'Structure model' '_entity.pdbx_description'                    
3  4 'Structure model' '_pdbx_entity_nonpoly.name'                   
4  4 'Structure model' '_pdbx_struct_conn_angle.ptnr1_auth_asym_id'  
5  4 'Structure model' '_pdbx_struct_conn_angle.ptnr1_auth_seq_id'   
6  4 'Structure model' '_pdbx_struct_conn_angle.ptnr1_label_asym_id' 
7  4 'Structure model' '_pdbx_struct_conn_angle.ptnr1_symmetry'      
8  4 'Structure model' '_pdbx_struct_conn_angle.ptnr2_auth_seq_id'   
9  4 'Structure model' '_pdbx_struct_conn_angle.ptnr2_label_asym_id' 
10 4 'Structure model' '_pdbx_struct_conn_angle.ptnr3_auth_asym_id'  
11 4 'Structure model' '_pdbx_struct_conn_angle.ptnr3_auth_seq_id'   
12 4 'Structure model' '_pdbx_struct_conn_angle.ptnr3_label_asym_id' 
13 4 'Structure model' '_pdbx_struct_conn_angle.ptnr3_symmetry'      
14 4 'Structure model' '_pdbx_struct_conn_angle.value'               
15 4 'Structure model' '_struct_conn.pdbx_dist_value'                
16 4 'Structure model' '_struct_conn.ptnr1_auth_asym_id'             
17 4 'Structure model' '_struct_conn.ptnr1_auth_comp_id'             
18 4 'Structure model' '_struct_conn.ptnr1_auth_seq_id'              
19 4 'Structure model' '_struct_conn.ptnr1_label_asym_id'            
20 4 'Structure model' '_struct_conn.ptnr1_label_atom_id'            
21 4 'Structure model' '_struct_conn.ptnr1_label_comp_id'            
22 4 'Structure model' '_struct_conn.ptnr1_symmetry'                 
23 4 'Structure model' '_struct_conn.ptnr2_auth_asym_id'             
24 4 'Structure model' '_struct_conn.ptnr2_auth_comp_id'             
25 4 'Structure model' '_struct_conn.ptnr2_auth_seq_id'              
26 4 'Structure model' '_struct_conn.ptnr2_label_asym_id'            
27 4 'Structure model' '_struct_conn.ptnr2_label_atom_id'            
28 4 'Structure model' '_struct_conn.ptnr2_label_comp_id'            
29 4 'Structure model' '_struct_conn.ptnr2_symmetry'                 
30 5 'Structure model' '_chem_comp.pdbx_synonyms'                    
31 5 'Structure model' '_database_2.pdbx_DOI'                        
32 5 'Structure model' '_database_2.pdbx_database_accession'         
# 
_pdbx_database_status.status_code                     REL 
_pdbx_database_status.entry_id                        1NA3 
_pdbx_database_status.recvd_initial_deposition_date   2002-11-26 
_pdbx_database_status.deposit_site                    RCSB 
_pdbx_database_status.process_site                    RCSB 
_pdbx_database_status.SG_entry                        . 
_pdbx_database_status.pdb_format_compatible           Y 
_pdbx_database_status.status_code_mr                  ? 
_pdbx_database_status.status_code_sf                  ? 
_pdbx_database_status.status_code_cs                  ? 
_pdbx_database_status.status_code_nmr_data            ? 
_pdbx_database_status.methods_development_category    ? 
# 
_pdbx_database_related.db_name        PDB 
_pdbx_database_related.db_id          1NA0 
_pdbx_database_related.details        CTPR3 
_pdbx_database_related.content_type   unspecified 
# 
loop_
_audit_author.name 
_audit_author.pdbx_ordinal 
'Main, E.'     1 
'Xiong, Y.'    2 
'Cocco, M.'    3 
;D'Andrea, L.
;
4 
'Regan, L.'    5 
# 
_citation.id                        primary 
_citation.title                     'Design of Stable alpha-Helical Arrays from an Idealized TPR Motif' 
_citation.journal_abbrev            Structure 
_citation.journal_volume            11 
_citation.page_first                497 
_citation.page_last                 508 
_citation.year                      2003 
_citation.journal_id_ASTM           STRUE6 
_citation.country                   UK 
_citation.journal_id_ISSN           0969-2126 
_citation.journal_id_CSD            2005 
_citation.book_publisher            ? 
_citation.pdbx_database_id_PubMed   12737816 
_citation.pdbx_database_id_DOI      '10.1016/S0969-2126(03)00076-5' 
# 
loop_
_citation_author.citation_id 
_citation_author.name 
_citation_author.ordinal 
_citation_author.identifier_ORCID 
primary 'Main, E.'     1 ? 
primary 'Xiong, Y.'    2 ? 
primary 'Cocco, M.'    3 ? 
primary 
;D'Andrea, L.
;
4 ? 
primary 'Regan, L.'    5 ? 
# 
loop_
_entity.id 
_entity.type 
_entity.src_method 
_entity.pdbx_description 
_entity.formula_weight 
_entity.pdbx_number_of_molecules 
_entity.pdbx_ec 
_entity.pdbx_mutation 
_entity.pdbx_fragment 
_entity.details 
1 polymer     man 'designed protein CTPR2'                        10351.989 2  ? ? ? ? 
2 non-polymer syn 2-AMINO-2-HYDROXYMETHYL-PROPANE-1,3-DIOL        122.143   1  ? ? ? ? 
3 non-polymer syn '1-methylethyl 1-thio-beta-D-galactopyranoside' 238.301   2  ? ? ? ? 
4 non-polymer syn 'MAGNESIUM ION'                                 24.305    2  ? ? ? ? 
5 water       nat water                                           18.015    90 ? ? ? ? 
# 
_entity_poly.entity_id                      1 
_entity_poly.type                           'polypeptide(L)' 
_entity_poly.nstd_linkage                   no 
_entity_poly.nstd_monomer                   no 
_entity_poly.pdbx_seq_one_letter_code       
;GAMDPGNSAEAWYNLGNAYYKQGDYDEAIEYYQKALELDPNNAEAWYNLGNAYYKQGDYDEAIEYYQKALELDPNNAEAK
QNLGNAKQKQG
;
_entity_poly.pdbx_seq_one_letter_code_can   
;GAMDPGNSAEAWYNLGNAYYKQGDYDEAIEYYQKALELDPNNAEAWYNLGNAYYKQGDYDEAIEYYQKALELDPNNAEAK
QNLGNAKQKQG
;
_entity_poly.pdbx_strand_id                 A,B 
_entity_poly.pdbx_target_identifier         ? 
# 
loop_
_pdbx_entity_nonpoly.entity_id 
_pdbx_entity_nonpoly.name 
_pdbx_entity_nonpoly.comp_id 
2 2-AMINO-2-HYDROXYMETHYL-PROPANE-1,3-DIOL        TRS 
3 '1-methylethyl 1-thio-beta-D-galactopyranoside' IPT 
4 'MAGNESIUM ION'                                 MG  
5 water                                           HOH 
# 
loop_
_entity_poly_seq.entity_id 
_entity_poly_seq.num 
_entity_poly_seq.mon_id 
_entity_poly_seq.hetero 
1 1  GLY n 
1 2  ALA n 
1 3  MET n 
1 4  ASP n 
1 5  PRO n 
1 6  GLY n 
1 7  ASN n 
1 8  SER n 
1 9  ALA n 
1 10 GLU n 
1 11 ALA n 
1 12 TRP n 
1 13 TYR n 
1 14 ASN n 
1 15 LEU n 
1 16 GLY n 
1 17 ASN n 
1 18 ALA n 
1 19 TYR n 
1 20 TYR n 
1 21 LYS n 
1 22 GLN n 
1 23 GLY n 
1 24 ASP n 
1 25 TYR n 
1 26 ASP n 
1 27 GLU n 
1 28 ALA n 
1 29 ILE n 
1 30 GLU n 
1 31 TYR n 
1 32 TYR n 
1 33 GLN n 
1 34 LYS n 
1 35 ALA n 
1 36 LEU n 
1 37 GLU n 
1 38 LEU n 
1 39 ASP n 
1 40 PRO n 
1 41 ASN n 
1 42 ASN n 
1 43 ALA n 
1 44 GLU n 
1 45 ALA n 
1 46 TRP n 
1 47 TYR n 
1 48 ASN n 
1 49 LEU n 
1 50 GLY n 
1 51 ASN n 
1 52 ALA n 
1 53 TYR n 
1 54 TYR n 
1 55 LYS n 
1 56 GLN n 
1 57 GLY n 
1 58 ASP n 
1 59 TYR n 
1 60 ASP n 
1 61 GLU n 
1 62 ALA n 
1 63 ILE n 
1 64 GLU n 
1 65 TYR n 
1 66 TYR n 
1 67 GLN n 
1 68 LYS n 
1 69 ALA n 
1 70 LEU n 
1 71 GLU n 
1 72 LEU n 
1 73 ASP n 
1 74 PRO n 
1 75 ASN n 
1 76 ASN n 
1 77 ALA n 
1 78 GLU n 
1 79 ALA n 
1 80 LYS n 
1 81 GLN n 
1 82 ASN n 
1 83 LEU n 
1 84 GLY n 
1 85 ASN n 
1 86 ALA n 
1 87 LYS n 
1 88 GLN n 
1 89 LYS n 
1 90 GLN n 
1 91 GLY n 
# 
_entity_src_gen.entity_id                          1 
_entity_src_gen.pdbx_src_id                        1 
_entity_src_gen.pdbx_alt_source_flag               sample 
_entity_src_gen.pdbx_seq_type                      ? 
_entity_src_gen.pdbx_beg_seq_num                   ? 
_entity_src_gen.pdbx_end_seq_num                   ? 
_entity_src_gen.gene_src_common_name               ? 
_entity_src_gen.gene_src_genus                     ? 
_entity_src_gen.pdbx_gene_src_gene                 ? 
_entity_src_gen.gene_src_species                   ? 
_entity_src_gen.gene_src_strain                    ? 
_entity_src_gen.gene_src_tissue                    ? 
_entity_src_gen.gene_src_tissue_fraction           ? 
_entity_src_gen.gene_src_details                   ? 
_entity_src_gen.pdbx_gene_src_fragment             ? 
_entity_src_gen.pdbx_gene_src_scientific_name      unidentified 
_entity_src_gen.pdbx_gene_src_ncbi_taxonomy_id     32644 
_entity_src_gen.pdbx_gene_src_variant              ? 
_entity_src_gen.pdbx_gene_src_cell_line            ? 
_entity_src_gen.pdbx_gene_src_atcc                 ? 
_entity_src_gen.pdbx_gene_src_organ                ? 
_entity_src_gen.pdbx_gene_src_organelle            ? 
_entity_src_gen.pdbx_gene_src_cell                 ? 
_entity_src_gen.pdbx_gene_src_cellular_location    ? 
_entity_src_gen.host_org_common_name               ? 
_entity_src_gen.pdbx_host_org_scientific_name      'Escherichia coli' 
_entity_src_gen.pdbx_host_org_ncbi_taxonomy_id     562 
_entity_src_gen.host_org_genus                     Escherichia 
_entity_src_gen.pdbx_host_org_gene                 ? 
_entity_src_gen.pdbx_host_org_organ                ? 
_entity_src_gen.host_org_species                   ? 
_entity_src_gen.pdbx_host_org_tissue               ? 
_entity_src_gen.pdbx_host_org_tissue_fraction      ? 
_entity_src_gen.pdbx_host_org_strain               ? 
_entity_src_gen.pdbx_host_org_variant              ? 
_entity_src_gen.pdbx_host_org_cell_line            ? 
_entity_src_gen.pdbx_host_org_atcc                 ? 
_entity_src_gen.pdbx_host_org_culture_collection   ? 
_entity_src_gen.pdbx_host_org_cell                 ? 
_entity_src_gen.pdbx_host_org_organelle            ? 
_entity_src_gen.pdbx_host_org_cellular_location    ? 
_entity_src_gen.pdbx_host_org_vector_type          ? 
_entity_src_gen.pdbx_host_org_vector               ? 
_entity_src_gen.host_org_details                   ? 
_entity_src_gen.expression_system_id               ? 
_entity_src_gen.plasmid_name                       ? 
_entity_src_gen.plasmid_details                    ? 
_entity_src_gen.pdbx_description                   ? 
# 
loop_
_chem_comp.id 
_chem_comp.type 
_chem_comp.mon_nstd_flag 
_chem_comp.name 
_chem_comp.pdbx_synonyms 
_chem_comp.formula 
_chem_comp.formula_weight 
ALA 'L-peptide linking' y ALANINE                                         ? 'C3 H7 N O2'     89.093  
ASN 'L-peptide linking' y ASPARAGINE                                      ? 'C4 H8 N2 O3'    132.118 
ASP 'L-peptide linking' y 'ASPARTIC ACID'                                 ? 'C4 H7 N O4'     133.103 
GLN 'L-peptide linking' y GLUTAMINE                                       ? 'C5 H10 N2 O3'   146.144 
GLU 'L-peptide linking' y 'GLUTAMIC ACID'                                 ? 'C5 H9 N O4'     147.129 
GLY 'peptide linking'   y GLYCINE                                         ? 'C2 H5 N O2'     75.067  
HOH non-polymer         . WATER                                           ? 'H2 O'           18.015  
ILE 'L-peptide linking' y ISOLEUCINE                                      ? 'C6 H13 N O2'    131.173 
IPT D-saccharide        . '1-methylethyl 1-thio-beta-D-galactopyranoside' 
;ISOPROPYL-1-BETA-D-THIOGALACTOSIDE; 1-(ISOPROPYLTHIO)-BETA-GALACTOPYRANSIDE; 1-methylethyl 1-thio-beta-D-galactoside; 1-methylethyl 1-thio-D-galactoside; 1-methylethyl 1-thio-galactoside
;
'C9 H18 O5 S'    238.301 
LEU 'L-peptide linking' y LEUCINE                                         ? 'C6 H13 N O2'    131.173 
LYS 'L-peptide linking' y LYSINE                                          ? 'C6 H15 N2 O2 1' 147.195 
MET 'L-peptide linking' y METHIONINE                                      ? 'C5 H11 N O2 S'  149.211 
MG  non-polymer         . 'MAGNESIUM ION'                                 ? 'Mg 2'           24.305  
PRO 'L-peptide linking' y PROLINE                                         ? 'C5 H9 N O2'     115.130 
SER 'L-peptide linking' y SERINE                                          ? 'C3 H7 N O3'     105.093 
TRP 'L-peptide linking' y TRYPTOPHAN                                      ? 'C11 H12 N2 O2'  204.225 
TRS non-polymer         . 2-AMINO-2-HYDROXYMETHYL-PROPANE-1,3-DIOL        'TRIS BUFFER' 'C4 H12 N O3 1'  122.143 
TYR 'L-peptide linking' y TYROSINE                                        ? 'C9 H11 N O3'    181.189 
# 
_pdbx_chem_comp_identifier.comp_id           IPT 
_pdbx_chem_comp_identifier.type              'IUPAC CARBOHYDRATE SYMBOL' 
_pdbx_chem_comp_identifier.program           PDB-CARE 
_pdbx_chem_comp_identifier.program_version   1.0 
_pdbx_chem_comp_identifier.identifier        isopropyl-1-b-D-thiogalactoside 
# 
loop_
_pdbx_poly_seq_scheme.asym_id 
_pdbx_poly_seq_scheme.entity_id 
_pdbx_poly_seq_scheme.seq_id 
_pdbx_poly_seq_scheme.mon_id 
_pdbx_poly_seq_scheme.ndb_seq_num 
_pdbx_poly_seq_scheme.pdb_seq_num 
_pdbx_poly_seq_scheme.auth_seq_num 
_pdbx_poly_seq_scheme.pdb_mon_id 
_pdbx_poly_seq_scheme.auth_mon_id 
_pdbx_poly_seq_scheme.pdb_strand_id 
_pdbx_poly_seq_scheme.pdb_ins_code 
_pdbx_poly_seq_scheme.hetero 
A 1 1  GLY 1  -4 ?  ?   ?   A . n 
A 1 2  ALA 2  -3 ?  ?   ?   A . n 
A 1 3  MET 3  -2 ?  ?   ?   A . n 
A 1 4  ASP 4  -1 ?  ?   ?   A . n 
A 1 5  PRO 5  0  ?  ?   ?   A . n 
A 1 6  GLY 6  1  1  GLY GLY A . n 
A 1 7  ASN 7  2  2  ASN ASN A . n 
A 1 8  SER 8  3  3  SER SER A . n 
A 1 9  ALA 9  4  4  ALA ALA A . n 
A 1 10 GLU 10 5  5  GLU GLU A . n 
A 1 11 ALA 11 6  6  ALA ALA A . n 
A 1 12 TRP 12 7  7  TRP TRP A . n 
A 1 13 TYR 13 8  8  TYR TYR A . n 
A 1 14 ASN 14 9  9  ASN ASN A . n 
A 1 15 LEU 15 10 10 LEU LEU A . n 
A 1 16 GLY 16 11 11 GLY GLY A . n 
A 1 17 ASN 17 12 12 ASN ASN A . n 
A 1 18 ALA 18 13 13 ALA ALA A . n 
A 1 19 TYR 19 14 14 TYR TYR A . n 
A 1 20 TYR 20 15 15 TYR TYR A . n 
A 1 21 LYS 21 16 16 LYS LYS A . n 
A 1 22 GLN 22 17 17 GLN GLN A . n 
A 1 23 GLY 23 18 18 GLY GLY A . n 
A 1 24 ASP 24 19 19 ASP ASP A . n 
A 1 25 TYR 25 20 20 TYR TYR A . n 
A 1 26 ASP 26 21 21 ASP ASP A . n 
A 1 27 GLU 27 22 22 GLU GLU A . n 
A 1 28 ALA 28 23 23 ALA ALA A . n 
A 1 29 ILE 29 24 24 ILE ILE A . n 
A 1 30 GLU 30 25 25 GLU GLU A . n 
A 1 31 TYR 31 26 26 TYR TYR A . n 
A 1 32 TYR 32 27 27 TYR TYR A . n 
A 1 33 GLN 33 28 28 GLN GLN A . n 
A 1 34 LYS 34 29 29 LYS LYS A . n 
A 1 35 ALA 35 30 30 ALA ALA A . n 
A 1 36 LEU 36 31 31 LEU LEU A . n 
A 1 37 GLU 37 32 32 GLU GLU A . n 
A 1 38 LEU 38 33 33 LEU LEU A . n 
A 1 39 ASP 39 34 34 ASP ASP A . n 
A 1 40 PRO 40 35 35 PRO PRO A . n 
A 1 41 ASN 41 36 36 ASN ASN A . n 
A 1 42 ASN 42 37 37 ASN ASN A . n 
A 1 43 ALA 43 38 38 ALA ALA A . n 
A 1 44 GLU 44 39 39 GLU GLU A . n 
A 1 45 ALA 45 40 40 ALA ALA A . n 
A 1 46 TRP 46 41 41 TRP TRP A . n 
A 1 47 TYR 47 42 42 TYR TYR A . n 
A 1 48 ASN 48 43 43 ASN ASN A . n 
A 1 49 LEU 49 44 44 LEU LEU A . n 
A 1 50 GLY 50 45 45 GLY GLY A . n 
A 1 51 ASN 51 46 46 ASN ASN A . n 
A 1 52 ALA 52 47 47 ALA ALA A . n 
A 1 53 TYR 53 48 48 TYR TYR A . n 
A 1 54 TYR 54 49 49 TYR TYR A . n 
A 1 55 LYS 55 50 50 LYS LYS A . n 
A 1 56 GLN 56 51 51 GLN GLN A . n 
A 1 57 GLY 57 52 52 GLY GLY A . n 
A 1 58 ASP 58 53 53 ASP ASP A . n 
A 1 59 TYR 59 54 54 TYR TYR A . n 
A 1 60 ASP 60 55 55 ASP ASP A . n 
A 1 61 GLU 61 56 56 GLU GLU A . n 
A 1 62 ALA 62 57 57 ALA ALA A . n 
A 1 63 ILE 63 58 58 ILE ILE A . n 
A 1 64 GLU 64 59 59 GLU GLU A . n 
A 1 65 TYR 65 60 60 TYR TYR A . n 
A 1 66 TYR 66 61 61 TYR TYR A . n 
A 1 67 GLN 67 62 62 GLN GLN A . n 
A 1 68 LYS 68 63 63 LYS LYS A . n 
A 1 69 ALA 69 64 64 ALA ALA A . n 
A 1 70 LEU 70 65 65 LEU LEU A . n 
A 1 71 GLU 71 66 66 GLU GLU A . n 
A 1 72 LEU 72 67 67 LEU LEU A . n 
A 1 73 ASP 73 68 68 ASP ASP A . n 
A 1 74 PRO 74 69 69 PRO PRO A . n 
A 1 75 ASN 75 70 70 ASN ASN A . n 
A 1 76 ASN 76 71 71 ASN ASN A . n 
A 1 77 ALA 77 72 72 ALA ALA A . n 
A 1 78 GLU 78 73 73 GLU GLU A . n 
A 1 79 ALA 79 74 74 ALA ALA A . n 
A 1 80 LYS 80 75 75 LYS LYS A . n 
A 1 81 GLN 81 76 76 GLN GLN A . n 
A 1 82 ASN 82 77 77 ASN ASN A . n 
A 1 83 LEU 83 78 78 LEU LEU A . n 
A 1 84 GLY 84 79 79 GLY GLY A . n 
A 1 85 ASN 85 80 80 ASN ASN A . n 
A 1 86 ALA 86 81 81 ALA ALA A . n 
A 1 87 LYS 87 82 82 LYS LYS A . n 
A 1 88 GLN 88 83 83 GLN GLN A . n 
A 1 89 LYS 89 84 84 LYS LYS A . n 
A 1 90 GLN 90 85 85 GLN GLN A . n 
A 1 91 GLY 91 86 86 GLY GLY A . n 
B 1 1  GLY 1  -4 ?  ?   ?   B . n 
B 1 2  ALA 2  -3 ?  ?   ?   B . n 
B 1 3  MET 3  -2 ?  ?   ?   B . n 
B 1 4  ASP 4  -1 ?  ?   ?   B . n 
B 1 5  PRO 5  0  ?  ?   ?   B . n 
B 1 6  GLY 6  1  1  GLY GLY B . n 
B 1 7  ASN 7  2  2  ASN ASN B . n 
B 1 8  SER 8  3  3  SER SER B . n 
B 1 9  ALA 9  4  4  ALA ALA B . n 
B 1 10 GLU 10 5  5  GLU GLU B . n 
B 1 11 ALA 11 6  6  ALA ALA B . n 
B 1 12 TRP 12 7  7  TRP TRP B . n 
B 1 13 TYR 13 8  8  TYR TYR B . n 
B 1 14 ASN 14 9  9  ASN ASN B . n 
B 1 15 LEU 15 10 10 LEU LEU B . n 
B 1 16 GLY 16 11 11 GLY GLY B . n 
B 1 17 ASN 17 12 12 ASN ASN B . n 
B 1 18 ALA 18 13 13 ALA ALA B . n 
B 1 19 TYR 19 14 14 TYR TYR B . n 
B 1 20 TYR 20 15 15 TYR TYR B . n 
B 1 21 LYS 21 16 16 LYS LYS B . n 
B 1 22 GLN 22 17 17 GLN GLN B . n 
B 1 23 GLY 23 18 18 GLY GLY B . n 
B 1 24 ASP 24 19 19 ASP ASP B . n 
B 1 25 TYR 25 20 20 TYR TYR B . n 
B 1 26 ASP 26 21 21 ASP ASP B . n 
B 1 27 GLU 27 22 22 GLU GLU B . n 
B 1 28 ALA 28 23 23 ALA ALA B . n 
B 1 29 ILE 29 24 24 ILE ILE B . n 
B 1 30 GLU 30 25 25 GLU GLU B . n 
B 1 31 TYR 31 26 26 TYR TYR B . n 
B 1 32 TYR 32 27 27 TYR TYR B . n 
B 1 33 GLN 33 28 28 GLN GLN B . n 
B 1 34 LYS 34 29 29 LYS LYS B . n 
B 1 35 ALA 35 30 30 ALA ALA B . n 
B 1 36 LEU 36 31 31 LEU LEU B . n 
B 1 37 GLU 37 32 32 GLU GLU B . n 
B 1 38 LEU 38 33 33 LEU LEU B . n 
B 1 39 ASP 39 34 34 ASP ASP B . n 
B 1 40 PRO 40 35 35 PRO PRO B . n 
B 1 41 ASN 41 36 36 ASN ASN B . n 
B 1 42 ASN 42 37 37 ASN ASN B . n 
B 1 43 ALA 43 38 38 ALA ALA B . n 
B 1 44 GLU 44 39 39 GLU GLU B . n 
B 1 45 ALA 45 40 40 ALA ALA B . n 
B 1 46 TRP 46 41 41 TRP TRP B . n 
B 1 47 TYR 47 42 42 TYR TYR B . n 
B 1 48 ASN 48 43 43 ASN ASN B . n 
B 1 49 LEU 49 44 44 LEU LEU B . n 
B 1 50 GLY 50 45 45 GLY GLY B . n 
B 1 51 ASN 51 46 46 ASN ASN B . n 
B 1 52 ALA 52 47 47 ALA ALA B . n 
B 1 53 TYR 53 48 48 TYR TYR B . n 
B 1 54 TYR 54 49 49 TYR TYR B . n 
B 1 55 LYS 55 50 50 LYS LYS B . n 
B 1 56 GLN 56 51 51 GLN GLN B . n 
B 1 57 GLY 57 52 52 GLY GLY B . n 
B 1 58 ASP 58 53 53 ASP ASP B . n 
B 1 59 TYR 59 54 54 TYR TYR B . n 
B 1 60 ASP 60 55 55 ASP ASP B . n 
B 1 61 GLU 61 56 56 GLU GLU B . n 
B 1 62 ALA 62 57 57 ALA ALA B . n 
B 1 63 ILE 63 58 58 ILE ILE B . n 
B 1 64 GLU 64 59 59 GLU GLU B . n 
B 1 65 TYR 65 60 60 TYR TYR B . n 
B 1 66 TYR 66 61 61 TYR TYR B . n 
B 1 67 GLN 67 62 62 GLN GLN B . n 
B 1 68 LYS 68 63 63 LYS LYS B . n 
B 1 69 ALA 69 64 64 ALA ALA B . n 
B 1 70 LEU 70 65 65 LEU LEU B . n 
B 1 71 GLU 71 66 66 GLU GLU B . n 
B 1 72 LEU 72 67 67 LEU LEU B . n 
B 1 73 ASP 73 68 68 ASP ASP B . n 
B 1 74 PRO 74 69 69 PRO PRO B . n 
B 1 75 ASN 75 70 70 ASN ASN B . n 
B 1 76 ASN 76 71 71 ASN ASN B . n 
B 1 77 ALA 77 72 72 ALA ALA B . n 
B 1 78 GLU 78 73 73 GLU GLU B . n 
B 1 79 ALA 79 74 74 ALA ALA B . n 
B 1 80 LYS 80 75 75 LYS LYS B . n 
B 1 81 GLN 81 76 76 GLN GLN B . n 
B 1 82 ASN 82 77 77 ASN ASN B . n 
B 1 83 LEU 83 78 78 LEU LEU B . n 
B 1 84 GLY 84 79 79 GLY GLY B . n 
B 1 85 ASN 85 80 80 ASN ASN B . n 
B 1 86 ALA 86 81 81 ALA ALA B . n 
B 1 87 LYS 87 82 82 LYS LYS B . n 
B 1 88 GLN 88 83 83 GLN GLN B . n 
B 1 89 LYS 89 84 84 LYS LYS B . n 
B 1 90 GLN 90 85 85 GLN GLN B . n 
B 1 91 GLY 91 86 86 GLY GLY B . n 
# 
loop_
_pdbx_nonpoly_scheme.asym_id 
_pdbx_nonpoly_scheme.entity_id 
_pdbx_nonpoly_scheme.mon_id 
_pdbx_nonpoly_scheme.ndb_seq_num 
_pdbx_nonpoly_scheme.pdb_seq_num 
_pdbx_nonpoly_scheme.auth_seq_num 
_pdbx_nonpoly_scheme.pdb_mon_id 
_pdbx_nonpoly_scheme.auth_mon_id 
_pdbx_nonpoly_scheme.pdb_strand_id 
_pdbx_nonpoly_scheme.pdb_ins_code 
C 2 TRS 1  101 101 TRS TMN A . 
D 3 IPT 1  201 201 IPT IPT A . 
E 4 MG  1  301 301 MG  MG  B . 
F 4 MG  1  336 336 MG  MG  B . 
G 3 IPT 1  151 151 IPT IPT B . 
H 5 HOH 1  305 305 HOH HOH A . 
H 5 HOH 2  307 307 HOH HOH A . 
H 5 HOH 3  314 314 HOH HOH A . 
H 5 HOH 4  315 315 HOH HOH A . 
H 5 HOH 5  316 316 HOH HOH A . 
H 5 HOH 6  317 317 HOH HOH A . 
H 5 HOH 7  318 318 HOH HOH A . 
H 5 HOH 8  320 320 HOH HOH A . 
H 5 HOH 9  322 322 HOH HOH A . 
H 5 HOH 10 326 326 HOH HOH A . 
H 5 HOH 11 331 331 HOH HOH A . 
H 5 HOH 12 335 335 HOH HOH A . 
H 5 HOH 13 338 338 HOH HOH A . 
H 5 HOH 14 340 340 HOH HOH A . 
H 5 HOH 15 341 341 HOH HOH A . 
H 5 HOH 16 344 344 HOH HOH A . 
H 5 HOH 17 345 345 HOH HOH A . 
H 5 HOH 18 346 346 HOH HOH A . 
H 5 HOH 19 347 347 HOH HOH A . 
H 5 HOH 20 348 348 HOH HOH A . 
H 5 HOH 21 350 350 HOH HOH A . 
H 5 HOH 22 356 356 HOH HOH A . 
H 5 HOH 23 360 360 HOH HOH A . 
H 5 HOH 24 361 361 HOH HOH A . 
H 5 HOH 25 363 363 HOH HOH A . 
H 5 HOH 26 368 368 HOH HOH A . 
H 5 HOH 27 372 372 HOH HOH A . 
H 5 HOH 28 373 373 HOH HOH A . 
H 5 HOH 29 374 374 HOH HOH A . 
H 5 HOH 30 376 376 HOH HOH A . 
H 5 HOH 31 377 377 HOH HOH A . 
H 5 HOH 32 378 378 HOH HOH A . 
H 5 HOH 33 380 380 HOH HOH A . 
H 5 HOH 34 381 381 HOH HOH A . 
H 5 HOH 35 382 382 HOH HOH A . 
H 5 HOH 36 384 384 HOH HOH A . 
H 5 HOH 37 385 385 HOH HOH A . 
H 5 HOH 38 390 390 HOH HOH A . 
H 5 HOH 39 393 393 HOH HOH A . 
I 5 HOH 1  300 300 HOH HOH B . 
I 5 HOH 2  302 302 HOH HOH B . 
I 5 HOH 3  303 303 HOH HOH B . 
I 5 HOH 4  304 304 HOH HOH B . 
I 5 HOH 5  306 306 HOH HOH B . 
I 5 HOH 6  308 308 HOH HOH B . 
I 5 HOH 7  309 309 HOH HOH B . 
I 5 HOH 8  310 310 HOH HOH B . 
I 5 HOH 9  311 311 HOH HOH B . 
I 5 HOH 10 312 312 HOH HOH B . 
I 5 HOH 11 313 313 HOH HOH B . 
I 5 HOH 12 319 319 HOH HOH B . 
I 5 HOH 13 321 321 HOH HOH B . 
I 5 HOH 14 323 323 HOH HOH B . 
I 5 HOH 15 324 324 HOH HOH B . 
I 5 HOH 16 325 325 HOH HOH B . 
I 5 HOH 17 327 327 HOH HOH B . 
I 5 HOH 18 328 328 HOH HOH B . 
I 5 HOH 19 329 329 HOH HOH B . 
I 5 HOH 20 330 330 HOH HOH B . 
I 5 HOH 21 332 332 HOH HOH B . 
I 5 HOH 22 333 333 HOH HOH B . 
I 5 HOH 23 339 339 HOH HOH B . 
I 5 HOH 24 342 342 HOH HOH B . 
I 5 HOH 25 343 343 HOH HOH B . 
I 5 HOH 26 349 349 HOH HOH B . 
I 5 HOH 27 351 351 HOH HOH B . 
I 5 HOH 28 352 352 HOH HOH B . 
I 5 HOH 29 353 353 HOH HOH B . 
I 5 HOH 30 354 354 HOH HOH B . 
I 5 HOH 31 355 355 HOH HOH B . 
I 5 HOH 32 357 357 HOH HOH B . 
I 5 HOH 33 358 358 HOH HOH B . 
I 5 HOH 34 359 359 HOH HOH B . 
I 5 HOH 35 362 362 HOH HOH B . 
I 5 HOH 36 364 364 HOH HOH B . 
I 5 HOH 37 365 365 HOH HOH B . 
I 5 HOH 38 366 366 HOH HOH B . 
I 5 HOH 39 367 367 HOH HOH B . 
I 5 HOH 40 369 369 HOH HOH B . 
I 5 HOH 41 370 370 HOH HOH B . 
I 5 HOH 42 371 371 HOH HOH B . 
I 5 HOH 43 375 375 HOH HOH B . 
I 5 HOH 44 379 379 HOH HOH B . 
I 5 HOH 45 383 383 HOH HOH B . 
I 5 HOH 46 386 386 HOH HOH B . 
I 5 HOH 47 387 387 HOH HOH B . 
I 5 HOH 48 388 388 HOH HOH B . 
I 5 HOH 49 389 389 HOH HOH B . 
I 5 HOH 50 391 391 HOH HOH B . 
I 5 HOH 51 392 392 HOH HOH B . 
# 
loop_
_pdbx_unobs_or_zero_occ_atoms.id 
_pdbx_unobs_or_zero_occ_atoms.PDB_model_num 
_pdbx_unobs_or_zero_occ_atoms.polymer_flag 
_pdbx_unobs_or_zero_occ_atoms.occupancy_flag 
_pdbx_unobs_or_zero_occ_atoms.auth_asym_id 
_pdbx_unobs_or_zero_occ_atoms.auth_comp_id 
_pdbx_unobs_or_zero_occ_atoms.auth_seq_id 
_pdbx_unobs_or_zero_occ_atoms.PDB_ins_code 
_pdbx_unobs_or_zero_occ_atoms.auth_atom_id 
_pdbx_unobs_or_zero_occ_atoms.label_alt_id 
_pdbx_unobs_or_zero_occ_atoms.label_asym_id 
_pdbx_unobs_or_zero_occ_atoms.label_comp_id 
_pdbx_unobs_or_zero_occ_atoms.label_seq_id 
_pdbx_unobs_or_zero_occ_atoms.label_atom_id 
1  1 N 1 A IPT 201 ? C2 ? D IPT 1 C2 
2  1 N 1 A IPT 201 ? O2 ? D IPT 1 O2 
3  1 N 1 A IPT 201 ? C3 ? D IPT 1 C3 
4  1 N 1 A IPT 201 ? O3 ? D IPT 1 O3 
5  1 N 1 A IPT 201 ? C4 ? D IPT 1 C4 
6  1 N 1 A IPT 201 ? O4 ? D IPT 1 O4 
7  1 N 1 A IPT 201 ? C5 ? D IPT 1 C5 
8  1 N 1 A IPT 201 ? O5 ? D IPT 1 O5 
9  1 N 1 A IPT 201 ? C6 ? D IPT 1 C6 
10 1 N 1 A IPT 201 ? O6 ? D IPT 1 O6 
# 
loop_
_software.name 
_software.classification 
_software.version 
_software.citation_id 
_software.pdbx_ordinal 
HKL-2000  'data collection' .      ? 1 
SCALEPACK 'data scaling'    .      ? 2 
AMoRE     phasing           .      ? 3 
REFMAC    refinement        5.1.24 ? 4 
HKL-2000  'data reduction'  .      ? 5 
# 
_cell.entry_id           1NA3 
_cell.length_a           44.986 
_cell.length_b           54.941 
_cell.length_c           66.938 
_cell.angle_alpha        90.00 
_cell.angle_beta         90.00 
_cell.angle_gamma        90.00 
_cell.Z_PDB              8 
_cell.pdbx_unique_axis   ? 
# 
_symmetry.entry_id                         1NA3 
_symmetry.space_group_name_H-M             'P 21 21 21' 
_symmetry.cell_setting                     orthorhombic 
_symmetry.pdbx_full_space_group_name_H-M   ? 
_symmetry.Int_Tables_number                19 
# 
_exptl.entry_id          1NA3 
_exptl.method            'X-RAY DIFFRACTION' 
_exptl.crystals_number   1 
# 
_exptl_crystal.id                    1 
_exptl_crystal.density_meas          ? 
_exptl_crystal.density_percent_sol   38.41 
_exptl_crystal.density_Matthews      2.00 
_exptl_crystal.description           ? 
# 
_exptl_crystal_grow.crystal_id      1 
_exptl_crystal_grow.method          'VAPOR DIFFUSION, HANGING DROP' 
_exptl_crystal_grow.temp            277 
_exptl_crystal_grow.temp_details    ? 
_exptl_crystal_grow.pH              8 
_exptl_crystal_grow.pdbx_details    'Tris, PEG 4000, MgCl2, IPTG, NaCl, pH 8., VAPOR DIFFUSION, HANGING DROP at 277K' 
_exptl_crystal_grow.pdbx_pH_range   . 
# 
_diffrn.id                     1 
_diffrn.ambient_temp           100 
_diffrn.ambient_temp_details   ? 
_diffrn.crystal_id             1 
# 
_diffrn_detector.diffrn_id              1 
_diffrn_detector.detector               CCD 
_diffrn_detector.type                   'ADSC QUANTUM 315' 
_diffrn_detector.pdbx_collection_date   ? 
_diffrn_detector.details                ? 
# 
_diffrn_radiation.diffrn_id                        1 
_diffrn_radiation.wavelength_id                    1 
_diffrn_radiation.monochromator                    ? 
_diffrn_radiation.pdbx_monochromatic_or_laue_m_l   M 
_diffrn_radiation.pdbx_diffrn_protocol             'SINGLE WAVELENGTH' 
_diffrn_radiation.pdbx_scattering_type             x-ray 
# 
_diffrn_radiation_wavelength.id           1 
_diffrn_radiation_wavelength.wavelength   1.100 
_diffrn_radiation_wavelength.wt           1.0 
# 
_diffrn_source.diffrn_id                   1 
_diffrn_source.source                      SYNCHROTRON 
_diffrn_source.type                        'NSLS BEAMLINE X25' 
_diffrn_source.pdbx_synchrotron_site       NSLS 
_diffrn_source.pdbx_synchrotron_beamline   X25 
_diffrn_source.pdbx_wavelength             ? 
_diffrn_source.pdbx_wavelength_list        1.100 
# 
_reflns.entry_id                     1NA3 
_reflns.observed_criterion_sigma_F   ? 
_reflns.observed_criterion_sigma_I   -3 
_reflns.d_resolution_high            1.55 
_reflns.d_resolution_low             34.7 
_reflns.number_all                   ? 
_reflns.number_obs                   22285 
_reflns.percent_possible_obs         99.9 
_reflns.pdbx_Rmerge_I_obs            0.042 
_reflns.pdbx_Rsym_value              0.042 
_reflns.pdbx_netI_over_sigmaI        43.3 
_reflns.B_iso_Wilson_estimate        ? 
_reflns.pdbx_redundancy              6.6 
_reflns.R_free_details               ? 
_reflns.limit_h_max                  ? 
_reflns.limit_h_min                  ? 
_reflns.limit_k_max                  ? 
_reflns.limit_k_min                  ? 
_reflns.limit_l_max                  ? 
_reflns.limit_l_min                  ? 
_reflns.observed_criterion_F_max     ? 
_reflns.observed_criterion_F_min     ? 
_reflns.pdbx_diffrn_id               1 
_reflns.pdbx_ordinal                 1 
# 
_reflns_shell.d_res_high             1.55 
_reflns_shell.d_res_low              1.61 
_reflns_shell.percent_possible_all   100 
_reflns_shell.Rmerge_I_obs           0.86 
_reflns_shell.pdbx_Rsym_value        0.86 
_reflns_shell.meanI_over_sigI_obs    2.5 
_reflns_shell.pdbx_redundancy        ? 
_reflns_shell.percent_possible_obs   ? 
_reflns_shell.number_unique_all      ? 
_reflns_shell.pdbx_diffrn_id         ? 
_reflns_shell.pdbx_ordinal           1 
# 
_refine.entry_id                                 1NA3 
_refine.ls_number_reflns_obs                     22285 
_refine.ls_number_reflns_all                     ? 
_refine.pdbx_ls_sigma_I                          ? 
_refine.pdbx_ls_sigma_F                          ? 
_refine.pdbx_data_cutoff_high_absF               ? 
_refine.pdbx_data_cutoff_low_absF                ? 
_refine.pdbx_data_cutoff_high_rms_absF           ? 
_refine.ls_d_res_low                             34.71 
_refine.ls_d_res_high                            1.55 
_refine.ls_percent_reflns_obs                    100.00 
_refine.ls_R_factor_obs                          0.18102 
_refine.ls_R_factor_all                          ? 
_refine.ls_R_factor_R_work                       0.17815 
_refine.ls_R_factor_R_free                       0.20731 
_refine.ls_R_factor_R_free_error                 ? 
_refine.ls_R_factor_R_free_error_details         ? 
_refine.ls_percent_reflns_R_free                 9.7 
_refine.ls_number_reflns_R_free                  2396 
_refine.ls_number_parameters                     ? 
_refine.ls_number_restraints                     ? 
_refine.occupancy_min                            ? 
_refine.occupancy_max                            ? 
_refine.correlation_coeff_Fo_to_Fc               0.966 
_refine.correlation_coeff_Fo_to_Fc_free          0.954 
_refine.B_iso_mean                               12.877 
_refine.aniso_B[1][1]                            0.58 
_refine.aniso_B[2][2]                            0.31 
_refine.aniso_B[3][3]                            -0.89 
_refine.aniso_B[1][2]                            0.00 
_refine.aniso_B[1][3]                            0.00 
_refine.aniso_B[2][3]                            0.00 
_refine.solvent_model_details                    'BABINET MODEL WITH MASK' 
_refine.solvent_model_param_ksol                 ? 
_refine.solvent_model_param_bsol                 ? 
_refine.pdbx_solvent_vdw_probe_radii             1.40 
_refine.pdbx_solvent_ion_probe_radii             0.80 
_refine.pdbx_solvent_shrinkage_radii             0.80 
_refine.pdbx_ls_cross_valid_method               THROUGHOUT 
_refine.details                                  'HYDROGENS HAVE BEEN ADDED IN THE RIDING POSITIONS' 
_refine.pdbx_starting_model                      ? 
_refine.pdbx_method_to_determine_struct          'MOLECULAR REPLACEMENT' 
_refine.pdbx_isotropic_thermal_model             ? 
_refine.pdbx_stereochemistry_target_values       'MAXIMUM LIKELIHOOD' 
_refine.pdbx_stereochem_target_val_spec_case     ? 
_refine.pdbx_R_Free_selection_details            RANDOM 
_refine.pdbx_overall_ESU_R                       0.088 
_refine.pdbx_overall_ESU_R_Free                  0.087 
_refine.overall_SU_ML                            0.069 
_refine.overall_SU_B                             1.919 
_refine.ls_redundancy_reflns_obs                 ? 
_refine.B_iso_min                                ? 
_refine.B_iso_max                                ? 
_refine.overall_SU_R_Cruickshank_DPI             ? 
_refine.overall_SU_R_free                        ? 
_refine.pdbx_refine_id                           'X-RAY DIFFRACTION' 
_refine.pdbx_diffrn_id                           1 
_refine.pdbx_TLS_residual_ADP_flag               ? 
_refine.pdbx_overall_phase_error                 ? 
_refine.pdbx_overall_SU_R_free_Cruickshank_DPI   ? 
_refine.pdbx_overall_SU_R_Blow_DPI               ? 
_refine.pdbx_overall_SU_R_free_Blow_DPI          ? 
# 
_refine_hist.pdbx_refine_id                   'X-RAY DIFFRACTION' 
_refine_hist.cycle_id                         LAST 
_refine_hist.pdbx_number_atoms_protein        1402 
_refine_hist.pdbx_number_atoms_nucleic_acid   0 
_refine_hist.pdbx_number_atoms_ligand         30 
_refine_hist.number_atoms_solvent             90 
_refine_hist.number_atoms_total               1522 
_refine_hist.d_res_high                       1.55 
_refine_hist.d_res_low                        34.71 
# 
loop_
_refine_ls_restr.type 
_refine_ls_restr.dev_ideal 
_refine_ls_restr.dev_ideal_target 
_refine_ls_restr.weight 
_refine_ls_restr.number 
_refine_ls_restr.pdbx_refine_id 
_refine_ls_restr.pdbx_restraint_function 
r_bond_refined_d         0.017 0.021 ? 1462 'X-RAY DIFFRACTION' ? 
r_bond_other_d           0.002 0.020 ? 1134 'X-RAY DIFFRACTION' ? 
r_angle_refined_deg      1.511 1.955 ? 1980 'X-RAY DIFFRACTION' ? 
r_angle_other_deg        0.881 3.000 ? 2683 'X-RAY DIFFRACTION' ? 
r_dihedral_angle_1_deg   4.712 5.000 ? 170  'X-RAY DIFFRACTION' ? 
r_dihedral_angle_2_deg   ?     ?     ? ?    'X-RAY DIFFRACTION' ? 
r_chiral_restr           0.122 0.200 ? 184  'X-RAY DIFFRACTION' ? 
r_gen_planes_refined     0.011 0.020 ? 1704 'X-RAY DIFFRACTION' ? 
r_gen_planes_other       0.001 0.020 ? 282  'X-RAY DIFFRACTION' ? 
r_nbd_refined            0.229 0.200 ? 334  'X-RAY DIFFRACTION' ? 
r_nbd_other              0.238 0.200 ? 1227 'X-RAY DIFFRACTION' ? 
r_nbtor_other            0.089 0.200 ? 737  'X-RAY DIFFRACTION' ? 
r_xyhbond_nbd_refined    0.195 0.200 ? 58   'X-RAY DIFFRACTION' ? 
r_xyhbond_nbd_other      ?     ?     ? ?    'X-RAY DIFFRACTION' ? 
r_symmetry_vdw_refined   0.171 0.200 ? 6    'X-RAY DIFFRACTION' ? 
r_symmetry_vdw_other     0.280 0.200 ? 44   'X-RAY DIFFRACTION' ? 
r_symmetry_hbond_refined 0.095 0.200 ? 10   'X-RAY DIFFRACTION' ? 
r_symmetry_hbond_other   ?     ?     ? ?    'X-RAY DIFFRACTION' ? 
r_mcbond_it              0.903 1.500 ? 854  'X-RAY DIFFRACTION' ? 
r_mcangle_it             1.700 2.000 ? 1326 'X-RAY DIFFRACTION' ? 
r_scbond_it              3.055 3.000 ? 608  'X-RAY DIFFRACTION' ? 
r_scangle_it             4.872 4.500 ? 654  'X-RAY DIFFRACTION' ? 
r_rigid_bond_restr       ?     ?     ? ?    'X-RAY DIFFRACTION' ? 
r_sphericity_free        ?     ?     ? ?    'X-RAY DIFFRACTION' ? 
r_sphericity_bonded      ?     ?     ? ?    'X-RAY DIFFRACTION' ? 
# 
_refine_ls_shell.pdbx_total_number_of_bins_used   10 
_refine_ls_shell.d_res_high                       1.550 
_refine_ls_shell.d_res_low                        1.634 
_refine_ls_shell.number_reflns_R_work             3182 
_refine_ls_shell.R_factor_R_work                  0.236 
_refine_ls_shell.percent_reflns_obs               ? 
_refine_ls_shell.R_factor_R_free                  0.272 
_refine_ls_shell.R_factor_R_free_error            ? 
_refine_ls_shell.percent_reflns_R_free            ? 
_refine_ls_shell.number_reflns_R_free             333 
_refine_ls_shell.redundancy_reflns_obs            ? 
_refine_ls_shell.number_reflns_all                ? 
_refine_ls_shell.number_reflns_obs                ? 
_refine_ls_shell.pdbx_refine_id                   'X-RAY DIFFRACTION' 
_refine_ls_shell.R_factor_all                     ? 
# 
_struct.entry_id                  1NA3 
_struct.title                     'Design of Stable alpha-Helical Arrays from an Idealized TPR Motif' 
_struct.pdbx_model_details        ? 
_struct.pdbx_CASP_flag            ? 
_struct.pdbx_model_type_details   ? 
# 
_struct_keywords.entry_id        1NA3 
_struct_keywords.pdbx_keywords   'DE NOVO PROTEIN' 
_struct_keywords.text            'design, TPR, DE NOVO PROTEIN' 
# 
loop_
_struct_asym.id 
_struct_asym.pdbx_blank_PDB_chainid_flag 
_struct_asym.pdbx_modified 
_struct_asym.entity_id 
_struct_asym.details 
A N N 1 ? 
B N N 1 ? 
C N N 2 ? 
D N N 3 ? 
E N N 4 ? 
F N N 4 ? 
G N N 3 ? 
H N N 5 ? 
I N N 5 ? 
# 
_struct_ref.id                         1 
_struct_ref.entity_id                  1 
_struct_ref.db_name                    PDB 
_struct_ref.db_code                    1NA3 
_struct_ref.pdbx_db_accession          1NA3 
_struct_ref.pdbx_db_isoform            ? 
_struct_ref.pdbx_seq_one_letter_code   ? 
_struct_ref.pdbx_align_begin           ? 
# 
loop_
_struct_ref_seq.align_id 
_struct_ref_seq.ref_id 
_struct_ref_seq.pdbx_PDB_id_code 
_struct_ref_seq.pdbx_strand_id 
_struct_ref_seq.seq_align_beg 
_struct_ref_seq.pdbx_seq_align_beg_ins_code 
_struct_ref_seq.seq_align_end 
_struct_ref_seq.pdbx_seq_align_end_ins_code 
_struct_ref_seq.pdbx_db_accession 
_struct_ref_seq.db_align_beg 
_struct_ref_seq.pdbx_db_align_beg_ins_code 
_struct_ref_seq.db_align_end 
_struct_ref_seq.pdbx_db_align_end_ins_code 
_struct_ref_seq.pdbx_auth_seq_align_beg 
_struct_ref_seq.pdbx_auth_seq_align_end 
1 1 1NA3 A 1 ? 91 ? 1NA3 -4 ? 86 ? -4 86 
2 1 1NA3 B 1 ? 91 ? 1NA3 -4 ? 86 ? -4 86 
# 
loop_
_pdbx_struct_assembly.id 
_pdbx_struct_assembly.details 
_pdbx_struct_assembly.method_details 
_pdbx_struct_assembly.oligomeric_details 
_pdbx_struct_assembly.oligomeric_count 
1 author_defined_assembly ? monomeric 1 
2 author_defined_assembly ? monomeric 1 
# 
loop_
_pdbx_struct_assembly_gen.assembly_id 
_pdbx_struct_assembly_gen.oper_expression 
_pdbx_struct_assembly_gen.asym_id_list 
1 1 A,C,D,H   
2 1 B,E,F,G,I 
# 
_pdbx_struct_oper_list.id                   1 
_pdbx_struct_oper_list.type                 'identity operation' 
_pdbx_struct_oper_list.name                 1_555 
_pdbx_struct_oper_list.symmetry_operation   x,y,z 
_pdbx_struct_oper_list.matrix[1][1]         1.0000000000 
_pdbx_struct_oper_list.matrix[1][2]         0.0000000000 
_pdbx_struct_oper_list.matrix[1][3]         0.0000000000 
_pdbx_struct_oper_list.vector[1]            0.0000000000 
_pdbx_struct_oper_list.matrix[2][1]         0.0000000000 
_pdbx_struct_oper_list.matrix[2][2]         1.0000000000 
_pdbx_struct_oper_list.matrix[2][3]         0.0000000000 
_pdbx_struct_oper_list.vector[2]            0.0000000000 
_pdbx_struct_oper_list.matrix[3][1]         0.0000000000 
_pdbx_struct_oper_list.matrix[3][2]         0.0000000000 
_pdbx_struct_oper_list.matrix[3][3]         1.0000000000 
_pdbx_struct_oper_list.vector[3]            0.0000000000 
# 
loop_
_struct_biol.id 
_struct_biol.pdbx_parent_biol_id 
_struct_biol.details 
1 ? ? 
2 ? ? 
# 
loop_
_struct_conf.conf_type_id 
_struct_conf.id 
_struct_conf.pdbx_PDB_helix_id 
_struct_conf.beg_label_comp_id 
_struct_conf.beg_label_asym_id 
_struct_conf.beg_label_seq_id 
_struct_conf.pdbx_beg_PDB_ins_code 
_struct_conf.end_label_comp_id 
_struct_conf.end_label_asym_id 
_struct_conf.end_label_seq_id 
_struct_conf.pdbx_end_PDB_ins_code 
_struct_conf.beg_auth_comp_id 
_struct_conf.beg_auth_asym_id 
_struct_conf.beg_auth_seq_id 
_struct_conf.end_auth_comp_id 
_struct_conf.end_auth_asym_id 
_struct_conf.end_auth_seq_id 
_struct_conf.pdbx_PDB_helix_class 
_struct_conf.details 
_struct_conf.pdbx_PDB_helix_length 
HELX_P HELX_P1  1  GLY A 6  ? GLN A 22 ? GLY A 1  GLN A 17 1 ? 17 
HELX_P HELX_P2  2  ASP A 24 ? ASP A 39 ? ASP A 19 ASP A 34 1 ? 16 
HELX_P HELX_P3  3  ASN A 42 ? GLN A 56 ? ASN A 37 GLN A 51 1 ? 15 
HELX_P HELX_P4  4  ASP A 58 ? ASP A 73 ? ASP A 53 ASP A 68 1 ? 16 
HELX_P HELX_P5  5  ASN A 76 ? GLY A 91 ? ASN A 71 GLY A 86 1 ? 16 
HELX_P HELX_P6  6  GLY B 6  ? GLY B 23 ? GLY B 1  GLY B 18 1 ? 18 
HELX_P HELX_P7  7  ASP B 24 ? ASP B 39 ? ASP B 19 ASP B 34 1 ? 16 
HELX_P HELX_P8  8  ASN B 42 ? GLN B 56 ? ASN B 37 GLN B 51 1 ? 15 
HELX_P HELX_P9  9  ASP B 58 ? ASP B 73 ? ASP B 53 ASP B 68 1 ? 16 
HELX_P HELX_P10 10 ASN B 76 ? GLY B 91 ? ASN B 71 GLY B 86 1 ? 16 
# 
_struct_conf_type.id          HELX_P 
_struct_conf_type.criteria    ? 
_struct_conf_type.reference   ? 
# 
loop_
_struct_conn.id 
_struct_conn.conn_type_id 
_struct_conn.pdbx_leaving_atom_flag 
_struct_conn.pdbx_PDB_id 
_struct_conn.ptnr1_label_asym_id 
_struct_conn.ptnr1_label_comp_id 
_struct_conn.ptnr1_label_seq_id 
_struct_conn.ptnr1_label_atom_id 
_struct_conn.pdbx_ptnr1_label_alt_id 
_struct_conn.pdbx_ptnr1_PDB_ins_code 
_struct_conn.pdbx_ptnr1_standard_comp_id 
_struct_conn.ptnr1_symmetry 
_struct_conn.ptnr2_label_asym_id 
_struct_conn.ptnr2_label_comp_id 
_struct_conn.ptnr2_label_seq_id 
_struct_conn.ptnr2_label_atom_id 
_struct_conn.pdbx_ptnr2_label_alt_id 
_struct_conn.pdbx_ptnr2_PDB_ins_code 
_struct_conn.ptnr1_auth_asym_id 
_struct_conn.ptnr1_auth_comp_id 
_struct_conn.ptnr1_auth_seq_id 
_struct_conn.ptnr2_auth_asym_id 
_struct_conn.ptnr2_auth_comp_id 
_struct_conn.ptnr2_auth_seq_id 
_struct_conn.ptnr2_symmetry 
_struct_conn.pdbx_ptnr3_label_atom_id 
_struct_conn.pdbx_ptnr3_label_seq_id 
_struct_conn.pdbx_ptnr3_label_comp_id 
_struct_conn.pdbx_ptnr3_label_asym_id 
_struct_conn.pdbx_ptnr3_label_alt_id 
_struct_conn.pdbx_ptnr3_PDB_ins_code 
_struct_conn.details 
_struct_conn.pdbx_dist_value 
_struct_conn.pdbx_value_order 
_struct_conn.pdbx_role 
metalc1  metalc ? ? H HOH . O  ? ? ? 2_665 F MG  . MG ? ? A HOH 305 B MG  336 1_555 ? ? ? ? ? ? ? 2.050 ? ? 
metalc2  metalc ? ? I HOH . O  ? ? ? 1_555 F MG  . MG ? ? B HOH 300 B MG  336 1_555 ? ? ? ? ? ? ? 2.061 ? ? 
metalc3  metalc ? ? E MG  . MG ? ? ? 1_555 I HOH . O  ? ? B MG  301 B HOH 308 1_555 ? ? ? ? ? ? ? 2.126 ? ? 
metalc4  metalc ? ? E MG  . MG ? ? ? 1_555 I HOH . O  ? ? B MG  301 B HOH 310 1_555 ? ? ? ? ? ? ? 2.112 ? ? 
metalc5  metalc ? ? E MG  . MG ? ? ? 1_555 I HOH . O  ? ? B MG  301 B HOH 311 1_555 ? ? ? ? ? ? ? 2.063 ? ? 
metalc6  metalc ? ? E MG  . MG ? ? ? 1_555 I HOH . O  ? ? B MG  301 B HOH 312 1_555 ? ? ? ? ? ? ? 2.109 ? ? 
metalc7  metalc ? ? E MG  . MG ? ? ? 1_555 I HOH . O  ? ? B MG  301 B HOH 319 1_555 ? ? ? ? ? ? ? 2.044 ? ? 
metalc8  metalc ? ? E MG  . MG ? ? ? 1_555 I HOH . O  ? ? B MG  301 B HOH 328 1_555 ? ? ? ? ? ? ? 2.246 ? ? 
metalc9  metalc ? ? I HOH . O  ? ? ? 1_555 F MG  . MG ? ? B HOH 306 B MG  336 1_555 ? ? ? ? ? ? ? 2.042 ? ? 
metalc10 metalc ? ? I HOH . O  ? ? ? 1_555 F MG  . MG ? ? B HOH 309 B MG  336 1_555 ? ? ? ? ? ? ? 2.133 ? ? 
metalc11 metalc ? ? I HOH . O  ? ? ? 1_555 F MG  . MG ? ? B HOH 313 B MG  336 1_555 ? ? ? ? ? ? ? 2.071 ? ? 
metalc12 metalc ? ? I HOH . O  ? ? ? 1_555 F MG  . MG ? ? B HOH 324 B MG  336 1_555 ? ? ? ? ? ? ? 2.104 ? ? 
# 
_struct_conn_type.id          metalc 
_struct_conn_type.criteria    ? 
_struct_conn_type.reference   ? 
# 
loop_
_pdbx_struct_conn_angle.id 
_pdbx_struct_conn_angle.ptnr1_label_atom_id 
_pdbx_struct_conn_angle.ptnr1_label_alt_id 
_pdbx_struct_conn_angle.ptnr1_label_asym_id 
_pdbx_struct_conn_angle.ptnr1_label_comp_id 
_pdbx_struct_conn_angle.ptnr1_label_seq_id 
_pdbx_struct_conn_angle.ptnr1_auth_atom_id 
_pdbx_struct_conn_angle.ptnr1_auth_asym_id 
_pdbx_struct_conn_angle.ptnr1_auth_comp_id 
_pdbx_struct_conn_angle.ptnr1_auth_seq_id 
_pdbx_struct_conn_angle.ptnr1_PDB_ins_code 
_pdbx_struct_conn_angle.ptnr1_symmetry 
_pdbx_struct_conn_angle.ptnr2_label_atom_id 
_pdbx_struct_conn_angle.ptnr2_label_alt_id 
_pdbx_struct_conn_angle.ptnr2_label_asym_id 
_pdbx_struct_conn_angle.ptnr2_label_comp_id 
_pdbx_struct_conn_angle.ptnr2_label_seq_id 
_pdbx_struct_conn_angle.ptnr2_auth_atom_id 
_pdbx_struct_conn_angle.ptnr2_auth_asym_id 
_pdbx_struct_conn_angle.ptnr2_auth_comp_id 
_pdbx_struct_conn_angle.ptnr2_auth_seq_id 
_pdbx_struct_conn_angle.ptnr2_PDB_ins_code 
_pdbx_struct_conn_angle.ptnr2_symmetry 
_pdbx_struct_conn_angle.ptnr3_label_atom_id 
_pdbx_struct_conn_angle.ptnr3_label_alt_id 
_pdbx_struct_conn_angle.ptnr3_label_asym_id 
_pdbx_struct_conn_angle.ptnr3_label_comp_id 
_pdbx_struct_conn_angle.ptnr3_label_seq_id 
_pdbx_struct_conn_angle.ptnr3_auth_atom_id 
_pdbx_struct_conn_angle.ptnr3_auth_asym_id 
_pdbx_struct_conn_angle.ptnr3_auth_comp_id 
_pdbx_struct_conn_angle.ptnr3_auth_seq_id 
_pdbx_struct_conn_angle.ptnr3_PDB_ins_code 
_pdbx_struct_conn_angle.ptnr3_symmetry 
_pdbx_struct_conn_angle.value 
_pdbx_struct_conn_angle.value_esd 
1  O ? H HOH . ? A HOH 305 ? 2_665 MG ? F MG . ? B MG 336 ? 1_555 O ? I HOH . ? B HOH 300 ? 1_555 92.5  ? 
2  O ? H HOH . ? A HOH 305 ? 2_665 MG ? F MG . ? B MG 336 ? 1_555 O ? I HOH . ? B HOH 306 ? 1_555 95.9  ? 
3  O ? I HOH . ? B HOH 300 ? 1_555 MG ? F MG . ? B MG 336 ? 1_555 O ? I HOH . ? B HOH 306 ? 1_555 170.6 ? 
4  O ? H HOH . ? A HOH 305 ? 2_665 MG ? F MG . ? B MG 336 ? 1_555 O ? I HOH . ? B HOH 309 ? 1_555 86.2  ? 
5  O ? I HOH . ? B HOH 300 ? 1_555 MG ? F MG . ? B MG 336 ? 1_555 O ? I HOH . ? B HOH 309 ? 1_555 92.2  ? 
6  O ? I HOH . ? B HOH 306 ? 1_555 MG ? F MG . ? B MG 336 ? 1_555 O ? I HOH . ? B HOH 309 ? 1_555 92.5  ? 
7  O ? H HOH . ? A HOH 305 ? 2_665 MG ? F MG . ? B MG 336 ? 1_555 O ? I HOH . ? B HOH 313 ? 1_555 88.3  ? 
8  O ? I HOH . ? B HOH 300 ? 1_555 MG ? F MG . ? B MG 336 ? 1_555 O ? I HOH . ? B HOH 313 ? 1_555 90.3  ? 
9  O ? I HOH . ? B HOH 306 ? 1_555 MG ? F MG . ? B MG 336 ? 1_555 O ? I HOH . ? B HOH 313 ? 1_555 85.8  ? 
10 O ? I HOH . ? B HOH 309 ? 1_555 MG ? F MG . ? B MG 336 ? 1_555 O ? I HOH . ? B HOH 313 ? 1_555 174.0 ? 
11 O ? H HOH . ? A HOH 305 ? 2_665 MG ? F MG . ? B MG 336 ? 1_555 O ? I HOH . ? B HOH 324 ? 1_555 177.7 ? 
12 O ? I HOH . ? B HOH 300 ? 1_555 MG ? F MG . ? B MG 336 ? 1_555 O ? I HOH . ? B HOH 324 ? 1_555 85.6  ? 
13 O ? I HOH . ? B HOH 306 ? 1_555 MG ? F MG . ? B MG 336 ? 1_555 O ? I HOH . ? B HOH 324 ? 1_555 86.1  ? 
14 O ? I HOH . ? B HOH 309 ? 1_555 MG ? F MG . ? B MG 336 ? 1_555 O ? I HOH . ? B HOH 324 ? 1_555 92.7  ? 
15 O ? I HOH . ? B HOH 313 ? 1_555 MG ? F MG . ? B MG 336 ? 1_555 O ? I HOH . ? B HOH 324 ? 1_555 92.9  ? 
16 O ? I HOH . ? B HOH 308 ? 1_555 MG ? E MG . ? B MG 301 ? 1_555 O ? I HOH . ? B HOH 310 ? 1_555 89.1  ? 
17 O ? I HOH . ? B HOH 308 ? 1_555 MG ? E MG . ? B MG 301 ? 1_555 O ? I HOH . ? B HOH 311 ? 1_555 88.8  ? 
18 O ? I HOH . ? B HOH 310 ? 1_555 MG ? E MG . ? B MG 301 ? 1_555 O ? I HOH . ? B HOH 311 ? 1_555 177.2 ? 
19 O ? I HOH . ? B HOH 308 ? 1_555 MG ? E MG . ? B MG 301 ? 1_555 O ? I HOH . ? B HOH 312 ? 1_555 177.2 ? 
20 O ? I HOH . ? B HOH 310 ? 1_555 MG ? E MG . ? B MG 301 ? 1_555 O ? I HOH . ? B HOH 312 ? 1_555 88.1  ? 
21 O ? I HOH . ? B HOH 311 ? 1_555 MG ? E MG . ? B MG 301 ? 1_555 O ? I HOH . ? B HOH 312 ? 1_555 94.0  ? 
22 O ? I HOH . ? B HOH 308 ? 1_555 MG ? E MG . ? B MG 301 ? 1_555 O ? I HOH . ? B HOH 319 ? 1_555 88.1  ? 
23 O ? I HOH . ? B HOH 310 ? 1_555 MG ? E MG . ? B MG 301 ? 1_555 O ? I HOH . ? B HOH 319 ? 1_555 91.1  ? 
24 O ? I HOH . ? B HOH 311 ? 1_555 MG ? E MG . ? B MG 301 ? 1_555 O ? I HOH . ? B HOH 319 ? 1_555 90.8  ? 
25 O ? I HOH . ? B HOH 312 ? 1_555 MG ? E MG . ? B MG 301 ? 1_555 O ? I HOH . ? B HOH 319 ? 1_555 91.8  ? 
26 O ? I HOH . ? B HOH 308 ? 1_555 MG ? E MG . ? B MG 301 ? 1_555 O ? I HOH . ? B HOH 328 ? 1_555 90.8  ? 
27 O ? I HOH . ? B HOH 310 ? 1_555 MG ? E MG . ? B MG 301 ? 1_555 O ? I HOH . ? B HOH 328 ? 1_555 87.4  ? 
28 O ? I HOH . ? B HOH 311 ? 1_555 MG ? E MG . ? B MG 301 ? 1_555 O ? I HOH . ? B HOH 328 ? 1_555 90.6  ? 
29 O ? I HOH . ? B HOH 312 ? 1_555 MG ? E MG . ? B MG 301 ? 1_555 O ? I HOH . ? B HOH 328 ? 1_555 89.1  ? 
30 O ? I HOH . ? B HOH 319 ? 1_555 MG ? E MG . ? B MG 301 ? 1_555 O ? I HOH . ? B HOH 328 ? 1_555 178.2 ? 
# 
loop_
_pdbx_validate_rmsd_angle.id 
_pdbx_validate_rmsd_angle.PDB_model_num 
_pdbx_validate_rmsd_angle.auth_atom_id_1 
_pdbx_validate_rmsd_angle.auth_asym_id_1 
_pdbx_validate_rmsd_angle.auth_comp_id_1 
_pdbx_validate_rmsd_angle.auth_seq_id_1 
_pdbx_validate_rmsd_angle.PDB_ins_code_1 
_pdbx_validate_rmsd_angle.label_alt_id_1 
_pdbx_validate_rmsd_angle.auth_atom_id_2 
_pdbx_validate_rmsd_angle.auth_asym_id_2 
_pdbx_validate_rmsd_angle.auth_comp_id_2 
_pdbx_validate_rmsd_angle.auth_seq_id_2 
_pdbx_validate_rmsd_angle.PDB_ins_code_2 
_pdbx_validate_rmsd_angle.label_alt_id_2 
_pdbx_validate_rmsd_angle.auth_atom_id_3 
_pdbx_validate_rmsd_angle.auth_asym_id_3 
_pdbx_validate_rmsd_angle.auth_comp_id_3 
_pdbx_validate_rmsd_angle.auth_seq_id_3 
_pdbx_validate_rmsd_angle.PDB_ins_code_3 
_pdbx_validate_rmsd_angle.label_alt_id_3 
_pdbx_validate_rmsd_angle.angle_value 
_pdbx_validate_rmsd_angle.angle_target_value 
_pdbx_validate_rmsd_angle.angle_deviation 
_pdbx_validate_rmsd_angle.angle_standard_deviation 
_pdbx_validate_rmsd_angle.linker_flag 
1 1 CB A ASP 55 ? ? CG A ASP 55 ? ? OD2 A ASP 55 ? ? 125.54 118.30 7.24 0.90 N 
2 1 CB B ASP 55 ? ? CG B ASP 55 ? ? OD2 B ASP 55 ? ? 125.89 118.30 7.59 0.90 N 
# 
_pdbx_validate_torsion.id              1 
_pdbx_validate_torsion.PDB_model_num   1 
_pdbx_validate_torsion.auth_comp_id    ASP 
_pdbx_validate_torsion.auth_asym_id    A 
_pdbx_validate_torsion.auth_seq_id     19 
_pdbx_validate_torsion.PDB_ins_code    ? 
_pdbx_validate_torsion.label_alt_id    ? 
_pdbx_validate_torsion.phi             -104.42 
_pdbx_validate_torsion.psi             74.63 
# 
loop_
_pdbx_refine_tls.id 
_pdbx_refine_tls.details 
_pdbx_refine_tls.method 
_pdbx_refine_tls.origin_x 
_pdbx_refine_tls.origin_y 
_pdbx_refine_tls.origin_z 
_pdbx_refine_tls.T[1][1] 
_pdbx_refine_tls.T[2][2] 
_pdbx_refine_tls.T[3][3] 
_pdbx_refine_tls.T[1][2] 
_pdbx_refine_tls.T[1][3] 
_pdbx_refine_tls.T[2][3] 
_pdbx_refine_tls.L[1][1] 
_pdbx_refine_tls.L[2][2] 
_pdbx_refine_tls.L[3][3] 
_pdbx_refine_tls.L[1][2] 
_pdbx_refine_tls.L[1][3] 
_pdbx_refine_tls.L[2][3] 
_pdbx_refine_tls.S[1][1] 
_pdbx_refine_tls.S[1][2] 
_pdbx_refine_tls.S[1][3] 
_pdbx_refine_tls.S[2][1] 
_pdbx_refine_tls.S[2][2] 
_pdbx_refine_tls.S[2][3] 
_pdbx_refine_tls.S[3][1] 
_pdbx_refine_tls.S[3][2] 
_pdbx_refine_tls.S[3][3] 
_pdbx_refine_tls.pdbx_refine_id 
1 ? refined 15.1927  -1.0488 -30.8808 0.0702 0.0523 0.0253 0.0129  0.0048 0.0072  2.2003 5.1309 3.6979 -0.1563 -0.5983 0.4092  0.0209  0.0725  -0.0437 -0.0507 -0.0418 -0.0141 0.1457  0.0624  0.0209  'X-RAY DIFFRACTION' 
2 ? refined 10.8776  -5.6767 -19.9640 0.0752 0.0643 0.0526 0.0257  0.0203 0.0115  3.4821 5.5675 2.3066 -3.0426 -0.3923 -0.3661 -0.0907 -0.1557 -0.2430 0.1371  0.1265  0.2360  0.0321  -0.1967 -0.0357 'X-RAY DIFFRACTION' 
3 ? refined 12.9810  -6.3356 -11.5756 0.1922 0.1783 0.0784 0.0943  0.0356 0.0226  7.0765 8.2060 2.7302 -5.8723 0.4013  0.0232  -0.5465 -0.7549 -0.0239 0.6920  0.5187  0.3036  -0.2959 -0.3839 0.0278  'X-RAY DIFFRACTION' 
4 ? refined -8.8963  8.5679  15.4954  0.0843 0.0329 0.0496 -0.0044 0.0301 0.0127  4.5759 3.2035 2.6610 -0.8161 0.3293  -0.6813 0.0852  -0.0385 -0.0784 -0.0309 -0.0694 0.0664  -0.0067 -0.0804 -0.0159 'X-RAY DIFFRACTION' 
5 ? refined -14.5834 4.1352  25.7932  0.1421 0.0624 0.0785 -0.0200 0.0398 -0.0126 4.8457 2.8395 3.0211 -1.0194 0.5123  -1.5320 -0.0679 -0.0667 0.0987  0.3424  -0.0007 0.0974  -0.1081 -0.1600 0.0687  'X-RAY DIFFRACTION' 
6 ? refined -18.0486 -3.2666 28.8386  0.1447 0.1245 0.1336 -0.0285 0.0584 0.0338  9.2938 1.7569 1.7715 -1.0004 3.7973  0.4602  0.1971  -0.3386 -0.2435 0.2546  -0.0033 0.0715  0.1610  -0.2263 -0.1938 'X-RAY DIFFRACTION' 
# 
loop_
_pdbx_refine_tls_group.id 
_pdbx_refine_tls_group.refine_tls_id 
_pdbx_refine_tls_group.beg_label_asym_id 
_pdbx_refine_tls_group.beg_label_seq_id 
_pdbx_refine_tls_group.beg_auth_seq_id 
_pdbx_refine_tls_group.end_label_asym_id 
_pdbx_refine_tls_group.end_label_seq_id 
_pdbx_refine_tls_group.end_auth_seq_id 
_pdbx_refine_tls_group.selection 
_pdbx_refine_tls_group.beg_auth_asym_id 
_pdbx_refine_tls_group.end_auth_asym_id 
_pdbx_refine_tls_group.pdbx_refine_id 
_pdbx_refine_tls_group.selection_details 
1 1 A 6  1  A 39 34 ? A A 'X-RAY DIFFRACTION' ? 
2 2 A 40 35 A 71 66 ? A A 'X-RAY DIFFRACTION' ? 
3 3 A 72 67 A 91 86 ? A A 'X-RAY DIFFRACTION' ? 
4 4 B 6  1  B 39 34 ? B B 'X-RAY DIFFRACTION' ? 
5 5 B 40 35 B 71 66 ? B B 'X-RAY DIFFRACTION' ? 
6 6 B 72 67 B 91 86 ? B B 'X-RAY DIFFRACTION' ? 
# 
loop_
_pdbx_unobs_or_zero_occ_residues.id 
_pdbx_unobs_or_zero_occ_residues.PDB_model_num 
_pdbx_unobs_or_zero_occ_residues.polymer_flag 
_pdbx_unobs_or_zero_occ_residues.occupancy_flag 
_pdbx_unobs_or_zero_occ_residues.auth_asym_id 
_pdbx_unobs_or_zero_occ_residues.auth_comp_id 
_pdbx_unobs_or_zero_occ_residues.auth_seq_id 
_pdbx_unobs_or_zero_occ_residues.PDB_ins_code 
_pdbx_unobs_or_zero_occ_residues.label_asym_id 
_pdbx_unobs_or_zero_occ_residues.label_comp_id 
_pdbx_unobs_or_zero_occ_residues.label_seq_id 
1  1 Y 1 A GLY -4 ? A GLY 1 
2  1 Y 1 A ALA -3 ? A ALA 2 
3  1 Y 1 A MET -2 ? A MET 3 
4  1 Y 1 A ASP -1 ? A ASP 4 
5  1 Y 1 A PRO 0  ? A PRO 5 
6  1 Y 1 B GLY -4 ? B GLY 1 
7  1 Y 1 B ALA -3 ? B ALA 2 
8  1 Y 1 B MET -2 ? B MET 3 
9  1 Y 1 B ASP -1 ? B ASP 4 
10 1 Y 1 B PRO 0  ? B PRO 5 
# 
loop_
_chem_comp_atom.comp_id 
_chem_comp_atom.atom_id 
_chem_comp_atom.type_symbol 
_chem_comp_atom.pdbx_aromatic_flag 
_chem_comp_atom.pdbx_stereo_config 
_chem_comp_atom.pdbx_ordinal 
ALA N      N  N N 1   
ALA CA     C  N S 2   
ALA C      C  N N 3   
ALA O      O  N N 4   
ALA CB     C  N N 5   
ALA OXT    O  N N 6   
ALA H      H  N N 7   
ALA H2     H  N N 8   
ALA HA     H  N N 9   
ALA HB1    H  N N 10  
ALA HB2    H  N N 11  
ALA HB3    H  N N 12  
ALA HXT    H  N N 13  
ASN N      N  N N 14  
ASN CA     C  N S 15  
ASN C      C  N N 16  
ASN O      O  N N 17  
ASN CB     C  N N 18  
ASN CG     C  N N 19  
ASN OD1    O  N N 20  
ASN ND2    N  N N 21  
ASN OXT    O  N N 22  
ASN H      H  N N 23  
ASN H2     H  N N 24  
ASN HA     H  N N 25  
ASN HB2    H  N N 26  
ASN HB3    H  N N 27  
ASN HD21   H  N N 28  
ASN HD22   H  N N 29  
ASN HXT    H  N N 30  
ASP N      N  N N 31  
ASP CA     C  N S 32  
ASP C      C  N N 33  
ASP O      O  N N 34  
ASP CB     C  N N 35  
ASP CG     C  N N 36  
ASP OD1    O  N N 37  
ASP OD2    O  N N 38  
ASP OXT    O  N N 39  
ASP H      H  N N 40  
ASP H2     H  N N 41  
ASP HA     H  N N 42  
ASP HB2    H  N N 43  
ASP HB3    H  N N 44  
ASP HD2    H  N N 45  
ASP HXT    H  N N 46  
GLN N      N  N N 47  
GLN CA     C  N S 48  
GLN C      C  N N 49  
GLN O      O  N N 50  
GLN CB     C  N N 51  
GLN CG     C  N N 52  
GLN CD     C  N N 53  
GLN OE1    O  N N 54  
GLN NE2    N  N N 55  
GLN OXT    O  N N 56  
GLN H      H  N N 57  
GLN H2     H  N N 58  
GLN HA     H  N N 59  
GLN HB2    H  N N 60  
GLN HB3    H  N N 61  
GLN HG2    H  N N 62  
GLN HG3    H  N N 63  
GLN HE21   H  N N 64  
GLN HE22   H  N N 65  
GLN HXT    H  N N 66  
GLU N      N  N N 67  
GLU CA     C  N S 68  
GLU C      C  N N 69  
GLU O      O  N N 70  
GLU CB     C  N N 71  
GLU CG     C  N N 72  
GLU CD     C  N N 73  
GLU OE1    O  N N 74  
GLU OE2    O  N N 75  
GLU OXT    O  N N 76  
GLU H      H  N N 77  
GLU H2     H  N N 78  
GLU HA     H  N N 79  
GLU HB2    H  N N 80  
GLU HB3    H  N N 81  
GLU HG2    H  N N 82  
GLU HG3    H  N N 83  
GLU HE2    H  N N 84  
GLU HXT    H  N N 85  
GLY N      N  N N 86  
GLY CA     C  N N 87  
GLY C      C  N N 88  
GLY O      O  N N 89  
GLY OXT    O  N N 90  
GLY H      H  N N 91  
GLY H2     H  N N 92  
GLY HA2    H  N N 93  
GLY HA3    H  N N 94  
GLY HXT    H  N N 95  
HOH O      O  N N 96  
HOH H1     H  N N 97  
HOH H2     H  N N 98  
ILE N      N  N N 99  
ILE CA     C  N S 100 
ILE C      C  N N 101 
ILE O      O  N N 102 
ILE CB     C  N S 103 
ILE CG1    C  N N 104 
ILE CG2    C  N N 105 
ILE CD1    C  N N 106 
ILE OXT    O  N N 107 
ILE H      H  N N 108 
ILE H2     H  N N 109 
ILE HA     H  N N 110 
ILE HB     H  N N 111 
ILE HG12   H  N N 112 
ILE HG13   H  N N 113 
ILE HG21   H  N N 114 
ILE HG22   H  N N 115 
ILE HG23   H  N N 116 
ILE HD11   H  N N 117 
ILE HD12   H  N N 118 
ILE HD13   H  N N 119 
ILE HXT    H  N N 120 
IPT C1     C  N S 121 
IPT C2     C  N R 122 
IPT O2     O  N N 123 
IPT C3     C  N S 124 
IPT O3     O  N N 125 
IPT C4     C  N R 126 
IPT O4     O  N N 127 
IPT C5     C  N R 128 
IPT O5     O  N N 129 
IPT C6     C  N N 130 
IPT O6     O  N N 131 
IPT S1     S  N N 132 
IPT "C1'"  C  N N 133 
IPT "C2'"  C  N N 134 
IPT "C3'"  C  N N 135 
IPT H1     H  N N 136 
IPT H2     H  N N 137 
IPT HO2    H  N N 138 
IPT H3     H  N N 139 
IPT HO3    H  N N 140 
IPT H4     H  N N 141 
IPT HO4    H  N N 142 
IPT H5     H  N N 143 
IPT H61    H  N N 144 
IPT H62    H  N N 145 
IPT HO6    H  N N 146 
IPT "H1'"  H  N N 147 
IPT "H2'1" H  N N 148 
IPT "H2'2" H  N N 149 
IPT "H2'3" H  N N 150 
IPT "H3'1" H  N N 151 
IPT "H3'2" H  N N 152 
IPT "H3'3" H  N N 153 
LEU N      N  N N 154 
LEU CA     C  N S 155 
LEU C      C  N N 156 
LEU O      O  N N 157 
LEU CB     C  N N 158 
LEU CG     C  N N 159 
LEU CD1    C  N N 160 
LEU CD2    C  N N 161 
LEU OXT    O  N N 162 
LEU H      H  N N 163 
LEU H2     H  N N 164 
LEU HA     H  N N 165 
LEU HB2    H  N N 166 
LEU HB3    H  N N 167 
LEU HG     H  N N 168 
LEU HD11   H  N N 169 
LEU HD12   H  N N 170 
LEU HD13   H  N N 171 
LEU HD21   H  N N 172 
LEU HD22   H  N N 173 
LEU HD23   H  N N 174 
LEU HXT    H  N N 175 
LYS N      N  N N 176 
LYS CA     C  N S 177 
LYS C      C  N N 178 
LYS O      O  N N 179 
LYS CB     C  N N 180 
LYS CG     C  N N 181 
LYS CD     C  N N 182 
LYS CE     C  N N 183 
LYS NZ     N  N N 184 
LYS OXT    O  N N 185 
LYS H      H  N N 186 
LYS H2     H  N N 187 
LYS HA     H  N N 188 
LYS HB2    H  N N 189 
LYS HB3    H  N N 190 
LYS HG2    H  N N 191 
LYS HG3    H  N N 192 
LYS HD2    H  N N 193 
LYS HD3    H  N N 194 
LYS HE2    H  N N 195 
LYS HE3    H  N N 196 
LYS HZ1    H  N N 197 
LYS HZ2    H  N N 198 
LYS HZ3    H  N N 199 
LYS HXT    H  N N 200 
MET N      N  N N 201 
MET CA     C  N S 202 
MET C      C  N N 203 
MET O      O  N N 204 
MET CB     C  N N 205 
MET CG     C  N N 206 
MET SD     S  N N 207 
MET CE     C  N N 208 
MET OXT    O  N N 209 
MET H      H  N N 210 
MET H2     H  N N 211 
MET HA     H  N N 212 
MET HB2    H  N N 213 
MET HB3    H  N N 214 
MET HG2    H  N N 215 
MET HG3    H  N N 216 
MET HE1    H  N N 217 
MET HE2    H  N N 218 
MET HE3    H  N N 219 
MET HXT    H  N N 220 
MG  MG     MG N N 221 
PRO N      N  N N 222 
PRO CA     C  N S 223 
PRO C      C  N N 224 
PRO O      O  N N 225 
PRO CB     C  N N 226 
PRO CG     C  N N 227 
PRO CD     C  N N 228 
PRO OXT    O  N N 229 
PRO H      H  N N 230 
PRO HA     H  N N 231 
PRO HB2    H  N N 232 
PRO HB3    H  N N 233 
PRO HG2    H  N N 234 
PRO HG3    H  N N 235 
PRO HD2    H  N N 236 
PRO HD3    H  N N 237 
PRO HXT    H  N N 238 
SER N      N  N N 239 
SER CA     C  N S 240 
SER C      C  N N 241 
SER O      O  N N 242 
SER CB     C  N N 243 
SER OG     O  N N 244 
SER OXT    O  N N 245 
SER H      H  N N 246 
SER H2     H  N N 247 
SER HA     H  N N 248 
SER HB2    H  N N 249 
SER HB3    H  N N 250 
SER HG     H  N N 251 
SER HXT    H  N N 252 
TRP N      N  N N 253 
TRP CA     C  N S 254 
TRP C      C  N N 255 
TRP O      O  N N 256 
TRP CB     C  N N 257 
TRP CG     C  Y N 258 
TRP CD1    C  Y N 259 
TRP CD2    C  Y N 260 
TRP NE1    N  Y N 261 
TRP CE2    C  Y N 262 
TRP CE3    C  Y N 263 
TRP CZ2    C  Y N 264 
TRP CZ3    C  Y N 265 
TRP CH2    C  Y N 266 
TRP OXT    O  N N 267 
TRP H      H  N N 268 
TRP H2     H  N N 269 
TRP HA     H  N N 270 
TRP HB2    H  N N 271 
TRP HB3    H  N N 272 
TRP HD1    H  N N 273 
TRP HE1    H  N N 274 
TRP HE3    H  N N 275 
TRP HZ2    H  N N 276 
TRP HZ3    H  N N 277 
TRP HH2    H  N N 278 
TRP HXT    H  N N 279 
TRS C      C  N N 280 
TRS C1     C  N N 281 
TRS C2     C  N N 282 
TRS C3     C  N N 283 
TRS N      N  N N 284 
TRS O1     O  N N 285 
TRS O2     O  N N 286 
TRS O3     O  N N 287 
TRS H11    H  N N 288 
TRS H12    H  N N 289 
TRS H21    H  N N 290 
TRS H22    H  N N 291 
TRS H31    H  N N 292 
TRS H32    H  N N 293 
TRS HN1    H  N N 294 
TRS HN2    H  N N 295 
TRS HN3    H  N N 296 
TRS HO1    H  N N 297 
TRS HO2    H  N N 298 
TRS HO3    H  N N 299 
TYR N      N  N N 300 
TYR CA     C  N S 301 
TYR C      C  N N 302 
TYR O      O  N N 303 
TYR CB     C  N N 304 
TYR CG     C  Y N 305 
TYR CD1    C  Y N 306 
TYR CD2    C  Y N 307 
TYR CE1    C  Y N 308 
TYR CE2    C  Y N 309 
TYR CZ     C  Y N 310 
TYR OH     O  N N 311 
TYR OXT    O  N N 312 
TYR H      H  N N 313 
TYR H2     H  N N 314 
TYR HA     H  N N 315 
TYR HB2    H  N N 316 
TYR HB3    H  N N 317 
TYR HD1    H  N N 318 
TYR HD2    H  N N 319 
TYR HE1    H  N N 320 
TYR HE2    H  N N 321 
TYR HH     H  N N 322 
TYR HXT    H  N N 323 
# 
loop_
_chem_comp_bond.comp_id 
_chem_comp_bond.atom_id_1 
_chem_comp_bond.atom_id_2 
_chem_comp_bond.value_order 
_chem_comp_bond.pdbx_aromatic_flag 
_chem_comp_bond.pdbx_stereo_config 
_chem_comp_bond.pdbx_ordinal 
ALA N     CA     sing N N 1   
ALA N     H      sing N N 2   
ALA N     H2     sing N N 3   
ALA CA    C      sing N N 4   
ALA CA    CB     sing N N 5   
ALA CA    HA     sing N N 6   
ALA C     O      doub N N 7   
ALA C     OXT    sing N N 8   
ALA CB    HB1    sing N N 9   
ALA CB    HB2    sing N N 10  
ALA CB    HB3    sing N N 11  
ALA OXT   HXT    sing N N 12  
ASN N     CA     sing N N 13  
ASN N     H      sing N N 14  
ASN N     H2     sing N N 15  
ASN CA    C      sing N N 16  
ASN CA    CB     sing N N 17  
ASN CA    HA     sing N N 18  
ASN C     O      doub N N 19  
ASN C     OXT    sing N N 20  
ASN CB    CG     sing N N 21  
ASN CB    HB2    sing N N 22  
ASN CB    HB3    sing N N 23  
ASN CG    OD1    doub N N 24  
ASN CG    ND2    sing N N 25  
ASN ND2   HD21   sing N N 26  
ASN ND2   HD22   sing N N 27  
ASN OXT   HXT    sing N N 28  
ASP N     CA     sing N N 29  
ASP N     H      sing N N 30  
ASP N     H2     sing N N 31  
ASP CA    C      sing N N 32  
ASP CA    CB     sing N N 33  
ASP CA    HA     sing N N 34  
ASP C     O      doub N N 35  
ASP C     OXT    sing N N 36  
ASP CB    CG     sing N N 37  
ASP CB    HB2    sing N N 38  
ASP CB    HB3    sing N N 39  
ASP CG    OD1    doub N N 40  
ASP CG    OD2    sing N N 41  
ASP OD2   HD2    sing N N 42  
ASP OXT   HXT    sing N N 43  
GLN N     CA     sing N N 44  
GLN N     H      sing N N 45  
GLN N     H2     sing N N 46  
GLN CA    C      sing N N 47  
GLN CA    CB     sing N N 48  
GLN CA    HA     sing N N 49  
GLN C     O      doub N N 50  
GLN C     OXT    sing N N 51  
GLN CB    CG     sing N N 52  
GLN CB    HB2    sing N N 53  
GLN CB    HB3    sing N N 54  
GLN CG    CD     sing N N 55  
GLN CG    HG2    sing N N 56  
GLN CG    HG3    sing N N 57  
GLN CD    OE1    doub N N 58  
GLN CD    NE2    sing N N 59  
GLN NE2   HE21   sing N N 60  
GLN NE2   HE22   sing N N 61  
GLN OXT   HXT    sing N N 62  
GLU N     CA     sing N N 63  
GLU N     H      sing N N 64  
GLU N     H2     sing N N 65  
GLU CA    C      sing N N 66  
GLU CA    CB     sing N N 67  
GLU CA    HA     sing N N 68  
GLU C     O      doub N N 69  
GLU C     OXT    sing N N 70  
GLU CB    CG     sing N N 71  
GLU CB    HB2    sing N N 72  
GLU CB    HB3    sing N N 73  
GLU CG    CD     sing N N 74  
GLU CG    HG2    sing N N 75  
GLU CG    HG3    sing N N 76  
GLU CD    OE1    doub N N 77  
GLU CD    OE2    sing N N 78  
GLU OE2   HE2    sing N N 79  
GLU OXT   HXT    sing N N 80  
GLY N     CA     sing N N 81  
GLY N     H      sing N N 82  
GLY N     H2     sing N N 83  
GLY CA    C      sing N N 84  
GLY CA    HA2    sing N N 85  
GLY CA    HA3    sing N N 86  
GLY C     O      doub N N 87  
GLY C     OXT    sing N N 88  
GLY OXT   HXT    sing N N 89  
HOH O     H1     sing N N 90  
HOH O     H2     sing N N 91  
ILE N     CA     sing N N 92  
ILE N     H      sing N N 93  
ILE N     H2     sing N N 94  
ILE CA    C      sing N N 95  
ILE CA    CB     sing N N 96  
ILE CA    HA     sing N N 97  
ILE C     O      doub N N 98  
ILE C     OXT    sing N N 99  
ILE CB    CG1    sing N N 100 
ILE CB    CG2    sing N N 101 
ILE CB    HB     sing N N 102 
ILE CG1   CD1    sing N N 103 
ILE CG1   HG12   sing N N 104 
ILE CG1   HG13   sing N N 105 
ILE CG2   HG21   sing N N 106 
ILE CG2   HG22   sing N N 107 
ILE CG2   HG23   sing N N 108 
ILE CD1   HD11   sing N N 109 
ILE CD1   HD12   sing N N 110 
ILE CD1   HD13   sing N N 111 
ILE OXT   HXT    sing N N 112 
IPT C1    C2     sing N N 113 
IPT C1    O5     sing N N 114 
IPT C1    S1     sing N N 115 
IPT C1    H1     sing N N 116 
IPT C2    O2     sing N N 117 
IPT C2    C3     sing N N 118 
IPT C2    H2     sing N N 119 
IPT O2    HO2    sing N N 120 
IPT C3    O3     sing N N 121 
IPT C3    C4     sing N N 122 
IPT C3    H3     sing N N 123 
IPT O3    HO3    sing N N 124 
IPT C4    O4     sing N N 125 
IPT C4    C5     sing N N 126 
IPT C4    H4     sing N N 127 
IPT O4    HO4    sing N N 128 
IPT C5    O5     sing N N 129 
IPT C5    C6     sing N N 130 
IPT C5    H5     sing N N 131 
IPT C6    O6     sing N N 132 
IPT C6    H61    sing N N 133 
IPT C6    H62    sing N N 134 
IPT O6    HO6    sing N N 135 
IPT S1    "C1'"  sing N N 136 
IPT "C1'" "C2'"  sing N N 137 
IPT "C1'" "C3'"  sing N N 138 
IPT "C1'" "H1'"  sing N N 139 
IPT "C2'" "H2'1" sing N N 140 
IPT "C2'" "H2'2" sing N N 141 
IPT "C2'" "H2'3" sing N N 142 
IPT "C3'" "H3'1" sing N N 143 
IPT "C3'" "H3'2" sing N N 144 
IPT "C3'" "H3'3" sing N N 145 
LEU N     CA     sing N N 146 
LEU N     H      sing N N 147 
LEU N     H2     sing N N 148 
LEU CA    C      sing N N 149 
LEU CA    CB     sing N N 150 
LEU CA    HA     sing N N 151 
LEU C     O      doub N N 152 
LEU C     OXT    sing N N 153 
LEU CB    CG     sing N N 154 
LEU CB    HB2    sing N N 155 
LEU CB    HB3    sing N N 156 
LEU CG    CD1    sing N N 157 
LEU CG    CD2    sing N N 158 
LEU CG    HG     sing N N 159 
LEU CD1   HD11   sing N N 160 
LEU CD1   HD12   sing N N 161 
LEU CD1   HD13   sing N N 162 
LEU CD2   HD21   sing N N 163 
LEU CD2   HD22   sing N N 164 
LEU CD2   HD23   sing N N 165 
LEU OXT   HXT    sing N N 166 
LYS N     CA     sing N N 167 
LYS N     H      sing N N 168 
LYS N     H2     sing N N 169 
LYS CA    C      sing N N 170 
LYS CA    CB     sing N N 171 
LYS CA    HA     sing N N 172 
LYS C     O      doub N N 173 
LYS C     OXT    sing N N 174 
LYS CB    CG     sing N N 175 
LYS CB    HB2    sing N N 176 
LYS CB    HB3    sing N N 177 
LYS CG    CD     sing N N 178 
LYS CG    HG2    sing N N 179 
LYS CG    HG3    sing N N 180 
LYS CD    CE     sing N N 181 
LYS CD    HD2    sing N N 182 
LYS CD    HD3    sing N N 183 
LYS CE    NZ     sing N N 184 
LYS CE    HE2    sing N N 185 
LYS CE    HE3    sing N N 186 
LYS NZ    HZ1    sing N N 187 
LYS NZ    HZ2    sing N N 188 
LYS NZ    HZ3    sing N N 189 
LYS OXT   HXT    sing N N 190 
MET N     CA     sing N N 191 
MET N     H      sing N N 192 
MET N     H2     sing N N 193 
MET CA    C      sing N N 194 
MET CA    CB     sing N N 195 
MET CA    HA     sing N N 196 
MET C     O      doub N N 197 
MET C     OXT    sing N N 198 
MET CB    CG     sing N N 199 
MET CB    HB2    sing N N 200 
MET CB    HB3    sing N N 201 
MET CG    SD     sing N N 202 
MET CG    HG2    sing N N 203 
MET CG    HG3    sing N N 204 
MET SD    CE     sing N N 205 
MET CE    HE1    sing N N 206 
MET CE    HE2    sing N N 207 
MET CE    HE3    sing N N 208 
MET OXT   HXT    sing N N 209 
PRO N     CA     sing N N 210 
PRO N     CD     sing N N 211 
PRO N     H      sing N N 212 
PRO CA    C      sing N N 213 
PRO CA    CB     sing N N 214 
PRO CA    HA     sing N N 215 
PRO C     O      doub N N 216 
PRO C     OXT    sing N N 217 
PRO CB    CG     sing N N 218 
PRO CB    HB2    sing N N 219 
PRO CB    HB3    sing N N 220 
PRO CG    CD     sing N N 221 
PRO CG    HG2    sing N N 222 
PRO CG    HG3    sing N N 223 
PRO CD    HD2    sing N N 224 
PRO CD    HD3    sing N N 225 
PRO OXT   HXT    sing N N 226 
SER N     CA     sing N N 227 
SER N     H      sing N N 228 
SER N     H2     sing N N 229 
SER CA    C      sing N N 230 
SER CA    CB     sing N N 231 
SER CA    HA     sing N N 232 
SER C     O      doub N N 233 
SER C     OXT    sing N N 234 
SER CB    OG     sing N N 235 
SER CB    HB2    sing N N 236 
SER CB    HB3    sing N N 237 
SER OG    HG     sing N N 238 
SER OXT   HXT    sing N N 239 
TRP N     CA     sing N N 240 
TRP N     H      sing N N 241 
TRP N     H2     sing N N 242 
TRP CA    C      sing N N 243 
TRP CA    CB     sing N N 244 
TRP CA    HA     sing N N 245 
TRP C     O      doub N N 246 
TRP C     OXT    sing N N 247 
TRP CB    CG     sing N N 248 
TRP CB    HB2    sing N N 249 
TRP CB    HB3    sing N N 250 
TRP CG    CD1    doub Y N 251 
TRP CG    CD2    sing Y N 252 
TRP CD1   NE1    sing Y N 253 
TRP CD1   HD1    sing N N 254 
TRP CD2   CE2    doub Y N 255 
TRP CD2   CE3    sing Y N 256 
TRP NE1   CE2    sing Y N 257 
TRP NE1   HE1    sing N N 258 
TRP CE2   CZ2    sing Y N 259 
TRP CE3   CZ3    doub Y N 260 
TRP CE3   HE3    sing N N 261 
TRP CZ2   CH2    doub Y N 262 
TRP CZ2   HZ2    sing N N 263 
TRP CZ3   CH2    sing Y N 264 
TRP CZ3   HZ3    sing N N 265 
TRP CH2   HH2    sing N N 266 
TRP OXT   HXT    sing N N 267 
TRS C     C1     sing N N 268 
TRS C     C2     sing N N 269 
TRS C     C3     sing N N 270 
TRS C     N      sing N N 271 
TRS C1    O1     sing N N 272 
TRS C1    H11    sing N N 273 
TRS C1    H12    sing N N 274 
TRS C2    O2     sing N N 275 
TRS C2    H21    sing N N 276 
TRS C2    H22    sing N N 277 
TRS C3    O3     sing N N 278 
TRS C3    H31    sing N N 279 
TRS C3    H32    sing N N 280 
TRS N     HN1    sing N N 281 
TRS N     HN2    sing N N 282 
TRS N     HN3    sing N N 283 
TRS O1    HO1    sing N N 284 
TRS O2    HO2    sing N N 285 
TRS O3    HO3    sing N N 286 
TYR N     CA     sing N N 287 
TYR N     H      sing N N 288 
TYR N     H2     sing N N 289 
TYR CA    C      sing N N 290 
TYR CA    CB     sing N N 291 
TYR CA    HA     sing N N 292 
TYR C     O      doub N N 293 
TYR C     OXT    sing N N 294 
TYR CB    CG     sing N N 295 
TYR CB    HB2    sing N N 296 
TYR CB    HB3    sing N N 297 
TYR CG    CD1    doub Y N 298 
TYR CG    CD2    sing Y N 299 
TYR CD1   CE1    sing Y N 300 
TYR CD1   HD1    sing N N 301 
TYR CD2   CE2    doub Y N 302 
TYR CD2   HD2    sing N N 303 
TYR CE1   CZ     doub Y N 304 
TYR CE1   HE1    sing N N 305 
TYR CE2   CZ     sing Y N 306 
TYR CE2   HE2    sing N N 307 
TYR CZ    OH     sing N N 308 
TYR OH    HH     sing N N 309 
TYR OXT   HXT    sing N N 310 
# 
_atom_sites.entry_id                    1NA3 
_atom_sites.fract_transf_matrix[1][1]   0.01796576 
_atom_sites.fract_transf_matrix[1][2]   0.00958563 
_atom_sites.fract_transf_matrix[1][3]   0.00891491 
_atom_sites.fract_transf_matrix[2][1]   -0.00932706 
_atom_sites.fract_transf_matrix[2][2]   0.01548085 
_atom_sites.fract_transf_matrix[2][3]   0.00215077 
_atom_sites.fract_transf_matrix[3][1]   -0.00433463 
_atom_sites.fract_transf_matrix[3][2]   -0.00449695 
_atom_sites.fract_transf_matrix[3][3]   0.01357064 
_atom_sites.fract_transf_vector[1]      0.467476 
_atom_sites.fract_transf_vector[2]      0.619902 
_atom_sites.fract_transf_vector[3]      0.486335 
# 
loop_
_atom_type.symbol 
C  
MG 
N  
O  
S  
# 
loop_
_atom_site.group_PDB 
_atom_site.id 
_atom_site.type_symbol 
_atom_site.label_atom_id 
_atom_site.label_alt_id 
_atom_site.label_comp_id 
_atom_site.label_asym_id 
_atom_site.label_entity_id 
_atom_site.label_seq_id 
_atom_site.pdbx_PDB_ins_code 
_atom_site.Cartn_x 
_atom_site.Cartn_y 
_atom_site.Cartn_z 
_atom_site.occupancy 
_atom_site.B_iso_or_equiv 
_atom_site.pdbx_formal_charge 
_atom_site.auth_seq_id 
_atom_site.auth_comp_id 
_atom_site.auth_asym_id 
_atom_site.auth_atom_id 
_atom_site.pdbx_PDB_model_num 
ATOM   1    N  N     . GLY A 1 6  ? 22.563  -11.626 -33.577 1.00 28.06 ? 1   GLY A N     1 
ATOM   2    C  CA    . GLY A 1 6  ? 23.010  -11.598 -35.028 1.00 26.51 ? 1   GLY A CA    1 
ATOM   3    C  C     . GLY A 1 6  ? 23.151  -10.172 -35.566 1.00 25.96 ? 1   GLY A C     1 
ATOM   4    O  O     . GLY A 1 6  ? 22.812  -9.237  -34.860 1.00 24.32 ? 1   GLY A O     1 
ATOM   5    N  N     . ASN A 1 7  ? 23.617  -10.036 -36.811 1.00 24.24 ? 2   ASN A N     1 
ATOM   6    C  CA    . ASN A 1 7  ? 23.937  -8.756  -37.448 1.00 22.62 ? 2   ASN A CA    1 
ATOM   7    C  C     . ASN A 1 7  ? 22.761  -7.731  -37.345 1.00 20.27 ? 2   ASN A C     1 
ATOM   8    O  O     . ASN A 1 7  ? 22.866  -6.705  -36.636 1.00 18.21 ? 2   ASN A O     1 
ATOM   9    C  CB    . ASN A 1 7  ? 24.344  -9.031  -38.922 1.00 24.66 ? 2   ASN A CB    1 
ATOM   10   C  CG    . ASN A 1 7  ? 24.997  -7.847  -39.594 1.00 26.73 ? 2   ASN A CG    1 
ATOM   11   O  OD1   . ASN A 1 7  ? 25.240  -6.810  -38.960 1.00 31.30 ? 2   ASN A OD1   1 
ATOM   12   N  ND2   . ASN A 1 7  ? 25.285  -7.987  -40.896 1.00 28.71 ? 2   ASN A ND2   1 
ATOM   13   N  N     . SER A 1 8  ? 21.648  -8.068  -38.011 1.00 17.53 ? 3   SER A N     1 
ATOM   14   C  CA    . SER A 1 8  ? 20.438  -7.247  -38.080 1.00 16.26 ? 3   SER A CA    1 
ATOM   15   C  C     . SER A 1 8  ? 19.871  -7.088  -36.678 1.00 13.65 ? 3   SER A C     1 
ATOM   16   O  O     . SER A 1 8  ? 19.500  -6.006  -36.301 1.00 11.92 ? 3   SER A O     1 
ATOM   17   C  CB    . SER A 1 8  ? 19.386  -7.943  -38.996 1.00 16.78 ? 3   SER A CB    1 
ATOM   18   O  OG    . SER A 1 8  ? 18.230  -7.126  -39.138 1.00 25.04 ? 3   SER A OG    1 
ATOM   19   N  N     . ALA A 1 9  ? 19.813  -8.193  -35.920 1.00 12.41 ? 4   ALA A N     1 
ATOM   20   C  CA    . ALA A 1 9  ? 19.167  -8.139  -34.621 1.00 11.73 ? 4   ALA A CA    1 
ATOM   21   C  C     . ALA A 1 9  ? 19.852  -7.117  -33.690 1.00 11.44 ? 4   ALA A C     1 
ATOM   22   O  O     . ALA A 1 9  ? 19.179  -6.306  -33.034 1.00 11.63 ? 4   ALA A O     1 
ATOM   23   C  CB    . ALA A 1 9  ? 19.140  -9.519  -34.022 1.00 12.54 ? 4   ALA A CB    1 
ATOM   24   N  N     . GLU A 1 10 ? 21.174  -7.164  -33.633 1.00 11.02 ? 5   GLU A N     1 
ATOM   25   C  CA    . GLU A 1 10 ? 21.970  -6.242  -32.809 1.00 11.38 ? 5   GLU A CA    1 
ATOM   26   C  C     . GLU A 1 10 ? 21.810  -4.802  -33.265 1.00 9.84  ? 5   GLU A C     1 
ATOM   27   O  O     . GLU A 1 10 ? 21.659  -3.915  -32.439 1.00 10.32 ? 5   GLU A O     1 
ATOM   28   C  CB    . GLU A 1 10 ? 23.452  -6.595  -32.794 1.00 12.69 ? 5   GLU A CB    1 
ATOM   29   C  CG    . GLU A 1 10 ? 23.751  -7.842  -31.956 1.00 19.65 ? 5   GLU A CG    1 
ATOM   30   C  CD    . GLU A 1 10 ? 25.239  -8.109  -31.763 1.00 24.66 ? 5   GLU A CD    1 
ATOM   31   O  OE1   . GLU A 1 10 ? 26.058  -7.203  -32.074 1.00 29.32 ? 5   GLU A OE1   1 
ATOM   32   O  OE2   . GLU A 1 10 ? 25.606  -9.253  -31.329 1.00 28.05 ? 5   GLU A OE2   1 
ATOM   33   N  N     . ALA A 1 11 ? 21.743  -4.572  -34.565 1.00 8.04  ? 6   ALA A N     1 
ATOM   34   C  CA    . ALA A 1 11 ? 21.519  -3.214  -35.075 1.00 8.63  ? 6   ALA A CA    1 
ATOM   35   C  C     . ALA A 1 11 ? 20.126  -2.665  -34.743 1.00 9.06  ? 6   ALA A C     1 
ATOM   36   O  O     . ALA A 1 11 ? 20.022  -1.496  -34.399 1.00 10.42 ? 6   ALA A O     1 
ATOM   37   C  CB    . ALA A 1 11 ? 21.813  -3.175  -36.586 1.00 9.15  ? 6   ALA A CB    1 
ATOM   38   N  N     . TRP A 1 12 ? 19.082  -3.487  -34.803 1.00 9.95  ? 7   TRP A N     1 
ATOM   39   C  CA    . TRP A 1 12 ? 17.767  -3.058  -34.333 1.00 9.91  ? 7   TRP A CA    1 
ATOM   40   C  C     . TRP A 1 12 ? 17.767  -2.754  -32.834 1.00 9.88  ? 7   TRP A C     1 
ATOM   41   O  O     . TRP A 1 12 ? 17.184  -1.781  -32.378 1.00 12.14 ? 7   TRP A O     1 
ATOM   42   C  CB    . TRP A 1 12 ? 16.680  -4.078  -34.611 1.00 9.89  ? 7   TRP A CB    1 
ATOM   43   C  CG    . TRP A 1 12 ? 16.231  -4.150  -36.052 1.00 9.36  ? 7   TRP A CG    1 
ATOM   44   C  CD1   . TRP A 1 12 ? 16.491  -5.134  -36.941 1.00 7.96  ? 7   TRP A CD1   1 
ATOM   45   C  CD2   . TRP A 1 12 ? 15.434  -3.193  -36.742 1.00 9.49  ? 7   TRP A CD2   1 
ATOM   46   N  NE1   . TRP A 1 12 ? 15.949  -4.839  -38.161 1.00 8.46  ? 7   TRP A NE1   1 
ATOM   47   C  CE2   . TRP A 1 12 ? 15.250  -3.664  -38.037 1.00 7.75  ? 7   TRP A CE2   1 
ATOM   48   C  CE3   . TRP A 1 12 ? 14.828  -1.986  -36.386 1.00 11.33 ? 7   TRP A CE3   1 
ATOM   49   C  CZ2   . TRP A 1 12 ? 14.492  -2.978  -38.994 1.00 9.55  ? 7   TRP A CZ2   1 
ATOM   50   C  CZ3   . TRP A 1 12 ? 14.094  -1.285  -37.351 1.00 11.82 ? 7   TRP A CZ3   1 
ATOM   51   C  CH2   . TRP A 1 12 ? 13.913  -1.798  -38.614 1.00 10.69 ? 7   TRP A CH2   1 
ATOM   52   N  N     . TYR A 1 13 ? 18.443  -3.589  -32.065 1.00 10.82 ? 8   TYR A N     1 
ATOM   53   C  CA    . TYR A 1 13 ? 18.587  -3.352  -30.641 1.00 10.83 ? 8   TYR A CA    1 
ATOM   54   C  C     . TYR A 1 13 ? 19.268  -2.017  -30.385 1.00 10.89 ? 8   TYR A C     1 
ATOM   55   O  O     . TYR A 1 13 ? 18.780  -1.204  -29.584 1.00 11.95 ? 8   TYR A O     1 
ATOM   56   C  CB    . TYR A 1 13 ? 19.338  -4.518  -30.028 1.00 11.84 ? 8   TYR A CB    1 
ATOM   57   C  CG    . TYR A 1 13 ? 19.791  -4.279  -28.607 1.00 10.07 ? 8   TYR A CG    1 
ATOM   58   C  CD1   . TYR A 1 13 ? 18.873  -3.939  -27.584 1.00 13.15 ? 8   TYR A CD1   1 
ATOM   59   C  CD2   . TYR A 1 13 ? 21.086  -4.406  -28.277 1.00 10.05 ? 8   TYR A CD2   1 
ATOM   60   C  CE1   . TYR A 1 13 ? 19.294  -3.709  -26.297 1.00 13.16 ? 8   TYR A CE1   1 
ATOM   61   C  CE2   . TYR A 1 13 ? 21.541  -4.158  -26.972 1.00 13.30 ? 8   TYR A CE2   1 
ATOM   62   C  CZ    . TYR A 1 13 ? 20.621  -3.834  -25.994 1.00 11.54 ? 8   TYR A CZ    1 
ATOM   63   O  OH    . TYR A 1 13 ? 21.055  -3.588  -24.681 1.00 15.61 ? 8   TYR A OH    1 
ATOM   64   N  N     . ASN A 1 14 ? 20.395  -1.765  -31.061 1.00 10.16 ? 9   ASN A N     1 
ATOM   65   C  CA    . ASN A 1 14 ? 21.091  -0.478  -30.887 1.00 11.37 ? 9   ASN A CA    1 
ATOM   66   C  C     . ASN A 1 14 ? 20.224  0.691   -31.318 1.00 11.72 ? 9   ASN A C     1 
ATOM   67   O  O     . ASN A 1 14 ? 20.291  1.734   -30.705 1.00 11.85 ? 9   ASN A O     1 
ATOM   68   C  CB    . ASN A 1 14 ? 22.406  -0.481  -31.648 1.00 11.27 ? 9   ASN A CB    1 
ATOM   69   C  CG    . ASN A 1 14 ? 23.458  -1.444  -31.059 1.00 16.77 ? 9   ASN A CG    1 
ATOM   70   O  OD1   . ASN A 1 14 ? 24.458  -1.776  -31.722 1.00 21.11 ? 9   ASN A OD1   1 
ATOM   71   N  ND2   . ASN A 1 14 ? 23.262  -1.866  -29.834 1.00 18.46 ? 9   ASN A ND2   1 
ATOM   72   N  N     . LEU A 1 15 ? 19.387  0.517   -32.323 1.00 11.44 ? 10  LEU A N     1 
ATOM   73   C  CA    . LEU A 1 15 ? 18.433  1.545   -32.716 1.00 10.89 ? 10  LEU A CA    1 
ATOM   74   C  C     . LEU A 1 15 ? 17.426  1.809   -31.609 1.00 11.17 ? 10  LEU A C     1 
ATOM   75   O  O     . LEU A 1 15 ? 17.093  2.985   -31.300 1.00 12.31 ? 10  LEU A O     1 
ATOM   76   C  CB    . LEU A 1 15 ? 17.718  1.148   -34.020 1.00 11.36 ? 10  LEU A CB    1 
ATOM   77   C  CG    . LEU A 1 15 ? 16.849  2.213   -34.674 1.00 12.50 ? 10  LEU A CG    1 
ATOM   78   C  CD1   . LEU A 1 15 ? 17.636  3.389   -35.168 1.00 10.43 ? 10  LEU A CD1   1 
ATOM   79   C  CD2   . LEU A 1 15 ? 16.025  1.616   -35.808 1.00 12.68 ? 10  LEU A CD2   1 
ATOM   80   N  N     . GLY A 1 16 ? 16.915  0.760   -30.997 1.00 11.33 ? 11  GLY A N     1 
ATOM   81   C  CA    . GLY A 1 16 ? 16.012  0.944   -29.887 1.00 12.40 ? 11  GLY A CA    1 
ATOM   82   C  C     . GLY A 1 16 ? 16.696  1.705   -28.773 1.00 12.41 ? 11  GLY A C     1 
ATOM   83   O  O     . GLY A 1 16 ? 16.070  2.624   -28.190 1.00 11.85 ? 11  GLY A O     1 
ATOM   84   N  N     . ASN A 1 17 ? 17.951  1.372   -28.468 1.00 11.51 ? 12  ASN A N     1 
ATOM   85   C  CA    . ASN A 1 17 ? 18.722  2.104   -27.460 1.00 12.15 ? 12  ASN A CA    1 
ATOM   86   C  C     . ASN A 1 17 ? 18.829  3.585   -27.808 1.00 11.39 ? 12  ASN A C     1 
ATOM   87   O  O     . ASN A 1 17 ? 18.697  4.428   -26.924 1.00 12.32 ? 12  ASN A O     1 
ATOM   88   C  CB    . ASN A 1 17 ? 20.127  1.508   -27.235 1.00 11.73 ? 12  ASN A CB    1 
ATOM   89   C  CG    . ASN A 1 17 ? 20.107  0.183   -26.499 1.00 15.30 ? 12  ASN A CG    1 
ATOM   90   O  OD1   . ASN A 1 17 ? 21.092  -0.565  -26.531 1.00 21.10 ? 12  ASN A OD1   1 
ATOM   91   N  ND2   . ASN A 1 17 ? 19.054  -0.098  -25.812 1.00 10.05 ? 12  ASN A ND2   1 
ATOM   92   N  N     . ALA A 1 18 ? 19.067  3.924   -29.074 1.00 11.39 ? 13  ALA A N     1 
ATOM   93   C  CA    . ALA A 1 18 ? 19.259  5.316   -29.485 1.00 10.85 ? 13  ALA A CA    1 
ATOM   94   C  C     . ALA A 1 18 ? 17.966  6.099   -29.261 1.00 12.06 ? 13  ALA A C     1 
ATOM   95   O  O     . ALA A 1 18 ? 18.001  7.248   -28.791 1.00 12.60 ? 13  ALA A O     1 
ATOM   96   C  CB    . ALA A 1 18 ? 19.647  5.374   -30.923 1.00 12.18 ? 13  ALA A CB    1 
ATOM   97   N  N     . TYR A 1 19 ? 16.832  5.454   -29.566 1.00 11.55 ? 14  TYR A N     1 
ATOM   98   C  CA    . TYR A 1 19 ? 15.533  6.112   -29.359 1.00 10.82 ? 14  TYR A CA    1 
ATOM   99   C  C     . TYR A 1 19 ? 15.168  6.203   -27.884 1.00 10.12 ? 14  TYR A C     1 
ATOM   100  O  O     . TYR A 1 19 ? 14.621  7.261   -27.446 1.00 11.97 ? 14  TYR A O     1 
ATOM   101  C  CB    . TYR A 1 19 ? 14.413  5.504   -30.230 1.00 11.52 ? 14  TYR A CB    1 
ATOM   102  C  CG    . TYR A 1 19 ? 14.492  6.045   -31.623 1.00 11.17 ? 14  TYR A CG    1 
ATOM   103  C  CD1   . TYR A 1 19 ? 15.403  5.548   -32.540 1.00 12.20 ? 14  TYR A CD1   1 
ATOM   104  C  CD2   . TYR A 1 19 ? 13.728  7.130   -32.020 1.00 10.43 ? 14  TYR A CD2   1 
ATOM   105  C  CE1   . TYR A 1 19 ? 15.539  6.082   -33.773 1.00 12.25 ? 14  TYR A CE1   1 
ATOM   106  C  CE2   . TYR A 1 19 ? 13.830  7.671   -33.255 1.00 10.65 ? 14  TYR A CE2   1 
ATOM   107  C  CZ    . TYR A 1 19 ? 14.732  7.122   -34.165 1.00 9.82  ? 14  TYR A CZ    1 
ATOM   108  O  OH    . TYR A 1 19 ? 14.873  7.701   -35.392 1.00 11.19 ? 14  TYR A OH    1 
ATOM   109  N  N     . TYR A 1 20 ? 15.490  5.160   -27.117 1.00 11.02 ? 15  TYR A N     1 
ATOM   110  C  CA    . TYR A 1 20 ? 15.325  5.217   -25.666 1.00 11.69 ? 15  TYR A CA    1 
ATOM   111  C  C     . TYR A 1 20 ? 16.077  6.429   -25.107 1.00 11.33 ? 15  TYR A C     1 
ATOM   112  O  O     . TYR A 1 20 ? 15.507  7.231   -24.332 1.00 12.61 ? 15  TYR A O     1 
ATOM   113  C  CB    . TYR A 1 20 ? 15.763  3.944   -25.029 1.00 11.40 ? 15  TYR A CB    1 
ATOM   114  C  CG    . TYR A 1 20 ? 15.509  3.924   -23.539 1.00 12.39 ? 15  TYR A CG    1 
ATOM   115  C  CD1   . TYR A 1 20 ? 14.442  3.205   -23.018 1.00 10.72 ? 15  TYR A CD1   1 
ATOM   116  C  CD2   . TYR A 1 20 ? 16.340  4.614   -22.645 1.00 11.82 ? 15  TYR A CD2   1 
ATOM   117  C  CE1   . TYR A 1 20 ? 14.171  3.204   -21.681 1.00 10.91 ? 15  TYR A CE1   1 
ATOM   118  C  CE2   . TYR A 1 20 ? 16.080  4.622   -21.255 1.00 11.12 ? 15  TYR A CE2   1 
ATOM   119  C  CZ    . TYR A 1 20 ? 15.000  3.856   -20.770 1.00 10.53 ? 15  TYR A CZ    1 
ATOM   120  O  OH    . TYR A 1 20 ? 14.711  3.757   -19.424 1.00 11.72 ? 15  TYR A OH    1 
ATOM   121  N  N     . LYS A 1 21 ? 17.315  6.646   -25.545 1.00 12.37 ? 16  LYS A N     1 
ATOM   122  C  CA    . LYS A 1 21 ? 18.142  7.771   -25.036 1.00 13.84 ? 16  LYS A CA    1 
ATOM   123  C  C     . LYS A 1 21 ? 17.634  9.145   -25.462 1.00 13.05 ? 16  LYS A C     1 
ATOM   124  O  O     . LYS A 1 21 ? 17.943  10.163  -24.808 1.00 12.68 ? 16  LYS A O     1 
ATOM   125  C  CB    . LYS A 1 21 ? 19.584  7.582   -25.487 1.00 14.13 ? 16  LYS A CB    1 
ATOM   126  C  CG    . LYS A 1 21 ? 20.278  6.551   -24.654 1.00 19.98 ? 16  LYS A CG    1 
ATOM   127  C  CD    . LYS A 1 21 ? 21.484  5.910   -25.385 1.00 25.42 ? 16  LYS A CD    1 
ATOM   128  C  CE    . LYS A 1 21 ? 22.509  5.302   -24.407 1.00 28.49 ? 16  LYS A CE    1 
ATOM   129  N  NZ    . LYS A 1 21 ? 22.255  3.871   -24.008 1.00 31.51 ? 16  LYS A NZ    1 
ATOM   130  N  N     . GLN A 1 22 ? 16.846  9.195   -26.537 1.00 11.68 ? 17  GLN A N     1 
ATOM   131  C  CA    . GLN A 1 22 ? 16.098  10.378  -26.910 1.00 12.14 ? 17  GLN A CA    1 
ATOM   132  C  C     . GLN A 1 22 ? 14.814  10.626  -26.121 1.00 11.02 ? 17  GLN A C     1 
ATOM   133  O  O     . GLN A 1 22 ? 14.185  11.667  -26.318 1.00 11.36 ? 17  GLN A O     1 
ATOM   134  C  CB    . GLN A 1 22 ? 15.745  10.332  -28.407 1.00 12.87 ? 17  GLN A CB    1 
ATOM   135  C  CG    . GLN A 1 22 ? 16.945  10.462  -29.250 1.00 12.54 ? 17  GLN A CG    1 
ATOM   136  C  CD    . GLN A 1 22 ? 16.671  10.362  -30.757 1.00 13.54 ? 17  GLN A CD    1 
ATOM   137  O  OE1   . GLN A 1 22 ? 17.570  10.535  -31.530 1.00 14.52 ? 17  GLN A OE1   1 
ATOM   138  N  NE2   . GLN A 1 22 ? 15.428  10.105  -31.156 1.00 14.31 ? 17  GLN A NE2   1 
ATOM   139  N  N     . GLY A 1 23 ? 14.407  9.663   -25.316 1.00 10.34 ? 18  GLY A N     1 
ATOM   140  C  CA    . GLY A 1 23 ? 13.155  9.730   -24.579 1.00 9.80  ? 18  GLY A CA    1 
ATOM   141  C  C     . GLY A 1 23 ? 11.976  9.436   -25.488 1.00 9.81  ? 18  GLY A C     1 
ATOM   142  O  O     . GLY A 1 23 ? 10.883  9.832   -25.178 1.00 9.93  ? 18  GLY A O     1 
ATOM   143  N  N     . ASP A 1 24 ? 12.225  8.730   -26.591 1.00 10.39 ? 19  ASP A N     1 
ATOM   144  C  CA    . ASP A 1 24 ? 11.199  8.405   -27.584 1.00 10.08 ? 19  ASP A CA    1 
ATOM   145  C  C     . ASP A 1 24 ? 10.832  6.955   -27.402 1.00 10.41 ? 19  ASP A C     1 
ATOM   146  O  O     . ASP A 1 24 ? 11.297  6.090   -28.155 1.00 11.57 ? 19  ASP A O     1 
ATOM   147  C  CB    . ASP A 1 24 ? 11.770  8.654   -28.982 1.00 10.85 ? 19  ASP A CB    1 
ATOM   148  C  CG    . ASP A 1 24 ? 12.008  10.142  -29.254 1.00 11.22 ? 19  ASP A CG    1 
ATOM   149  O  OD1   . ASP A 1 24 ? 11.437  11.005  -28.540 1.00 12.66 ? 19  ASP A OD1   1 
ATOM   150  O  OD2   . ASP A 1 24 ? 12.743  10.518  -30.201 1.00 12.78 ? 19  ASP A OD2   1 
ATOM   151  N  N     . TYR A 1 25 ? 10.081  6.694   -26.345 1.00 10.49 ? 20  TYR A N     1 
ATOM   152  C  CA    . TYR A 1 25 ? 9.841   5.325   -25.883 1.00 10.48 ? 20  TYR A CA    1 
ATOM   153  C  C     . TYR A 1 25 ? 8.971   4.516   -26.833 1.00 11.44 ? 20  TYR A C     1 
ATOM   154  O  O     . TYR A 1 25 ? 9.185   3.320   -26.934 1.00 11.57 ? 20  TYR A O     1 
ATOM   155  C  CB    . TYR A 1 25 ? 9.341   5.301   -24.470 1.00 10.37 ? 20  TYR A CB    1 
ATOM   156  C  CG    . TYR A 1 25 ? 10.272  6.054   -23.518 1.00 8.89  ? 20  TYR A CG    1 
ATOM   157  C  CD1   . TYR A 1 25 ? 9.851   7.191   -22.831 1.00 10.85 ? 20  TYR A CD1   1 
ATOM   158  C  CD2   . TYR A 1 25 ? 11.580  5.666   -23.367 1.00 12.56 ? 20  TYR A CD2   1 
ATOM   159  C  CE1   . TYR A 1 25 ? 10.695  7.874   -21.994 1.00 9.93  ? 20  TYR A CE1   1 
ATOM   160  C  CE2   . TYR A 1 25 ? 12.443  6.373   -22.536 1.00 13.45 ? 20  TYR A CE2   1 
ATOM   161  C  CZ    . TYR A 1 25 ? 12.004  7.469   -21.875 1.00 11.05 ? 20  TYR A CZ    1 
ATOM   162  O  OH    . TYR A 1 25 ? 12.888  8.166   -21.057 1.00 13.68 ? 20  TYR A OH    1 
ATOM   163  N  N     . ASP A 1 26 ? 7.999   5.131   -27.521 1.00 12.14 ? 21  ASP A N     1 
ATOM   164  C  CA    . ASP A 1 26 ? 7.147   4.410   -28.473 1.00 13.65 ? 21  ASP A CA    1 
ATOM   165  C  C     . ASP A 1 26 ? 8.010   3.826   -29.568 1.00 14.46 ? 21  ASP A C     1 
ATOM   166  O  O     . ASP A 1 26 ? 7.889   2.669   -29.926 1.00 12.55 ? 21  ASP A O     1 
ATOM   167  C  CB    . ASP A 1 26 ? 6.116   5.374   -29.102 1.00 15.28 ? 21  ASP A CB    1 
ATOM   168  C  CG    . ASP A 1 26 ? 4.843   5.521   -28.304 1.00 20.47 ? 21  ASP A CG    1 
ATOM   169  O  OD1   . ASP A 1 26 ? 4.541   4.765   -27.340 1.00 24.91 ? 21  ASP A OD1   1 
ATOM   170  O  OD2   . ASP A 1 26 ? 4.033   6.383   -28.640 1.00 25.87 ? 21  ASP A OD2   1 
ATOM   171  N  N     . GLU A 1 27 ? 8.892   4.643   -30.109 1.00 13.88 ? 22  GLU A N     1 
ATOM   172  C  CA    . GLU A 1 27 ? 9.792   4.166   -31.143 1.00 15.32 ? 22  GLU A CA    1 
ATOM   173  C  C     . GLU A 1 27 ? 10.747  3.114   -30.623 1.00 14.31 ? 22  GLU A C     1 
ATOM   174  O  O     . GLU A 1 27 ? 10.980  2.086   -31.289 1.00 14.44 ? 22  GLU A O     1 
ATOM   175  C  CB    . GLU A 1 27 ? 10.588  5.330   -31.730 1.00 16.91 ? 22  GLU A CB    1 
ATOM   176  C  CG    . GLU A 1 27 ? 9.759   6.223   -32.586 1.00 19.88 ? 22  GLU A CG    1 
ATOM   177  C  CD    . GLU A 1 27 ? 8.850   7.200   -31.802 1.00 21.89 ? 22  GLU A CD    1 
ATOM   178  O  OE1   . GLU A 1 27 ? 8.955   7.365   -30.566 1.00 19.85 ? 22  GLU A OE1   1 
ATOM   179  O  OE2   . GLU A 1 27 ? 7.976   7.824   -32.439 1.00 27.92 ? 22  GLU A OE2   1 
ATOM   180  N  N     . ALA A 1 28 ? 11.306  3.347   -29.439 1.00 12.60 ? 23  ALA A N     1 
ATOM   181  C  CA    . ALA A 1 28 ? 12.223  2.387   -28.859 1.00 13.05 ? 23  ALA A CA    1 
ATOM   182  C  C     . ALA A 1 28 ? 11.562  1.033   -28.776 1.00 11.67 ? 23  ALA A C     1 
ATOM   183  O  O     . ALA A 1 28 ? 12.184  0.004   -29.100 1.00 13.62 ? 23  ALA A O     1 
ATOM   184  C  CB    . ALA A 1 28 ? 12.718  2.842   -27.507 1.00 13.80 ? 23  ALA A CB    1 
ATOM   185  N  N     . ILE A 1 29 ? 10.332  0.973   -28.312 1.00 10.27 ? 24  ILE A N     1 
ATOM   186  C  CA    . ILE A 1 29 ? 9.603   -0.278  -28.197 1.00 10.55 ? 24  ILE A CA    1 
ATOM   187  C  C     . ILE A 1 29 ? 9.474   -0.956  -29.561 1.00 11.44 ? 24  ILE A C     1 
ATOM   188  O  O     . ILE A 1 29 ? 9.705   -2.155  -29.703 1.00 10.64 ? 24  ILE A O     1 
ATOM   189  C  CB    . ILE A 1 29 ? 8.236   -0.021  -27.572 1.00 9.70  ? 24  ILE A CB    1 
ATOM   190  C  CG1   . ILE A 1 29 ? 8.422   0.347   -26.095 1.00 10.94 ? 24  ILE A CG1   1 
ATOM   191  C  CG2   . ILE A 1 29 ? 7.306   -1.228  -27.744 1.00 11.86 ? 24  ILE A CG2   1 
ATOM   192  C  CD1   . ILE A 1 29 ? 7.203   0.917   -25.450 1.00 9.96  ? 24  ILE A CD1   1 
ATOM   193  N  N     . GLU A 1 30 ? 9.133   -0.199  -30.589 1.00 11.08 ? 25  GLU A N     1 
ATOM   194  C  CA    . GLU A 1 30 ? 9.019   -0.800  -31.940 1.00 12.07 ? 25  GLU A CA    1 
ATOM   195  C  C     . GLU A 1 30 ? 10.313  -1.484  -32.363 1.00 11.18 ? 25  GLU A C     1 
ATOM   196  O  O     . GLU A 1 30 ? 10.270  -2.590  -32.952 1.00 11.49 ? 25  GLU A O     1 
ATOM   197  C  CB    . GLU A 1 30 ? 8.653   0.295   -32.927 1.00 13.30 ? 25  GLU A CB    1 
ATOM   198  C  CG    . GLU A 1 30 ? 8.539   -0.121  -34.374 1.00 20.85 ? 25  GLU A CG    1 
ATOM   199  C  CD    . GLU A 1 30 ? 7.772   0.895   -35.208 1.00 28.14 ? 25  GLU A CD    1 
ATOM   200  O  OE1   . GLU A 1 30 ? 7.310   1.947   -34.651 1.00 33.70 ? 25  GLU A OE1   1 
ATOM   201  O  OE2   . GLU A 1 30 ? 7.639   0.646   -36.428 1.00 33.13 ? 25  GLU A OE2   1 
ATOM   202  N  N     . TYR A 1 31 ? 11.422  -0.808  -32.132 1.00 11.93 ? 26  TYR A N     1 
ATOM   203  C  CA    . TYR A 1 31 ? 12.724  -1.285  -32.583 1.00 11.10 ? 26  TYR A CA    1 
ATOM   204  C  C     . TYR A 1 31 ? 13.226  -2.409  -31.709 1.00 12.05 ? 26  TYR A C     1 
ATOM   205  O  O     . TYR A 1 31 ? 13.763  -3.392  -32.216 1.00 13.12 ? 26  TYR A O     1 
ATOM   206  C  CB    . TYR A 1 31 ? 13.700  -0.134  -32.739 1.00 11.96 ? 26  TYR A CB    1 
ATOM   207  C  CG    . TYR A 1 31 ? 13.174  0.996   -33.614 1.00 12.98 ? 26  TYR A CG    1 
ATOM   208  C  CD1   . TYR A 1 31 ? 13.477  2.321   -33.318 1.00 12.85 ? 26  TYR A CD1   1 
ATOM   209  C  CD2   . TYR A 1 31 ? 12.312  0.761   -34.660 1.00 12.31 ? 26  TYR A CD2   1 
ATOM   210  C  CE1   . TYR A 1 31 ? 13.004  3.321   -34.075 1.00 11.72 ? 26  TYR A CE1   1 
ATOM   211  C  CE2   . TYR A 1 31 ? 11.806  1.813   -35.421 1.00 11.95 ? 26  TYR A CE2   1 
ATOM   212  C  CZ    . TYR A 1 31 ? 12.159  3.059   -35.117 1.00 11.50 ? 26  TYR A CZ    1 
ATOM   213  O  OH    . TYR A 1 31 ? 11.593  4.084   -35.873 1.00 15.46 ? 26  TYR A OH    1 
ATOM   214  N  N     . TYR A 1 32 ? 13.008  -2.329  -30.415 1.00 11.49 ? 27  TYR A N     1 
ATOM   215  C  CA    . TYR A 1 32 ? 13.336  -3.472  -29.533 1.00 11.76 ? 27  TYR A CA    1 
ATOM   216  C  C     . TYR A 1 32 ? 12.490  -4.722  -29.885 1.00 12.75 ? 27  TYR A C     1 
ATOM   217  O  O     . TYR A 1 32 ? 12.977  -5.849  -29.838 1.00 11.61 ? 27  TYR A O     1 
ATOM   218  C  CB    . TYR A 1 32 ? 13.055  -3.175  -28.083 1.00 11.13 ? 27  TYR A CB    1 
ATOM   219  C  CG    . TYR A 1 32 ? 13.994  -2.211  -27.415 1.00 11.85 ? 27  TYR A CG    1 
ATOM   220  C  CD1   . TYR A 1 32 ? 13.506  -1.283  -26.537 1.00 13.23 ? 27  TYR A CD1   1 
ATOM   221  C  CD2   . TYR A 1 32 ? 15.377  -2.233  -27.634 1.00 12.29 ? 27  TYR A CD2   1 
ATOM   222  C  CE1   . TYR A 1 32 ? 14.322  -0.410  -25.877 1.00 13.96 ? 27  TYR A CE1   1 
ATOM   223  C  CE2   . TYR A 1 32 ? 16.239  -1.346  -26.946 1.00 11.99 ? 27  TYR A CE2   1 
ATOM   224  C  CZ    . TYR A 1 32 ? 15.688  -0.404  -26.112 1.00 12.72 ? 27  TYR A CZ    1 
ATOM   225  O  OH    . TYR A 1 32 ? 16.471  0.478   -25.396 1.00 13.42 ? 27  TYR A OH    1 
ATOM   226  N  N     . GLN A 1 33 ? 11.226  -4.523  -30.254 1.00 12.24 ? 28  GLN A N     1 
ATOM   227  C  CA    . GLN A 1 33 ? 10.385  -5.636  -30.665 1.00 13.06 ? 28  GLN A CA    1 
ATOM   228  C  C     . GLN A 1 33 ? 10.932  -6.312  -31.911 1.00 12.60 ? 28  GLN A C     1 
ATOM   229  O  O     . GLN A 1 33 ? 11.004  -7.543  -31.976 1.00 12.42 ? 28  GLN A O     1 
ATOM   230  C  CB    . GLN A 1 33 ? 8.931   -5.171  -30.887 1.00 14.00 ? 28  GLN A CB    1 
ATOM   231  C  CG    . GLN A 1 33 ? 8.125   -4.979  -29.628 1.00 15.84 ? 28  GLN A CG    1 
ATOM   232  C  CD    . GLN A 1 33 ? 6.799   -4.258  -29.923 1.00 21.44 ? 28  GLN A CD    1 
ATOM   233  O  OE1   . GLN A 1 33 ? 6.663   -3.566  -30.949 1.00 28.54 ? 28  GLN A OE1   1 
ATOM   234  N  NE2   . GLN A 1 33 ? 5.840   -4.414  -29.053 1.00 24.00 ? 28  GLN A NE2   1 
ATOM   235  N  N     . LYS A 1 34 ? 11.390  -5.502  -32.870 1.00 13.05 ? 29  LYS A N     1 
ATOM   236  C  CA    . LYS A 1 34 ? 11.999  -6.032  -34.071 1.00 13.48 ? 29  LYS A CA    1 
ATOM   237  C  C     . LYS A 1 34 ? 13.301  -6.818  -33.749 1.00 12.28 ? 29  LYS A C     1 
ATOM   238  O  O     . LYS A 1 34 ? 13.527  -7.934  -34.257 1.00 12.94 ? 29  LYS A O     1 
ATOM   239  C  CB    . LYS A 1 34 ? 12.270  -4.908  -35.062 1.00 13.12 ? 29  LYS A CB    1 
ATOM   240  C  CG    . LYS A 1 34 ? 12.863  -5.389  -36.345 1.00 17.81 ? 29  LYS A CG    1 
ATOM   241  C  CD    . LYS A 1 34 ? 12.038  -6.405  -37.123 1.00 17.54 ? 29  LYS A CD    1 
ATOM   242  C  CE    . LYS A 1 34 ? 12.872  -6.871  -38.382 1.00 21.03 ? 29  LYS A CE    1 
ATOM   243  N  NZ    . LYS A 1 34 ? 12.187  -7.740  -39.386 1.00 22.76 ? 29  LYS A NZ    1 
ATOM   244  N  N     . ALA A 1 35 ? 14.123  -6.252  -32.876 1.00 11.74 ? 30  ALA A N     1 
ATOM   245  C  CA    . ALA A 1 35 ? 15.339  -6.941  -32.430 1.00 10.88 ? 30  ALA A CA    1 
ATOM   246  C  C     . ALA A 1 35 ? 15.010  -8.311  -31.857 1.00 10.80 ? 30  ALA A C     1 
ATOM   247  O  O     . ALA A 1 35 ? 15.681  -9.307  -32.134 1.00 9.99  ? 30  ALA A O     1 
ATOM   248  C  CB    . ALA A 1 35 ? 16.096  -6.102  -31.384 1.00 11.45 ? 30  ALA A CB    1 
ATOM   249  N  N     . LEU A 1 36 ? 13.966  -8.387  -31.031 1.00 10.63 ? 31  LEU A N     1 
ATOM   250  C  CA    . LEU A 1 36 ? 13.621  -9.585  -30.302 1.00 10.48 ? 31  LEU A CA    1 
ATOM   251  C  C     . LEU A 1 36 ? 12.972  -10.649 -31.178 1.00 10.92 ? 31  LEU A C     1 
ATOM   252  O  O     . LEU A 1 36 ? 13.091  -11.849 -30.908 1.00 10.87 ? 31  LEU A O     1 
ATOM   253  C  CB    . LEU A 1 36 ? 12.766  -9.242  -29.055 1.00 10.64 ? 31  LEU A CB    1 
ATOM   254  C  CG    . LEU A 1 36 ? 13.571  -8.553  -27.970 1.00 11.54 ? 31  LEU A CG    1 
ATOM   255  C  CD1   . LEU A 1 36 ? 12.614  -7.952  -27.012 1.00 12.01 ? 31  LEU A CD1   1 
ATOM   256  C  CD2   . LEU A 1 36 ? 14.494  -9.540  -27.286 1.00 11.17 ? 31  LEU A CD2   1 
ATOM   257  N  N     . GLU A 1 37 ? 12.304  -10.204 -32.251 1.00 11.34 ? 32  GLU A N     1 
ATOM   258  C  CA    . GLU A 1 37 ? 11.815  -11.114 -33.259 1.00 12.81 ? 32  GLU A CA    1 
ATOM   259  C  C     . GLU A 1 37 ? 12.967  -11.844 -33.885 1.00 10.99 ? 32  GLU A C     1 
ATOM   260  O  O     . GLU A 1 37 ? 12.891  -13.051 -34.152 1.00 11.73 ? 32  GLU A O     1 
ATOM   261  C  CB    . GLU A 1 37 ? 11.007  -10.366 -34.337 1.00 14.39 ? 32  GLU A CB    1 
ATOM   262  C  CG    . GLU A 1 37 ? 9.678   -9.844  -33.823 1.00 19.40 ? 32  GLU A CG    1 
ATOM   263  C  CD    . GLU A 1 37 ? 8.885   -9.026  -34.840 1.00 26.58 ? 32  GLU A CD    1 
ATOM   264  O  OE1   . GLU A 1 37 ? 9.384   -8.731  -35.959 1.00 28.67 ? 32  GLU A OE1   1 
ATOM   265  O  OE2   . GLU A 1 37 ? 7.727   -8.691  -34.507 1.00 31.16 ? 32  GLU A OE2   1 
ATOM   266  N  N     . LEU A 1 38 ? 14.043  -11.107 -34.166 1.00 10.50 ? 33  LEU A N     1 
ATOM   267  C  CA    . LEU A 1 38 ? 15.210  -11.673 -34.800 1.00 10.52 ? 33  LEU A CA    1 
ATOM   268  C  C     . LEU A 1 38 ? 16.124  -12.445 -33.861 1.00 10.21 ? 33  LEU A C     1 
ATOM   269  O  O     . LEU A 1 38 ? 16.776  -13.393 -34.292 1.00 11.29 ? 33  LEU A O     1 
ATOM   270  C  CB    . LEU A 1 38 ? 16.013  -10.561 -35.468 1.00 11.09 ? 33  LEU A CB    1 
ATOM   271  C  CG    . LEU A 1 38 ? 15.384  -9.993  -36.737 1.00 13.02 ? 33  LEU A CG    1 
ATOM   272  C  CD1   . LEU A 1 38 ? 16.055  -8.661  -37.090 1.00 13.88 ? 33  LEU A CD1   1 
ATOM   273  C  CD2   . LEU A 1 38 ? 15.439  -10.936 -37.889 1.00 13.45 ? 33  LEU A CD2   1 
ATOM   274  N  N     . ASP A 1 39 ? 16.189  -12.063 -32.597 1.00 10.24 ? 34  ASP A N     1 
ATOM   275  C  CA    . ASP A 1 39 ? 17.025  -12.752 -31.598 1.00 10.33 ? 34  ASP A CA    1 
ATOM   276  C  C     . ASP A 1 39 ? 16.392  -12.671 -30.233 1.00 11.77 ? 34  ASP A C     1 
ATOM   277  O  O     . ASP A 1 39 ? 16.655  -11.779 -29.444 1.00 11.07 ? 34  ASP A O     1 
ATOM   278  C  CB    . ASP A 1 39 ? 18.415  -12.145 -31.517 1.00 10.81 ? 34  ASP A CB    1 
ATOM   279  C  CG    . ASP A 1 39 ? 19.275  -12.785 -30.443 1.00 14.36 ? 34  ASP A CG    1 
ATOM   280  O  OD1   . ASP A 1 39 ? 18.936  -13.894 -29.991 1.00 16.03 ? 34  ASP A OD1   1 
ATOM   281  O  OD2   . ASP A 1 39 ? 20.307  -12.213 -29.998 1.00 19.98 ? 34  ASP A OD2   1 
ATOM   282  N  N     . PRO A 1 40 ? 15.520  -13.624 -29.962 1.00 11.29 ? 35  PRO A N     1 
ATOM   283  C  CA    . PRO A 1 40 ? 14.811  -13.620 -28.685 1.00 12.07 ? 35  PRO A CA    1 
ATOM   284  C  C     . PRO A 1 40 ? 15.687  -13.998 -27.504 1.00 12.19 ? 35  PRO A C     1 
ATOM   285  O  O     . PRO A 1 40 ? 15.157  -14.005 -26.380 1.00 12.79 ? 35  PRO A O     1 
ATOM   286  C  CB    . PRO A 1 40 ? 13.684  -14.638 -28.914 1.00 12.02 ? 35  PRO A CB    1 
ATOM   287  C  CG    . PRO A 1 40 ? 14.107  -15.445 -29.856 1.00 12.98 ? 35  PRO A CG    1 
ATOM   288  C  CD    . PRO A 1 40 ? 15.031  -14.684 -30.836 1.00 12.00 ? 35  PRO A CD    1 
ATOM   289  N  N     . ASN A 1 41 ? 16.955  -14.333 -27.742 1.00 13.31 ? 36  ASN A N     1 
ATOM   290  C  CA    . ASN A 1 41 ? 17.862  -14.686 -26.640 1.00 14.18 ? 36  ASN A CA    1 
ATOM   291  C  C     . ASN A 1 41 ? 18.637  -13.473 -26.119 1.00 13.75 ? 36  ASN A C     1 
ATOM   292  O  O     . ASN A 1 41 ? 19.494  -13.653 -25.231 1.00 14.41 ? 36  ASN A O     1 
ATOM   293  C  CB    . ASN A 1 41 ? 18.813  -15.790 -27.037 1.00 14.26 ? 36  ASN A CB    1 
ATOM   294  C  CG    . ASN A 1 41 ? 18.107  -17.138 -27.149 1.00 18.52 ? 36  ASN A CG    1 
ATOM   295  O  OD1   . ASN A 1 41 ? 17.181  -17.451 -26.373 1.00 23.51 ? 36  ASN A OD1   1 
ATOM   296  N  ND2   . ASN A 1 41 ? 18.463  -17.882 -28.156 1.00 23.79 ? 36  ASN A ND2   1 
ATOM   297  N  N     . ASN A 1 42 ? 18.334  -12.265 -26.630 1.00 12.26 ? 37  ASN A N     1 
ATOM   298  C  CA    . ASN A 1 42 ? 19.029  -11.047 -26.206 1.00 11.93 ? 37  ASN A CA    1 
ATOM   299  C  C     . ASN A 1 42 ? 18.395  -10.573 -24.916 1.00 11.95 ? 37  ASN A C     1 
ATOM   300  O  O     . ASN A 1 42 ? 17.430  -9.806  -24.912 1.00 12.32 ? 37  ASN A O     1 
ATOM   301  C  CB    . ASN A 1 42 ? 19.002  -9.928  -27.276 1.00 10.49 ? 37  ASN A CB    1 
ATOM   302  C  CG    . ASN A 1 42 ? 19.915  -8.770  -26.901 1.00 14.27 ? 37  ASN A CG    1 
ATOM   303  O  OD1   . ASN A 1 42 ? 20.313  -8.680  -25.757 1.00 13.75 ? 37  ASN A OD1   1 
ATOM   304  N  ND2   . ASN A 1 42 ? 20.272  -7.897  -27.870 1.00 15.56 ? 37  ASN A ND2   1 
ATOM   305  N  N     . ALA A 1 43 ? 18.918  -11.041 -23.787 1.00 11.33 ? 38  ALA A N     1 
ATOM   306  C  CA    . ALA A 1 43 ? 18.366  -10.683 -22.520 1.00 12.67 ? 38  ALA A CA    1 
ATOM   307  C  C     . ALA A 1 43 ? 18.364  -9.198  -22.280 1.00 12.41 ? 38  ALA A C     1 
ATOM   308  O  O     . ALA A 1 43 ? 17.443  -8.655  -21.653 1.00 13.09 ? 38  ALA A O     1 
ATOM   309  C  CB    . ALA A 1 43 ? 19.092  -11.433 -21.380 1.00 13.06 ? 38  ALA A CB    1 
ATOM   310  N  N     . GLU A 1 44 ? 19.427  -8.527  -22.699 1.00 11.55 ? 39  GLU A N     1 
ATOM   311  C  CA    . GLU A 1 44 ? 19.492  -7.089  -22.429 1.00 12.14 ? 39  GLU A CA    1 
ATOM   312  C  C     . GLU A 1 44 ? 18.416  -6.322  -23.191 1.00 12.59 ? 39  GLU A C     1 
ATOM   313  O  O     . GLU A 1 44 ? 17.931  -5.294  -22.718 1.00 14.07 ? 39  GLU A O     1 
ATOM   314  C  CB    . GLU A 1 44 ? 20.909  -6.536  -22.693 1.00 12.47 ? 39  GLU A CB    1 
ATOM   315  C  CG    . GLU A 1 44 ? 21.310  -5.307  -21.881 1.00 13.64 ? 39  GLU A CG    1 
ATOM   316  C  CD    . GLU A 1 44 ? 21.459  -5.518  -20.399 1.00 14.40 ? 39  GLU A CD    1 
ATOM   317  O  OE1   . GLU A 1 44 ? 21.323  -4.513  -19.658 1.00 17.77 ? 39  GLU A OE1   1 
ATOM   318  O  OE2   . GLU A 1 44 ? 21.769  -6.661  -19.956 1.00 16.38 ? 39  GLU A OE2   1 
ATOM   319  N  N     . ALA A 1 45 ? 18.019  -6.837  -24.353 1.00 11.18 ? 40  ALA A N     1 
ATOM   320  C  CA    . ALA A 1 45 ? 16.943  -6.241  -25.141 1.00 10.48 ? 40  ALA A CA    1 
ATOM   321  C  C     . ALA A 1 45 ? 15.601  -6.412  -24.415 1.00 11.63 ? 40  ALA A C     1 
ATOM   322  O  O     . ALA A 1 45 ? 14.812  -5.452  -24.397 1.00 11.53 ? 40  ALA A O     1 
ATOM   323  C  CB    . ALA A 1 45 ? 16.909  -6.792  -26.545 1.00 11.60 ? 40  ALA A CB    1 
ATOM   324  N  N     . TRP A 1 46 ? 15.344  -7.584  -23.827 1.00 11.79 ? 41  TRP A N     1 
ATOM   325  C  CA    . TRP A 1 46 ? 14.155  -7.758  -23.040 1.00 11.39 ? 41  TRP A CA    1 
ATOM   326  C  C     . TRP A 1 46 ? 14.130  -6.735  -21.886 1.00 12.33 ? 41  TRP A C     1 
ATOM   327  O  O     . TRP A 1 46 ? 13.106  -6.137  -21.567 1.00 12.17 ? 41  TRP A O     1 
ATOM   328  C  CB    . TRP A 1 46 ? 14.028  -9.170  -22.482 1.00 11.10 ? 41  TRP A CB    1 
ATOM   329  C  CG    . TRP A 1 46 ? 13.693  -10.227 -23.482 1.00 11.13 ? 41  TRP A CG    1 
ATOM   330  C  CD1   . TRP A 1 46 ? 14.531  -11.174 -23.962 1.00 10.20 ? 41  TRP A CD1   1 
ATOM   331  C  CD2   . TRP A 1 46 ? 12.444  -10.445 -24.139 1.00 11.61 ? 41  TRP A CD2   1 
ATOM   332  N  NE1   . TRP A 1 46 ? 13.882  -11.995 -24.843 1.00 9.49  ? 41  TRP A NE1   1 
ATOM   333  C  CE2   . TRP A 1 46 ? 12.598  -11.561 -24.987 1.00 12.02 ? 41  TRP A CE2   1 
ATOM   334  C  CE3   . TRP A 1 46 ? 11.195  -9.821  -24.085 1.00 13.81 ? 41  TRP A CE3   1 
ATOM   335  C  CZ2   . TRP A 1 46 ? 11.560  -12.069 -25.772 1.00 12.86 ? 41  TRP A CZ2   1 
ATOM   336  C  CZ3   . TRP A 1 46 ? 10.143  -10.347 -24.869 1.00 15.91 ? 41  TRP A CZ3   1 
ATOM   337  C  CH2   . TRP A 1 46 ? 10.351  -11.441 -25.705 1.00 14.85 ? 41  TRP A CH2   1 
ATOM   338  N  N     . TYR A 1 47 ? 15.271  -6.585  -21.235 1.00 12.27 ? 42  TYR A N     1 
ATOM   339  C  CA    . TYR A 1 47 ? 15.384  -5.695  -20.098 1.00 12.89 ? 42  TYR A CA    1 
ATOM   340  C  C     . TYR A 1 47 ? 15.112  -4.240  -20.522 1.00 12.70 ? 42  TYR A C     1 
ATOM   341  O  O     . TYR A 1 47 ? 14.298  -3.525  -19.892 1.00 12.77 ? 42  TYR A O     1 
ATOM   342  C  CB    . TYR A 1 47 ? 16.742  -5.907  -19.416 1.00 13.25 ? 42  TYR A CB    1 
ATOM   343  C  CG    . TYR A 1 47 ? 17.186  -4.705  -18.639 1.00 12.21 ? 42  TYR A CG    1 
ATOM   344  C  CD1   . TYR A 1 47 ? 16.513  -4.342  -17.474 1.00 13.41 ? 42  TYR A CD1   1 
ATOM   345  C  CD2   . TYR A 1 47 ? 18.258  -3.920  -19.045 1.00 13.74 ? 42  TYR A CD2   1 
ATOM   346  C  CE1   . TYR A 1 47 ? 16.860  -3.247  -16.780 1.00 13.29 ? 42  TYR A CE1   1 
ATOM   347  C  CE2   . TYR A 1 47 ? 18.607  -2.780  -18.320 1.00 14.53 ? 42  TYR A CE2   1 
ATOM   348  C  CZ    . TYR A 1 47 ? 17.906  -2.472  -17.183 1.00 13.80 ? 42  TYR A CZ    1 
ATOM   349  O  OH    . TYR A 1 47 ? 18.203  -1.348  -16.423 1.00 16.86 ? 42  TYR A OH    1 
ATOM   350  N  N     . ASN A 1 48 ? 15.724  -3.804  -21.632 1.00 11.48 ? 43  ASN A N     1 
ATOM   351  C  CA    . ASN A 1 48 ? 15.508  -2.424  -22.066 1.00 10.76 ? 43  ASN A CA    1 
ATOM   352  C  C     . ASN A 1 48 ? 14.095  -2.199  -22.602 1.00 12.28 ? 43  ASN A C     1 
ATOM   353  O  O     . ASN A 1 48 ? 13.534  -1.112  -22.426 1.00 11.48 ? 43  ASN A O     1 
ATOM   354  C  CB    . ASN A 1 48 ? 16.573  -1.958  -23.056 1.00 10.53 ? 43  ASN A CB    1 
ATOM   355  C  CG    . ASN A 1 48 ? 17.882  -1.692  -22.371 1.00 14.82 ? 43  ASN A CG    1 
ATOM   356  O  OD1   . ASN A 1 48 ? 17.951  -0.771  -21.543 1.00 21.23 ? 43  ASN A OD1   1 
ATOM   357  N  ND2   . ASN A 1 48 ? 18.887  -2.453  -22.675 1.00 18.49 ? 43  ASN A ND2   1 
ATOM   358  N  N     . LEU A 1 49 ? 13.506  -3.205  -23.228 1.00 11.05 ? 44  LEU A N     1 
ATOM   359  C  CA    . LEU A 1 49 ? 12.083  -3.147  -23.589 1.00 11.46 ? 44  LEU A CA    1 
ATOM   360  C  C     . LEU A 1 49 ? 11.234  -2.950  -22.330 1.00 11.13 ? 44  LEU A C     1 
ATOM   361  O  O     . LEU A 1 49 ? 10.307  -2.121  -22.316 1.00 11.75 ? 44  LEU A O     1 
ATOM   362  C  CB    . LEU A 1 49 ? 11.668  -4.423  -24.323 1.00 12.11 ? 44  LEU A CB    1 
ATOM   363  C  CG    . LEU A 1 49 ? 10.243  -4.460  -24.772 1.00 12.68 ? 44  LEU A CG    1 
ATOM   364  C  CD1   . LEU A 1 49 ? 9.950   -3.301  -25.758 1.00 13.21 ? 44  LEU A CD1   1 
ATOM   365  C  CD2   . LEU A 1 49 ? 9.903   -5.830  -25.348 1.00 16.33 ? 44  LEU A CD2   1 
ATOM   366  N  N     . GLY A 1 50 ? 11.519  -3.701  -21.284 1.00 11.26 ? 45  GLY A N     1 
ATOM   367  C  CA    . GLY A 1 50 ? 10.857  -3.516  -20.003 1.00 11.19 ? 45  GLY A CA    1 
ATOM   368  C  C     . GLY A 1 50 ? 10.970  -2.064  -19.549 1.00 11.87 ? 45  GLY A C     1 
ATOM   369  O  O     . GLY A 1 50 ? 9.963   -1.505  -19.100 1.00 12.32 ? 45  GLY A O     1 
ATOM   370  N  N     . ASN A 1 51 ? 12.173  -1.487  -19.602 1.00 11.09 ? 46  ASN A N     1 
ATOM   371  C  CA    . ASN A 1 51 ? 12.392  -0.108  -19.185 1.00 11.18 ? 46  ASN A CA    1 
ATOM   372  C  C     . ASN A 1 51 ? 11.548  0.854   -20.007 1.00 11.39 ? 46  ASN A C     1 
ATOM   373  O  O     . ASN A 1 51 ? 11.008  1.860   -19.496 1.00 11.08 ? 46  ASN A O     1 
ATOM   374  C  CB    . ASN A 1 51 ? 13.860  0.283   -19.353 1.00 10.28 ? 46  ASN A CB    1 
ATOM   375  C  CG    . ASN A 1 51 ? 14.799  -0.250  -18.263 1.00 12.54 ? 46  ASN A CG    1 
ATOM   376  O  OD1   . ASN A 1 51 ? 16.012  0.008   -18.378 1.00 19.00 ? 46  ASN A OD1   1 
ATOM   377  N  ND2   . ASN A 1 51 ? 14.318  -0.849  -17.223 1.00 10.08 ? 46  ASN A ND2   1 
ATOM   378  N  N     . ALA A 1 52 ? 11.454  0.615   -21.321 1.00 11.36 ? 47  ALA A N     1 
ATOM   379  C  CA    . ALA A 1 52 ? 10.657  1.507   -22.151 1.00 11.33 ? 47  ALA A CA    1 
ATOM   380  C  C     . ALA A 1 52 ? 9.197   1.519   -21.727 1.00 12.18 ? 47  ALA A C     1 
ATOM   381  O  O     . ALA A 1 52 ? 8.578   2.570   -21.643 1.00 11.90 ? 47  ALA A O     1 
ATOM   382  C  CB    . ALA A 1 52 ? 10.778  1.140   -23.621 1.00 12.46 ? 47  ALA A CB    1 
ATOM   383  N  N     . TYR A 1 53 ? 8.644   0.345   -21.438 1.00 10.78 ? 48  TYR A N     1 
ATOM   384  C  CA    . TYR A 1 53 ? 7.281   0.254   -20.945 1.00 10.62 ? 48  TYR A CA    1 
ATOM   385  C  C     . TYR A 1 53 ? 7.130   0.891   -19.549 1.00 10.85 ? 48  TYR A C     1 
ATOM   386  O  O     . TYR A 1 53 ? 6.140   1.583   -19.267 1.00 10.75 ? 48  TYR A O     1 
ATOM   387  C  CB    . TYR A 1 53 ? 6.871   -1.211  -20.935 1.00 9.70  ? 48  TYR A CB    1 
ATOM   388  C  CG    . TYR A 1 53 ? 6.329   -1.678  -22.275 1.00 10.32 ? 48  TYR A CG    1 
ATOM   389  C  CD1   . TYR A 1 53 ? 7.063   -2.535  -23.073 1.00 14.49 ? 48  TYR A CD1   1 
ATOM   390  C  CD2   . TYR A 1 53 ? 5.088   -1.325  -22.717 1.00 10.09 ? 48  TYR A CD2   1 
ATOM   391  C  CE1   . TYR A 1 53 ? 6.553   -2.946  -24.283 1.00 12.82 ? 48  TYR A CE1   1 
ATOM   392  C  CE2   . TYR A 1 53 ? 4.551   -1.741  -23.955 1.00 11.50 ? 48  TYR A CE2   1 
ATOM   393  C  CZ    . TYR A 1 53 ? 5.309   -2.587  -24.707 1.00 13.03 ? 48  TYR A CZ    1 
ATOM   394  O  OH    . TYR A 1 53 ? 4.827   -3.026  -25.921 1.00 13.43 ? 48  TYR A OH    1 
ATOM   395  N  N     . TYR A 1 54 ? 8.112   0.655   -18.676 1.00 11.32 ? 49  TYR A N     1 
ATOM   396  C  CA    . TYR A 1 54 ? 8.190   1.300   -17.378 1.00 10.50 ? 49  TYR A CA    1 
ATOM   397  C  C     . TYR A 1 54 ? 8.087   2.828   -17.495 1.00 10.42 ? 49  TYR A C     1 
ATOM   398  O  O     . TYR A 1 54 ? 7.289   3.482   -16.819 1.00 9.36  ? 49  TYR A O     1 
ATOM   399  C  CB    . TYR A 1 54 ? 9.497   0.921   -16.650 1.00 12.08 ? 49  TYR A CB    1 
ATOM   400  C  CG    . TYR A 1 54 ? 9.550   1.332   -15.181 1.00 10.60 ? 49  TYR A CG    1 
ATOM   401  C  CD1   . TYR A 1 54 ? 9.364   0.390   -14.167 1.00 14.59 ? 49  TYR A CD1   1 
ATOM   402  C  CD2   . TYR A 1 54 ? 9.777   2.641   -14.825 1.00 12.99 ? 49  TYR A CD2   1 
ATOM   403  C  CE1   . TYR A 1 54 ? 9.422   0.727   -12.843 1.00 15.42 ? 49  TYR A CE1   1 
ATOM   404  C  CE2   . TYR A 1 54 ? 9.788   3.008   -13.485 1.00 14.20 ? 49  TYR A CE2   1 
ATOM   405  C  CZ    . TYR A 1 54 ? 9.621   2.054   -12.524 1.00 14.75 ? 49  TYR A CZ    1 
ATOM   406  O  OH    . TYR A 1 54 ? 9.674   2.483   -11.215 1.00 17.34 ? 49  TYR A OH    1 
ATOM   407  N  N     . LYS A 1 55 ? 8.872   3.397   -18.412 1.00 10.85 ? 50  LYS A N     1 
ATOM   408  C  CA    . LYS A 1 55 ? 8.857   4.846   -18.613 1.00 10.63 ? 50  LYS A CA    1 
ATOM   409  C  C     . LYS A 1 55 ? 7.512   5.373   -19.095 1.00 12.37 ? 50  LYS A C     1 
ATOM   410  O  O     . LYS A 1 55 ? 7.160   6.526   -18.799 1.00 11.91 ? 50  LYS A O     1 
ATOM   411  C  CB    . LYS A 1 55 ? 9.935   5.292   -19.612 1.00 11.94 ? 50  LYS A CB    1 
ATOM   412  C  CG    . LYS A 1 55 ? 11.353  5.177   -19.152 1.00 11.70 ? 50  LYS A CG    1 
ATOM   413  C  CD    . LYS A 1 55 ? 11.697  6.238   -18.082 1.00 14.87 ? 50  LYS A CD    1 
ATOM   414  C  CE    . LYS A 1 55 ? 13.239  6.360   -17.817 1.00 14.22 ? 50  LYS A CE    1 
ATOM   415  N  NZ    . LYS A 1 55 ? 13.520  7.346   -16.701 1.00 15.38 ? 50  LYS A NZ    1 
ATOM   416  N  N     . GLN A 1 56 ? 6.784   4.527   -19.818 1.00 12.12 ? 51  GLN A N     1 
ATOM   417  C  CA    . GLN A 1 56 ? 5.426   4.842   -20.268 1.00 12.24 ? 51  GLN A CA    1 
ATOM   418  C  C     . GLN A 1 56 ? 4.343   4.529   -19.218 1.00 11.83 ? 51  GLN A C     1 
ATOM   419  O  O     . GLN A 1 56 ? 3.152   4.783   -19.462 1.00 11.60 ? 51  GLN A O     1 
ATOM   420  C  CB    . GLN A 1 56 ? 5.124   4.123   -21.608 1.00 14.11 ? 51  GLN A CB    1 
ATOM   421  C  CG    . GLN A 1 56 ? 6.063   4.564   -22.741 1.00 17.15 ? 51  GLN A CG    1 
ATOM   422  C  CD    . GLN A 1 56 ? 5.405   4.753   -24.056 1.00 28.35 ? 51  GLN A CD    1 
ATOM   423  O  OE1   . GLN A 1 56 ? 5.126   3.778   -24.738 1.00 32.05 ? 51  GLN A OE1   1 
ATOM   424  N  NE2   . GLN A 1 56 ? 5.211   6.012   -24.455 1.00 30.40 ? 51  GLN A NE2   1 
ATOM   425  N  N     . GLY A 1 57 ? 4.749   3.998   -18.063 1.00 10.82 ? 52  GLY A N     1 
ATOM   426  C  CA    . GLY A 1 57 ? 3.817   3.685   -17.000 1.00 9.63  ? 52  GLY A CA    1 
ATOM   427  C  C     . GLY A 1 57 ? 3.056   2.402   -17.228 1.00 9.10  ? 52  GLY A C     1 
ATOM   428  O  O     . GLY A 1 57 ? 2.062   2.160   -16.548 1.00 8.63  ? 52  GLY A O     1 
ATOM   429  N  N     . ASP A 1 58 ? 3.546   1.567   -18.142 1.00 9.92  ? 53  ASP A N     1 
ATOM   430  C  CA    . ASP A 1 58 ? 2.895   0.305   -18.459 1.00 10.21 ? 53  ASP A CA    1 
ATOM   431  C  C     . ASP A 1 58 ? 3.547   -0.772  -17.646 1.00 10.59 ? 53  ASP A C     1 
ATOM   432  O  O     . ASP A 1 58 ? 4.385   -1.542  -18.146 1.00 10.89 ? 53  ASP A O     1 
ATOM   433  C  CB    . ASP A 1 58 ? 2.991   0.007   -19.951 1.00 10.83 ? 53  ASP A CB    1 
ATOM   434  C  CG    . ASP A 1 58 ? 2.259   0.996   -20.799 1.00 11.73 ? 53  ASP A CG    1 
ATOM   435  O  OD1   . ASP A 1 58 ? 1.296   1.647   -20.372 1.00 9.57  ? 53  ASP A OD1   1 
ATOM   436  O  OD2   . ASP A 1 58 ? 2.594   1.238   -21.972 1.00 15.31 ? 53  ASP A OD2   1 
ATOM   437  N  N     . TYR A 1 59 ? 3.189   -0.824  -16.369 1.00 10.61 ? 54  TYR A N     1 
ATOM   438  C  CA    . TYR A 1 59 ? 3.961   -1.609  -15.423 1.00 11.08 ? 54  TYR A CA    1 
ATOM   439  C  C     . TYR A 1 59 ? 3.729   -3.116  -15.607 1.00 11.45 ? 54  TYR A C     1 
ATOM   440  O  O     . TYR A 1 59 ? 4.678   -3.896  -15.387 1.00 12.09 ? 54  TYR A O     1 
ATOM   441  C  CB    . TYR A 1 59 ? 3.720   -1.139  -13.983 1.00 11.21 ? 54  TYR A CB    1 
ATOM   442  C  CG    . TYR A 1 59 ? 4.168   0.319   -13.777 1.00 10.80 ? 54  TYR A CG    1 
ATOM   443  C  CD1   . TYR A 1 59 ? 3.234   1.327   -13.364 1.00 10.08 ? 54  TYR A CD1   1 
ATOM   444  C  CD2   . TYR A 1 59 ? 5.501   0.707   -14.006 1.00 14.89 ? 54  TYR A CD2   1 
ATOM   445  C  CE1   . TYR A 1 59 ? 3.672   2.684   -13.219 1.00 12.49 ? 54  TYR A CE1   1 
ATOM   446  C  CE2   . TYR A 1 59 ? 5.925   2.025   -13.839 1.00 13.92 ? 54  TYR A CE2   1 
ATOM   447  C  CZ    . TYR A 1 59 ? 5.003   3.000   -13.413 1.00 13.58 ? 54  TYR A CZ    1 
ATOM   448  O  OH    . TYR A 1 59 ? 5.422   4.307   -13.230 1.00 17.47 ? 54  TYR A OH    1 
ATOM   449  N  N     . ASP A 1 60 ? 2.529   -3.531  -16.031 1.00 12.22 ? 55  ASP A N     1 
ATOM   450  C  CA    . ASP A 1 60 ? 2.264   -4.969  -16.272 1.00 11.76 ? 55  ASP A CA    1 
ATOM   451  C  C     . ASP A 1 60 ? 3.201   -5.508  -17.346 1.00 12.43 ? 55  ASP A C     1 
ATOM   452  O  O     . ASP A 1 60 ? 3.767   -6.591  -17.197 1.00 12.84 ? 55  ASP A O     1 
ATOM   453  C  CB    . ASP A 1 60 ? 0.811   -5.193  -16.727 1.00 12.65 ? 55  ASP A CB    1 
ATOM   454  C  CG    . ASP A 1 60 ? -0.179  -5.289  -15.566 1.00 16.91 ? 55  ASP A CG    1 
ATOM   455  O  OD1   . ASP A 1 60 ? -1.391  -5.299  -15.840 1.00 20.66 ? 55  ASP A OD1   1 
ATOM   456  O  OD2   . ASP A 1 60 ? 0.123   -5.357  -14.364 1.00 19.50 ? 55  ASP A OD2   1 
ATOM   457  N  N     . GLU A 1 61 ? 3.367   -4.727  -18.407 1.00 11.30 ? 56  GLU A N     1 
ATOM   458  C  CA    . GLU A 1 61 ? 4.259   -5.093  -19.507 1.00 12.19 ? 56  GLU A CA    1 
ATOM   459  C  C     . GLU A 1 61 ? 5.729   -5.072  -19.046 1.00 12.72 ? 56  GLU A C     1 
ATOM   460  O  O     . GLU A 1 61 ? 6.511   -5.987  -19.345 1.00 13.49 ? 56  GLU A O     1 
ATOM   461  C  CB    . GLU A 1 61 ? 4.031   -4.148  -20.696 1.00 12.03 ? 56  GLU A CB    1 
ATOM   462  C  CG    . GLU A 1 61 ? 2.709   -4.353  -21.418 1.00 13.34 ? 56  GLU A CG    1 
ATOM   463  C  CD    . GLU A 1 61 ? 1.522   -3.612  -20.829 1.00 14.75 ? 56  GLU A CD    1 
ATOM   464  O  OE1   . GLU A 1 61 ? 1.601   -3.016  -19.742 1.00 9.35  ? 56  GLU A OE1   1 
ATOM   465  O  OE2   . GLU A 1 61 ? 0.456   -3.631  -21.480 1.00 17.39 ? 56  GLU A OE2   1 
ATOM   466  N  N     . ALA A 1 62 ? 6.124   -4.022  -18.335 1.00 12.86 ? 57  ALA A N     1 
ATOM   467  C  CA    . ALA A 1 62 ? 7.472   -3.910  -17.797 1.00 12.63 ? 57  ALA A CA    1 
ATOM   468  C  C     . ALA A 1 62 ? 7.807   -5.170  -17.025 1.00 12.93 ? 57  ALA A C     1 
ATOM   469  O  O     . ALA A 1 62 ? 8.838   -5.789  -17.252 1.00 13.07 ? 57  ALA A O     1 
ATOM   470  C  CB    . ALA A 1 62 ? 7.637   -2.692  -16.920 1.00 13.51 ? 57  ALA A CB    1 
ATOM   471  N  N     . ILE A 1 63 ? 6.885   -5.582  -16.164 1.00 11.49 ? 58  ILE A N     1 
ATOM   472  C  CA    . ILE A 1 63 ? 7.059   -6.814  -15.392 1.00 12.34 ? 58  ILE A CA    1 
ATOM   473  C  C     . ILE A 1 63 ? 7.260   -8.050  -16.287 1.00 11.71 ? 58  ILE A C     1 
ATOM   474  O  O     . ILE A 1 63 ? 8.165   -8.834  -16.035 1.00 12.26 ? 58  ILE A O     1 
ATOM   475  C  CB    . ILE A 1 63 ? 5.874   -7.036  -14.423 1.00 12.11 ? 58  ILE A CB    1 
ATOM   476  C  CG1   . ILE A 1 63 ? 5.939   -6.008  -13.301 1.00 13.02 ? 58  ILE A CG1   1 
ATOM   477  C  CG2   . ILE A 1 63 ? 5.933   -8.449  -13.810 1.00 12.71 ? 58  ILE A CG2   1 
ATOM   478  C  CD1   . ILE A 1 63 ? 4.621   -5.737  -12.609 1.00 13.08 ? 58  ILE A CD1   1 
ATOM   479  N  N     . GLU A 1 64 ? 6.426   -8.272  -17.290 1.00 10.62 ? 59  GLU A N     1 
ATOM   480  C  CA    . GLU A 1 64 ? 6.549   -9.470  -18.118 1.00 12.50 ? 59  GLU A CA    1 
ATOM   481  C  C     . GLU A 1 64 ? 7.937   -9.496  -18.777 1.00 11.75 ? 59  GLU A C     1 
ATOM   482  O  O     . GLU A 1 64 ? 8.591   -10.548 -18.849 1.00 12.34 ? 59  GLU A O     1 
ATOM   483  C  CB    . GLU A 1 64 ? 5.469   -9.570  -19.213 1.00 14.06 ? 59  GLU A CB    1 
ATOM   484  C  CG    . GLU A 1 64 ? 4.100   -10.121 -18.806 1.00 20.30 ? 59  GLU A CG    1 
ATOM   485  C  CD    . GLU A 1 64 ? 3.380   -10.856 -19.949 1.00 26.39 ? 59  GLU A CD    1 
ATOM   486  O  OE1   . GLU A 1 64 ? 4.062   -11.345 -20.893 1.00 33.70 ? 59  GLU A OE1   1 
ATOM   487  O  OE2   . GLU A 1 64 ? 2.121   -10.953 -19.913 1.00 31.87 ? 59  GLU A OE2   1 
ATOM   488  N  N     . TYR A 1 65 ? 8.378   -8.347  -19.278 1.00 11.17 ? 60  TYR A N     1 
ATOM   489  C  CA    . TYR A 1 65 ? 9.667   -8.257  -19.991 1.00 11.34 ? 60  TYR A CA    1 
ATOM   490  C  C     . TYR A 1 65 ? 10.882  -8.335  -19.091 1.00 11.97 ? 60  TYR A C     1 
ATOM   491  O  O     . TYR A 1 65 ? 11.864  -9.006  -19.445 1.00 12.39 ? 60  TYR A O     1 
ATOM   492  C  CB    . TYR A 1 65 ? 9.672   -7.028  -20.897 1.00 10.88 ? 60  TYR A CB    1 
ATOM   493  C  CG    . TYR A 1 65 ? 8.549   -7.138  -21.916 1.00 12.56 ? 60  TYR A CG    1 
ATOM   494  C  CD1   . TYR A 1 65 ? 7.744   -6.031  -22.224 1.00 14.29 ? 60  TYR A CD1   1 
ATOM   495  C  CD2   . TYR A 1 65 ? 8.244   -8.343  -22.513 1.00 15.74 ? 60  TYR A CD2   1 
ATOM   496  C  CE1   . TYR A 1 65 ? 6.717   -6.139  -23.147 1.00 13.23 ? 60  TYR A CE1   1 
ATOM   497  C  CE2   . TYR A 1 65 ? 7.208   -8.455  -23.422 1.00 17.39 ? 60  TYR A CE2   1 
ATOM   498  C  CZ    . TYR A 1 65 ? 6.472   -7.336  -23.739 1.00 14.46 ? 60  TYR A CZ    1 
ATOM   499  O  OH    . TYR A 1 65 ? 5.435   -7.504  -24.653 1.00 21.15 ? 60  TYR A OH    1 
ATOM   500  N  N     . TYR A 1 66 ? 10.813  -7.765  -17.885 1.00 11.29 ? 61  TYR A N     1 
ATOM   501  C  CA    . TYR A 1 66 ? 11.863  -7.984  -16.898 1.00 11.43 ? 61  TYR A CA    1 
ATOM   502  C  C     . TYR A 1 66 ? 11.963  -9.437  -16.497 1.00 11.89 ? 61  TYR A C     1 
ATOM   503  O  O     . TYR A 1 66 ? 13.073  -9.954  -16.332 1.00 11.21 ? 61  TYR A O     1 
ATOM   504  C  CB    . TYR A 1 66 ? 11.637  -7.169  -15.639 1.00 11.27 ? 61  TYR A CB    1 
ATOM   505  C  CG    . TYR A 1 66 ? 11.752  -5.641  -15.844 1.00 11.31 ? 61  TYR A CG    1 
ATOM   506  C  CD1   . TYR A 1 66 ? 10.921  -4.789  -15.131 1.00 12.60 ? 61  TYR A CD1   1 
ATOM   507  C  CD2   . TYR A 1 66 ? 12.679  -5.074  -16.668 1.00 10.98 ? 61  TYR A CD2   1 
ATOM   508  C  CE1   . TYR A 1 66 ? 11.023  -3.467  -15.219 1.00 12.37 ? 61  TYR A CE1   1 
ATOM   509  C  CE2   . TYR A 1 66 ? 12.786  -3.700  -16.784 1.00 11.23 ? 61  TYR A CE2   1 
ATOM   510  C  CZ    . TYR A 1 66 ? 11.933  -2.906  -16.037 1.00 13.17 ? 61  TYR A CZ    1 
ATOM   511  O  OH    . TYR A 1 66 ? 11.995  -1.524  -16.089 1.00 12.72 ? 61  TYR A OH    1 
ATOM   512  N  N     . GLN A 1 67 ? 10.826  -10.099 -16.331 1.00 11.68 ? 62  GLN A N     1 
ATOM   513  C  CA    . GLN A 1 67 ? 10.819  -11.494 -15.945 1.00 11.74 ? 62  GLN A CA    1 
ATOM   514  C  C     . GLN A 1 67 ? 11.476  -12.323 -17.064 1.00 10.70 ? 62  GLN A C     1 
ATOM   515  O  O     . GLN A 1 67 ? 12.177  -13.272 -16.777 1.00 11.75 ? 62  GLN A O     1 
ATOM   516  C  CB    . GLN A 1 67 ? 9.396   -12.004 -15.646 1.00 12.54 ? 62  GLN A CB    1 
ATOM   517  C  CG    . GLN A 1 67 ? 8.859   -11.530 -14.346 1.00 12.08 ? 62  GLN A CG    1 
ATOM   518  C  CD    . GLN A 1 67 ? 7.384   -11.791 -14.167 1.00 16.50 ? 62  GLN A CD    1 
ATOM   519  O  OE1   . GLN A 1 67 ? 6.620   -11.924 -15.135 1.00 20.70 ? 62  GLN A OE1   1 
ATOM   520  N  NE2   . GLN A 1 67 ? 6.973   -11.844 -12.920 1.00 16.81 ? 62  GLN A NE2   1 
ATOM   521  N  N     . LYS A 1 68 ? 11.230  -11.980 -18.325 1.00 11.71 ? 63  LYS A N     1 
ATOM   522  C  CA    . LYS A 1 68 ? 11.848  -12.684 -19.434 1.00 11.32 ? 63  LYS A CA    1 
ATOM   523  C  C     . LYS A 1 68 ? 13.374  -12.443 -19.436 1.00 12.33 ? 63  LYS A C     1 
ATOM   524  O  O     . LYS A 1 68 ? 14.170  -13.370 -19.576 1.00 10.82 ? 63  LYS A O     1 
ATOM   525  C  CB    . LYS A 1 68 ? 11.211  -12.282 -20.758 1.00 12.89 ? 63  LYS A CB    1 
ATOM   526  C  CG    . LYS A 1 68 ? 11.703  -12.985 -21.967 1.00 14.80 ? 63  LYS A CG    1 
ATOM   527  C  CD    . LYS A 1 68 ? 11.595  -14.515 -21.888 1.00 19.76 ? 63  LYS A CD    1 
ATOM   528  C  CE    . LYS A 1 68 ? 12.142  -15.189 -23.170 1.00 22.49 ? 63  LYS A CE    1 
ATOM   529  N  NZ    . LYS A 1 68 ? 12.045  -16.673 -23.112 1.00 23.47 ? 63  LYS A NZ    1 
ATOM   530  N  N     . ALA A 1 69 ? 13.757  -11.207 -19.214 1.00 11.63 ? 64  ALA A N     1 
ATOM   531  C  CA    . ALA A 1 69 ? 15.182  -10.878 -19.144 1.00 11.10 ? 64  ALA A CA    1 
ATOM   532  C  C     . ALA A 1 69 ? 15.865  -11.708 -18.060 1.00 9.82  ? 64  ALA A C     1 
ATOM   533  O  O     . ALA A 1 69 ? 16.948  -12.220 -18.287 1.00 10.65 ? 64  ALA A O     1 
ATOM   534  C  CB    . ALA A 1 69 ? 15.378  -9.376  -18.887 1.00 12.26 ? 64  ALA A CB    1 
ATOM   535  N  N     . LEU A 1 70 ? 15.200  -11.851 -16.912 1.00 9.73  ? 65  LEU A N     1 
ATOM   536  C  CA    . LEU A 1 70 ? 15.744  -12.580 -15.772 1.00 9.51  ? 65  LEU A CA    1 
ATOM   537  C  C     . LEU A 1 70 ? 15.765  -14.091 -15.939 1.00 9.62  ? 65  LEU A C     1 
ATOM   538  O  O     . LEU A 1 70 ? 16.519  -14.798 -15.285 1.00 9.80  ? 65  LEU A O     1 
ATOM   539  C  CB    . LEU A 1 70 ? 14.983  -12.210 -14.477 1.00 8.87  ? 65  LEU A CB    1 
ATOM   540  C  CG    . LEU A 1 70 ? 15.342  -10.768 -14.055 1.00 11.97 ? 65  LEU A CG    1 
ATOM   541  C  CD1   . LEU A 1 70 ? 14.308  -10.214 -13.062 1.00 13.83 ? 65  LEU A CD1   1 
ATOM   542  C  CD2   . LEU A 1 70 ? 16.757  -10.710 -13.455 1.00 13.19 ? 65  LEU A CD2   1 
ATOM   543  N  N     . GLU A 1 71 ? 14.864  -14.602 -16.752 1.00 10.16 ? 66  GLU A N     1 
ATOM   544  C  CA    . GLU A 1 71 ? 14.894  -15.997 -17.103 1.00 10.24 ? 66  GLU A CA    1 
ATOM   545  C  C     . GLU A 1 71 ? 16.168  -16.312 -17.898 1.00 10.17 ? 66  GLU A C     1 
ATOM   546  O  O     . GLU A 1 71 ? 16.819  -17.323 -17.674 1.00 10.48 ? 66  GLU A O     1 
ATOM   547  C  CB    . GLU A 1 71 ? 13.640  -16.342 -17.893 1.00 12.67 ? 66  GLU A CB    1 
ATOM   548  C  CG    . GLU A 1 71 ? 13.615  -17.725 -18.504 1.00 17.22 ? 66  GLU A CG    1 
ATOM   549  C  CD    . GLU A 1 71 ? 12.619  -17.779 -19.661 1.00 26.46 ? 66  GLU A CD    1 
ATOM   550  O  OE1   . GLU A 1 71 ? 11.408  -17.925 -19.370 1.00 30.08 ? 66  GLU A OE1   1 
ATOM   551  O  OE2   . GLU A 1 71 ? 13.049  -17.617 -20.847 1.00 29.32 ? 66  GLU A OE2   1 
ATOM   552  N  N     . LEU A 1 72 ? 16.518  -15.436 -18.830 1.00 9.27  ? 67  LEU A N     1 
ATOM   553  C  CA    . LEU A 1 72 ? 17.698  -15.621 -19.664 1.00 10.70 ? 67  LEU A CA    1 
ATOM   554  C  C     . LEU A 1 72 ? 18.961  -15.220 -18.923 1.00 12.31 ? 67  LEU A C     1 
ATOM   555  O  O     . LEU A 1 72 ? 20.000  -15.838 -19.116 1.00 13.43 ? 67  LEU A O     1 
ATOM   556  C  CB    . LEU A 1 72 ? 17.573  -14.753 -20.917 1.00 9.94  ? 67  LEU A CB    1 
ATOM   557  C  CG    . LEU A 1 72 ? 16.484  -15.237 -21.821 1.00 10.12 ? 67  LEU A CG    1 
ATOM   558  C  CD1   . LEU A 1 72 ? 16.147  -14.125 -22.798 1.00 13.61 ? 67  LEU A CD1   1 
ATOM   559  C  CD2   . LEU A 1 72 ? 16.877  -16.449 -22.574 1.00 13.24 ? 67  LEU A CD2   1 
ATOM   560  N  N     . ASP A 1 73 ? 18.888  -14.225 -18.051 1.00 11.84 ? 68  ASP A N     1 
ATOM   561  C  CA    . ASP A 1 73 ? 20.062  -13.665 -17.335 1.00 12.01 ? 68  ASP A CA    1 
ATOM   562  C  C     . ASP A 1 73 ? 19.714  -13.345 -15.885 1.00 11.98 ? 68  ASP A C     1 
ATOM   563  O  O     . ASP A 1 73 ? 19.464  -12.154 -15.550 1.00 11.79 ? 68  ASP A O     1 
ATOM   564  C  CB    . ASP A 1 73 ? 20.520  -12.415 -18.098 1.00 11.41 ? 68  ASP A CB    1 
ATOM   565  C  CG    . ASP A 1 73 ? 21.772  -11.778 -17.573 1.00 13.74 ? 68  ASP A CG    1 
ATOM   566  O  OD1   . ASP A 1 73 ? 22.481  -12.424 -16.753 1.00 14.89 ? 68  ASP A OD1   1 
ATOM   567  O  OD2   . ASP A 1 73 ? 22.104  -10.611 -17.935 1.00 13.32 ? 68  ASP A OD2   1 
ATOM   568  N  N     . PRO A 1 74 ? 19.644  -14.346 -15.016 1.00 11.91 ? 69  PRO A N     1 
ATOM   569  C  CA    . PRO A 1 74 ? 19.244  -14.138 -13.633 1.00 12.60 ? 69  PRO A CA    1 
ATOM   570  C  C     . PRO A 1 74 ? 20.068  -13.095 -12.875 1.00 13.25 ? 69  PRO A C     1 
ATOM   571  O  O     . PRO A 1 74 ? 19.555  -12.505 -11.911 1.00 13.08 ? 69  PRO A O     1 
ATOM   572  C  CB    . PRO A 1 74 ? 19.425  -15.505 -13.013 1.00 11.64 ? 69  PRO A CB    1 
ATOM   573  C  CG    . PRO A 1 74 ? 19.308  -16.468 -14.145 1.00 11.84 ? 69  PRO A CG    1 
ATOM   574  C  CD    . PRO A 1 74 ? 19.801  -15.779 -15.331 1.00 12.55 ? 69  PRO A CD    1 
ATOM   575  N  N     . ASN A 1 75 ? 21.321  -12.890 -13.273 1.00 11.74 ? 70  ASN A N     1 
ATOM   576  C  CA    . ASN A 1 75 ? 22.198  -11.950 -12.586 1.00 11.37 ? 70  ASN A CA    1 
ATOM   577  C  C     . ASN A 1 75 ? 22.161  -10.484 -13.137 1.00 9.67  ? 70  ASN A C     1 
ATOM   578  O  O     . ASN A 1 75 ? 22.971  -9.655  -12.760 1.00 10.12 ? 70  ASN A O     1 
ATOM   579  C  CB    . ASN A 1 75 ? 23.630  -12.500 -12.546 1.00 11.31 ? 70  ASN A CB    1 
ATOM   580  C  CG    . ASN A 1 75 ? 23.721  -13.792 -11.716 1.00 11.45 ? 70  ASN A CG    1 
ATOM   581  O  OD1   . ASN A 1 75 ? 23.196  -13.846 -10.599 1.00 15.13 ? 70  ASN A OD1   1 
ATOM   582  N  ND2   . ASN A 1 75 ? 24.365  -14.816 -12.241 1.00 12.85 ? 70  ASN A ND2   1 
ATOM   583  N  N     . ASN A 1 76 ? 21.185  -10.167 -13.975 1.00 11.34 ? 71  ASN A N     1 
ATOM   584  C  CA    . ASN A 1 76 ? 20.945  -8.777  -14.368 1.00 11.21 ? 71  ASN A CA    1 
ATOM   585  C  C     . ASN A 1 76 ? 20.320  -8.015  -13.192 1.00 12.19 ? 71  ASN A C     1 
ATOM   586  O  O     . ASN A 1 76 ? 19.103  -8.031  -13.006 1.00 14.89 ? 71  ASN A O     1 
ATOM   587  C  CB    . ASN A 1 76 ? 20.049  -8.717  -15.610 1.00 12.26 ? 71  ASN A CB    1 
ATOM   588  C  CG    . ASN A 1 76 ? 19.856  -7.283  -16.140 1.00 11.63 ? 71  ASN A CG    1 
ATOM   589  O  OD1   . ASN A 1 76 ? 20.059  -6.318  -15.438 1.00 12.44 ? 71  ASN A OD1   1 
ATOM   590  N  ND2   . ASN A 1 76 ? 19.402  -7.171  -17.365 1.00 14.76 ? 71  ASN A ND2   1 
ATOM   591  N  N     . ALA A 1 77 ? 21.138  -7.325  -12.423 1.00 12.93 ? 72  ALA A N     1 
ATOM   592  C  CA    . ALA A 1 77 ? 20.667  -6.759  -11.157 1.00 12.93 ? 72  ALA A CA    1 
ATOM   593  C  C     . ALA A 1 77 ? 19.679  -5.635  -11.393 1.00 12.32 ? 72  ALA A C     1 
ATOM   594  O  O     . ALA A 1 77 ? 18.740  -5.473  -10.627 1.00 12.90 ? 72  ALA A O     1 
ATOM   595  C  CB    . ALA A 1 77 ? 21.799  -6.291  -10.342 1.00 12.70 ? 72  ALA A CB    1 
ATOM   596  N  N     . GLU A 1 78 ? 19.900  -4.864  -12.435 1.00 13.13 ? 73  GLU A N     1 
ATOM   597  C  CA    . GLU A 1 78 ? 18.999  -3.776  -12.788 1.00 13.27 ? 73  GLU A CA    1 
ATOM   598  C  C     . GLU A 1 78 ? 17.629  -4.305  -13.161 1.00 13.05 ? 73  GLU A C     1 
ATOM   599  O  O     . GLU A 1 78 ? 16.609  -3.694  -12.785 1.00 11.24 ? 73  GLU A O     1 
ATOM   600  C  CB    . GLU A 1 78 ? 19.559  -2.905  -13.909 1.00 13.22 ? 73  GLU A CB    1 
ATOM   601  C  CG    . GLU A 1 78 ? 20.682  -1.986  -13.472 1.00 13.72 ? 73  GLU A CG    1 
ATOM   602  C  CD    . GLU A 1 78 ? 21.316  -1.206  -14.630 1.00 15.07 ? 73  GLU A CD    1 
ATOM   603  O  OE1   . GLU A 1 78 ? 21.120  -1.605  -15.812 1.00 14.73 ? 73  GLU A OE1   1 
ATOM   604  O  OE2   . GLU A 1 78 ? 22.034  -0.219  -14.367 1.00 15.08 ? 73  GLU A OE2   1 
ATOM   605  N  N     . ALA A 1 79 ? 17.575  -5.410  -13.902 1.00 12.77 ? 74  ALA A N     1 
ATOM   606  C  CA    . ALA A 1 79 ? 16.285  -6.030  -14.173 1.00 11.95 ? 74  ALA A CA    1 
ATOM   607  C  C     . ALA A 1 79 ? 15.575  -6.439  -12.877 1.00 12.09 ? 74  ALA A C     1 
ATOM   608  O  O     . ALA A 1 79 ? 14.371  -6.269  -12.739 1.00 13.54 ? 74  ALA A O     1 
ATOM   609  C  CB    . ALA A 1 79 ? 16.419  -7.178  -15.151 1.00 12.20 ? 74  ALA A CB    1 
ATOM   610  N  N     . LYS A 1 80 ? 16.321  -7.029  -11.952 1.00 13.55 ? 75  LYS A N     1 
ATOM   611  C  CA    . LYS A 1 80 ? 15.722  -7.494  -10.723 1.00 12.81 ? 75  LYS A CA    1 
ATOM   612  C  C     . LYS A 1 80 ? 15.148  -6.317  -9.911  1.00 12.25 ? 75  LYS A C     1 
ATOM   613  O  O     . LYS A 1 80 ? 14.045  -6.375  -9.363  1.00 13.00 ? 75  LYS A O     1 
ATOM   614  C  CB    . LYS A 1 80 ? 16.788  -8.251  -9.907  1.00 14.52 ? 75  LYS A CB    1 
ATOM   615  C  CG    . LYS A 1 80 ? 16.259  -8.769  -8.628  1.00 19.67 ? 75  LYS A CG    1 
ATOM   616  C  CD    . LYS A 1 80 ? 17.104  -9.908  -8.050  1.00 22.66 ? 75  LYS A CD    1 
ATOM   617  C  CE    . LYS A 1 80 ? 16.213  -10.814 -7.174  1.00 26.52 ? 75  LYS A CE    1 
ATOM   618  N  NZ    . LYS A 1 80 ? 16.286  -10.432 -5.736  1.00 30.14 ? 75  LYS A NZ    1 
ATOM   619  N  N     . GLN A 1 81 ? 15.931  -5.255  -9.837  1.00 11.81 ? 76  GLN A N     1 
ATOM   620  C  CA    . GLN A 1 81 ? 15.554  -4.029  -9.137  1.00 12.65 ? 76  GLN A CA    1 
ATOM   621  C  C     . GLN A 1 81 ? 14.292  -3.397  -9.744  1.00 12.07 ? 76  GLN A C     1 
ATOM   622  O  O     . GLN A 1 81 ? 13.322  -3.086  -9.036  1.00 11.86 ? 76  GLN A O     1 
ATOM   623  C  CB    . GLN A 1 81 ? 16.710  -3.023  -9.260  1.00 13.16 ? 76  GLN A CB    1 
ATOM   624  C  CG    . GLN A 1 81 ? 17.963  -3.342  -8.442  1.00 19.19 ? 76  GLN A CG    1 
ATOM   625  C  CD    . GLN A 1 81 ? 19.106  -2.322  -8.671  1.00 24.39 ? 76  GLN A CD    1 
ATOM   626  O  OE1   . GLN A 1 81 ? 19.371  -1.483  -7.813  1.00 27.68 ? 76  GLN A OE1   1 
ATOM   627  N  NE2   . GLN A 1 81 ? 19.790  -2.423  -9.806  1.00 27.08 ? 76  GLN A NE2   1 
ATOM   628  N  N     . ASN A 1 82 ? 14.286  -3.242  -11.065 1.00 11.20 ? 77  ASN A N     1 
ATOM   629  C  CA    . ASN A 1 82 ? 13.192  -2.572  -11.734 1.00 10.76 ? 77  ASN A CA    1 
ATOM   630  C  C     . ASN A 1 82 ? 11.945  -3.432  -11.712 1.00 10.39 ? 77  ASN A C     1 
ATOM   631  O  O     . ASN A 1 82 ? 10.832  -2.905  -11.660 1.00 9.43  ? 77  ASN A O     1 
ATOM   632  C  CB    . ASN A 1 82 ? 13.615  -2.152  -13.136 1.00 10.44 ? 77  ASN A CB    1 
ATOM   633  C  CG    . ASN A 1 82 ? 14.732  -1.126  -13.091 1.00 12.27 ? 77  ASN A CG    1 
ATOM   634  O  OD1   . ASN A 1 82 ? 15.109  -0.653  -12.016 1.00 11.28 ? 77  ASN A OD1   1 
ATOM   635  N  ND2   . ASN A 1 82 ? 15.266  -0.777  -14.254 1.00 20.02 ? 77  ASN A ND2   1 
ATOM   636  N  N     . LEU A 1 83 ? 12.094  -4.757  -11.723 1.00 10.20 ? 78  LEU A N     1 
ATOM   637  C  CA    . LEU A 1 83 ? 10.976  -5.668  -11.549 1.00 11.31 ? 78  LEU A CA    1 
ATOM   638  C  C     . LEU A 1 83 ? 10.261  -5.412  -10.204 1.00 10.74 ? 78  LEU A C     1 
ATOM   639  O  O     . LEU A 1 83 ? 9.027   -5.308  -10.133 1.00 10.93 ? 78  LEU A O     1 
ATOM   640  C  CB    . LEU A 1 83 ? 11.478  -7.094  -11.581 1.00 11.32 ? 78  LEU A CB    1 
ATOM   641  C  CG    . LEU A 1 83 ? 10.448  -8.173  -11.264 1.00 12.39 ? 78  LEU A CG    1 
ATOM   642  C  CD1   . LEU A 1 83 ? 9.317   -8.113  -12.250 1.00 12.85 ? 78  LEU A CD1   1 
ATOM   643  C  CD2   . LEU A 1 83 ? 11.149  -9.554  -11.368 1.00 16.59 ? 78  LEU A CD2   1 
ATOM   644  N  N     . GLY A 1 84 ? 11.062  -5.350  -9.146  1.00 10.90 ? 79  GLY A N     1 
ATOM   645  C  CA    . GLY A 1 84 ? 10.573  -5.075  -7.819  1.00 10.14 ? 79  GLY A CA    1 
ATOM   646  C  C     . GLY A 1 84 ? 9.864   -3.757  -7.718  1.00 10.42 ? 79  GLY A C     1 
ATOM   647  O  O     . GLY A 1 84 ? 8.779   -3.700  -7.152  1.00 9.57  ? 79  GLY A O     1 
ATOM   648  N  N     . ASN A 1 85 ? 10.449  -2.720  -8.322  1.00 10.20 ? 80  ASN A N     1 
ATOM   649  C  CA    . ASN A 1 85 ? 9.840   -1.401  -8.383  1.00 10.95 ? 80  ASN A CA    1 
ATOM   650  C  C     . ASN A 1 85 ? 8.500   -1.486  -9.084  1.00 10.62 ? 80  ASN A C     1 
ATOM   651  O  O     . ASN A 1 85 ? 7.498   -0.953  -8.629  1.00 10.53 ? 80  ASN A O     1 
ATOM   652  C  CB    . ASN A 1 85 ? 10.690  -0.446  -9.219  1.00 12.73 ? 80  ASN A CB    1 
ATOM   653  C  CG    . ASN A 1 85 ? 11.969  -0.003  -8.549  1.00 16.56 ? 80  ASN A CG    1 
ATOM   654  O  OD1   . ASN A 1 85 ? 12.128  -0.099  -7.340  1.00 25.32 ? 80  ASN A OD1   1 
ATOM   655  N  ND2   . ASN A 1 85 ? 12.906  0.502   -9.363  1.00 24.08 ? 80  ASN A ND2   1 
ATOM   656  N  N     . ALA A 1 86 ? 8.498   -2.103  -10.254 1.00 8.53  ? 81  ALA A N     1 
ATOM   657  C  CA    . ALA A 1 86 ? 7.281   -2.211  -11.054 1.00 8.85  ? 81  ALA A CA    1 
ATOM   658  C  C     . ALA A 1 86 ? 6.156   -2.957  -10.316 1.00 8.82  ? 81  ALA A C     1 
ATOM   659  O  O     . ALA A 1 86 ? 5.008   -2.543  -10.366 1.00 9.80  ? 81  ALA A O     1 
ATOM   660  C  CB    . ALA A 1 86 ? 7.571   -2.856  -12.408 1.00 9.63  ? 81  ALA A CB    1 
ATOM   661  N  N     . LYS A 1 87 ? 6.505   -4.043  -9.605  1.00 9.39  ? 82  LYS A N     1 
ATOM   662  C  CA    . LYS A 1 87 ? 5.506   -4.809  -8.859  1.00 9.77  ? 82  LYS A CA    1 
ATOM   663  C  C     . LYS A 1 87 ? 4.898   -3.968  -7.748  1.00 10.54 ? 82  LYS A C     1 
ATOM   664  O  O     . LYS A 1 87 ? 3.723   -4.121  -7.448  1.00 10.07 ? 82  LYS A O     1 
ATOM   665  C  CB    . LYS A 1 87 ? 6.110   -6.103  -8.284  1.00 9.65  ? 82  LYS A CB    1 
ATOM   666  C  CG    . LYS A 1 87 ? 6.314   -7.216  -9.332  1.00 11.68 ? 82  LYS A CG    1 
ATOM   667  C  CD    . LYS A 1 87 ? 6.959   -8.487  -8.768  1.00 15.75 ? 82  LYS A CD    1 
ATOM   668  C  CE    . LYS A 1 87 ? 5.904   -9.533  -8.373  1.00 18.14 ? 82  LYS A CE    1 
ATOM   669  N  NZ    . LYS A 1 87 ? 5.331   -9.219  -7.071  1.00 21.58 ? 82  LYS A NZ    1 
ATOM   670  N  N     . GLN A 1 88 ? 5.687   -3.078  -7.154  1.00 11.46 ? 83  GLN A N     1 
ATOM   671  C  CA    . GLN A 1 88 ? 5.214   -2.247  -6.049  1.00 12.92 ? 83  GLN A CA    1 
ATOM   672  C  C     . GLN A 1 88 ? 4.251   -1.203  -6.580  1.00 13.89 ? 83  GLN A C     1 
ATOM   673  O  O     . GLN A 1 88 ? 3.280   -0.889  -5.939  1.00 12.55 ? 83  GLN A O     1 
ATOM   674  C  CB    . GLN A 1 88 ? 6.377   -1.561  -5.338  1.00 12.78 ? 83  GLN A CB    1 
ATOM   675  C  CG    . GLN A 1 88 ? 6.070   -1.050  -3.944  1.00 17.13 ? 83  GLN A CG    1 
ATOM   676  C  CD    . GLN A 1 88 ? 7.343   -0.897  -3.129  1.00 20.46 ? 83  GLN A CD    1 
ATOM   677  O  OE1   . GLN A 1 88 ? 8.411   -1.401  -3.540  1.00 25.90 ? 83  GLN A OE1   1 
ATOM   678  N  NE2   . GLN A 1 88 ? 7.252   -0.201  -1.999  1.00 22.26 ? 83  GLN A NE2   1 
ATOM   679  N  N     . LYS A 1 89 ? 4.534   -0.708  -7.782  1.00 15.70 ? 84  LYS A N     1 
ATOM   680  C  CA    . LYS A 1 89 ? 3.731   0.313   -8.431  1.00 18.35 ? 84  LYS A CA    1 
ATOM   681  C  C     . LYS A 1 89 ? 2.361   -0.263  -8.767  1.00 20.68 ? 84  LYS A C     1 
ATOM   682  O  O     . LYS A 1 89 ? 1.343   0.385   -8.548  1.00 21.11 ? 84  LYS A O     1 
ATOM   683  C  CB    . LYS A 1 89 ? 4.442   0.814   -9.716  1.00 18.07 ? 84  LYS A CB    1 
ATOM   684  C  CG    . LYS A 1 89 ? 4.824   2.296   -9.679  1.00 18.73 ? 84  LYS A CG    1 
ATOM   685  C  CD    . LYS A 1 89 ? 6.220   2.587   -10.143 1.00 19.14 ? 84  LYS A CD    1 
ATOM   686  C  CE    . LYS A 1 89 ? 6.564   4.047   -10.016 1.00 21.12 ? 84  LYS A CE    1 
ATOM   687  N  NZ    . LYS A 1 89 ? 8.024   4.253   -10.124 1.00 25.36 ? 84  LYS A NZ    1 
ATOM   688  N  N     . GLN A 1 90 ? 2.335   -1.495  -9.282  1.00 23.38 ? 85  GLN A N     1 
ATOM   689  C  CA    . GLN A 1 90 ? 1.088   -2.034  -9.857  1.00 25.17 ? 85  GLN A CA    1 
ATOM   690  C  C     . GLN A 1 90 ? 0.123   -2.621  -8.820  1.00 25.94 ? 85  GLN A C     1 
ATOM   691  O  O     . GLN A 1 90 ? -1.072  -2.306  -8.832  1.00 26.58 ? 85  GLN A O     1 
ATOM   692  C  CB    . GLN A 1 90 ? 1.376   -3.040  -10.984 1.00 25.25 ? 85  GLN A CB    1 
ATOM   693  C  CG    . GLN A 1 90 ? 2.223   -4.230  -10.607 1.00 25.85 ? 85  GLN A CG    1 
ATOM   694  C  CD    . GLN A 1 90 ? 1.616   -5.563  -11.030 1.00 28.03 ? 85  GLN A CD    1 
ATOM   695  O  OE1   . GLN A 1 90 ? 1.872   -6.601  -10.396 1.00 25.96 ? 85  GLN A OE1   1 
ATOM   696  N  NE2   . GLN A 1 90 ? 0.812   -5.543  -12.099 1.00 28.35 ? 85  GLN A NE2   1 
ATOM   697  N  N     . GLY A 1 91 ? 0.636   -3.459  -7.925  1.00 27.15 ? 86  GLY A N     1 
ATOM   698  C  CA    . GLY A 1 91 ? -0.163  -4.038  -6.861  1.00 27.77 ? 86  GLY A CA    1 
ATOM   699  C  C     . GLY A 1 91 ? -0.270  -3.061  -5.704  1.00 28.34 ? 86  GLY A C     1 
ATOM   700  O  O     . GLY A 1 91 ? -1.230  -3.077  -4.931  1.00 28.27 ? 86  GLY A O     1 
ATOM   701  O  OXT   . GLY A 1 91 ? 0.624   -2.224  -5.541  1.00 29.24 ? 86  GLY A OXT   1 
ATOM   702  N  N     . GLY B 1 6  ? -20.296 12.001  9.494   1.00 23.75 ? 1   GLY B N     1 
ATOM   703  C  CA    . GLY B 1 6  ? -20.190 11.492  8.075   1.00 22.04 ? 1   GLY B CA    1 
ATOM   704  C  C     . GLY B 1 6  ? -18.754 11.327  7.599   1.00 20.30 ? 1   GLY B C     1 
ATOM   705  O  O     . GLY B 1 6  ? -17.900 10.988  8.394   1.00 19.76 ? 1   GLY B O     1 
ATOM   706  N  N     . ASN B 1 7  ? -18.504 11.685  6.333   1.00 19.30 ? 2   ASN B N     1 
ATOM   707  C  CA    . ASN B 1 7  ? -17.218 11.483  5.646   1.00 17.62 ? 2   ASN B CA    1 
ATOM   708  C  C     . ASN B 1 7  ? -15.971 11.832  6.563   1.00 15.28 ? 2   ASN B C     1 
ATOM   709  O  O     . ASN B 1 7  ? -15.215 10.948  6.907   1.00 13.04 ? 2   ASN B O     1 
ATOM   710  C  CB    . ASN B 1 7  ? -17.210 12.201  4.255   1.00 20.11 ? 2   ASN B CB    1 
ATOM   711  C  CG    . ASN B 1 7  ? -18.586 12.075  3.427   1.00 24.25 ? 2   ASN B CG    1 
ATOM   712  O  OD1   . ASN B 1 7  ? -18.708 11.264  2.477   1.00 30.95 ? 2   ASN B OD1   1 
ATOM   713  N  ND2   . ASN B 1 7  ? -19.574 12.937  3.752   1.00 29.05 ? 2   ASN B ND2   1 
ATOM   714  N  N     . SER B 1 8  ? -15.766 13.092  6.964   1.00 11.48 ? 3   SER B N     1 
ATOM   715  C  CA    . SER B 1 8  ? -14.618 13.460  7.772   1.00 10.27 ? 3   SER B CA    1 
ATOM   716  C  C     . SER B 1 8  ? -14.580 12.827  9.170   1.00 10.80 ? 3   SER B C     1 
ATOM   717  O  O     . SER B 1 8  ? -13.529 12.460  9.634   1.00 9.65  ? 3   SER B O     1 
ATOM   718  C  CB    . SER B 1 8  ? -14.497 14.985  7.885   1.00 11.00 ? 3   SER B CB    1 
ATOM   719  O  OG    . SER B 1 8  ? -15.662 15.589  8.441   1.00 11.07 ? 3   SER B OG    1 
ATOM   720  N  N     . ALA B 1 9  ? -15.724 12.654  9.847   1.00 10.61 ? 4   ALA B N     1 
ATOM   721  C  CA    . ALA B 1 9  ? -15.742 11.968  11.130  1.00 10.01 ? 4   ALA B CA    1 
ATOM   722  C  C     . ALA B 1 9  ? -15.282 10.511  11.026  1.00 9.44  ? 4   ALA B C     1 
ATOM   723  O  O     . ALA B 1 9  ? -14.461 10.070  11.830  1.00 10.93 ? 4   ALA B O     1 
ATOM   724  C  CB    . ALA B 1 9  ? -17.114 12.044  11.749  1.00 10.58 ? 4   ALA B CB    1 
ATOM   725  N  N     . GLU B 1 10 ? -15.729 9.831   9.990   1.00 10.18 ? 5   GLU B N     1 
ATOM   726  C  CA    . GLU B 1 10 ? -15.352 8.452   9.764   1.00 10.77 ? 5   GLU B CA    1 
ATOM   727  C  C     . GLU B 1 10 ? -13.862 8.409   9.498   1.00 9.65  ? 5   GLU B C     1 
ATOM   728  O  O     . GLU B 1 10 ? -13.199 7.475   9.887   1.00 9.72  ? 5   GLU B O     1 
ATOM   729  C  CB    . GLU B 1 10 ? -16.154 7.794   8.635   1.00 11.96 ? 5   GLU B CB    1 
ATOM   730  C  CG    . GLU B 1 10 ? -16.388 6.307   8.839   1.00 19.96 ? 5   GLU B CG    1 
ATOM   731  C  CD    . GLU B 1 10 ? -17.160 6.025   10.133  1.00 26.00 ? 5   GLU B CD    1 
ATOM   732  O  OE1   . GLU B 1 10 ? -18.276 6.597   10.331  1.00 34.23 ? 5   GLU B OE1   1 
ATOM   733  O  OE2   . GLU B 1 10 ? -16.655 5.247   10.961  1.00 32.38 ? 5   GLU B OE2   1 
ATOM   734  N  N     . ALA B 1 11 ? -13.361 9.408   8.761   1.00 9.21  ? 6   ALA B N     1 
ATOM   735  C  CA    . ALA B 1 11 ? -11.952 9.403   8.390   1.00 8.75  ? 6   ALA B CA    1 
ATOM   736  C  C     . ALA B 1 11 ? -11.062 9.617   9.604   1.00 9.15  ? 6   ALA B C     1 
ATOM   737  O  O     . ALA B 1 11 ? -10.011 8.985   9.705   1.00 10.46 ? 6   ALA B O     1 
ATOM   738  C  CB    . ALA B 1 11 ? -11.658 10.428  7.273   1.00 8.93  ? 6   ALA B CB    1 
ATOM   739  N  N     . TRP B 1 12 ? -11.432 10.531  10.490  1.00 9.01  ? 7   TRP B N     1 
ATOM   740  C  CA    . TRP B 1 12 ? -10.689 10.681  11.732  1.00 9.63  ? 7   TRP B CA    1 
ATOM   741  C  C     . TRP B 1 12 ? -10.714 9.376   12.553  1.00 10.41 ? 7   TRP B C     1 
ATOM   742  O  O     . TRP B 1 12 ? -9.707  9.019   13.160  1.00 12.46 ? 7   TRP B O     1 
ATOM   743  C  CB    . TRP B 1 12 ? -11.202 11.832  12.581  1.00 10.71 ? 7   TRP B CB    1 
ATOM   744  C  CG    . TRP B 1 12 ? -10.816 13.179  12.096  1.00 9.16  ? 7   TRP B CG    1 
ATOM   745  C  CD1   . TRP B 1 12 ? -11.629 14.102  11.534  1.00 7.94  ? 7   TRP B CD1   1 
ATOM   746  C  CD2   . TRP B 1 12 ? -9.502  13.788  12.118  1.00 10.01 ? 7   TRP B CD2   1 
ATOM   747  N  NE1   . TRP B 1 12 ? -10.947 15.234  11.241  1.00 10.85 ? 7   TRP B NE1   1 
ATOM   748  C  CE2   . TRP B 1 12 ? -9.641  15.073  11.597  1.00 10.52 ? 7   TRP B CE2   1 
ATOM   749  C  CE3   . TRP B 1 12 ? -8.247  13.388  12.583  1.00 11.12 ? 7   TRP B CE3   1 
ATOM   750  C  CZ2   . TRP B 1 12 ? -8.582  15.949  11.466  1.00 12.91 ? 7   TRP B CZ2   1 
ATOM   751  C  CZ3   . TRP B 1 12 ? -7.169  14.259  12.422  1.00 12.82 ? 7   TRP B CZ3   1 
ATOM   752  C  CH2   . TRP B 1 12 ? -7.356  15.530  11.870  1.00 10.99 ? 7   TRP B CH2   1 
ATOM   753  N  N     . TYR B 1 13 ? -11.886 8.714   12.634  1.00 10.83 ? 8   TYR B N     1 
ATOM   754  C  CA    . TYR B 1 13 ? -12.059 7.467   13.334  1.00 11.23 ? 8   TYR B CA    1 
ATOM   755  C  C     . TYR B 1 13 ? -11.099 6.419   12.754  1.00 11.39 ? 8   TYR B C     1 
ATOM   756  O  O     . TYR B 1 13 ? -10.380 5.750   13.492  1.00 12.24 ? 8   TYR B O     1 
ATOM   757  C  CB    . TYR B 1 13 ? -13.539 6.989   13.252  1.00 11.13 ? 8   TYR B CB    1 
ATOM   758  C  CG    . TYR B 1 13 ? -13.738 5.556   13.599  1.00 12.11 ? 8   TYR B CG    1 
ATOM   759  C  CD1   . TYR B 1 13 ? -13.469 5.102   14.880  1.00 13.11 ? 8   TYR B CD1   1 
ATOM   760  C  CD2   . TYR B 1 13 ? -14.142 4.657   12.654  1.00 14.67 ? 8   TYR B CD2   1 
ATOM   761  C  CE1   . TYR B 1 13 ? -13.649 3.773   15.181  1.00 13.65 ? 8   TYR B CE1   1 
ATOM   762  C  CE2   . TYR B 1 13 ? -14.310 3.315   12.964  1.00 15.51 ? 8   TYR B CE2   1 
ATOM   763  C  CZ    . TYR B 1 13 ? -14.055 2.908   14.226  1.00 15.62 ? 8   TYR B CZ    1 
ATOM   764  O  OH    . TYR B 1 13 ? -14.192 1.564   14.532  1.00 17.65 ? 8   TYR B OH    1 
ATOM   765  N  N     . ASN B 1 14 ? -11.061 6.285   11.436  1.00 9.28  ? 9   ASN B N     1 
ATOM   766  C  CA    . ASN B 1 14 ? -10.207 5.290   10.778  1.00 11.06 ? 9   ASN B CA    1 
ATOM   767  C  C     . ASN B 1 14 ? -8.734  5.629   11.035  1.00 11.97 ? 9   ASN B C     1 
ATOM   768  O  O     . ASN B 1 14 ? -7.906  4.743   11.172  1.00 11.96 ? 9   ASN B O     1 
ATOM   769  C  CB    . ASN B 1 14 ? -10.517 5.258   9.306   1.00 10.07 ? 9   ASN B CB    1 
ATOM   770  C  CG    . ASN B 1 14 ? -11.836 4.545   8.994   1.00 16.75 ? 9   ASN B CG    1 
ATOM   771  O  OD1   . ASN B 1 14 ? -12.310 3.716   9.769   1.00 22.93 ? 9   ASN B OD1   1 
ATOM   772  N  ND2   . ASN B 1 14 ? -12.372 4.792   7.794   1.00 22.58 ? 9   ASN B ND2   1 
ATOM   773  N  N     . LEU B 1 15 ? -8.407  6.917   11.092  1.00 11.58 ? 10  LEU B N     1 
ATOM   774  C  CA    . LEU B 1 15 ? -7.053  7.344   11.454  1.00 11.69 ? 10  LEU B CA    1 
ATOM   775  C  C     . LEU B 1 15 ? -6.712  6.920   12.870  1.00 11.02 ? 10  LEU B C     1 
ATOM   776  O  O     . LEU B 1 15 ? -5.612  6.371   13.086  1.00 11.50 ? 10  LEU B O     1 
ATOM   777  C  CB    . LEU B 1 15 ? -6.872  8.864   11.264  1.00 11.70 ? 10  LEU B CB    1 
ATOM   778  C  CG    . LEU B 1 15 ? -5.450  9.370   11.393  1.00 12.21 ? 10  LEU B CG    1 
ATOM   779  C  CD1   . LEU B 1 15 ? -4.545  8.838   10.316  1.00 10.01 ? 10  LEU B CD1   1 
ATOM   780  C  CD2   . LEU B 1 15 ? -5.489  10.896  11.370  1.00 12.04 ? 10  LEU B CD2   1 
ATOM   781  N  N     . GLY B 1 16 ? -7.624  7.109   13.822  1.00 12.26 ? 11  GLY B N     1 
ATOM   782  C  CA    . GLY B 1 16 ? -7.449  6.622   15.168  1.00 10.89 ? 11  GLY B CA    1 
ATOM   783  C  C     . GLY B 1 16 ? -7.151  5.135   15.171  1.00 11.26 ? 11  GLY B C     1 
ATOM   784  O  O     . GLY B 1 16 ? -6.185  4.682   15.866  1.00 12.30 ? 11  GLY B O     1 
ATOM   785  N  N     . ASN B 1 17 ? -7.928  4.368   14.401  1.00 10.90 ? 12  ASN B N     1 
ATOM   786  C  CA    . ASN B 1 17 ? -7.743  2.913   14.351  1.00 10.86 ? 12  ASN B CA    1 
ATOM   787  C  C     . ASN B 1 17 ? -6.349  2.571   13.841  1.00 10.89 ? 12  ASN B C     1 
ATOM   788  O  O     . ASN B 1 17 ? -5.755  1.614   14.305  1.00 11.97 ? 12  ASN B O     1 
ATOM   789  C  CB    . ASN B 1 17 ? -8.759  2.218   13.441  1.00 9.89  ? 12  ASN B CB    1 
ATOM   790  C  CG    . ASN B 1 17 ? -10.143 2.125   14.030  1.00 12.24 ? 12  ASN B CG    1 
ATOM   791  O  OD1   . ASN B 1 17 ? -11.134 1.854   13.294  1.00 18.74 ? 12  ASN B OD1   1 
ATOM   792  N  ND2   . ASN B 1 17 ? -10.258 2.346   15.300  1.00 11.48 ? 12  ASN B ND2   1 
ATOM   793  N  N     . ALA B 1 18 ? -5.834  3.295   12.853  1.00 11.74 ? 13  ALA B N     1 
ATOM   794  C  CA    . ALA B 1 18 ? -4.502  3.014   12.334  1.00 10.84 ? 13  ALA B CA    1 
ATOM   795  C  C     . ALA B 1 18 ? -3.438  3.140   13.415  1.00 11.50 ? 13  ALA B C     1 
ATOM   796  O  O     . ALA B 1 18 ? -2.544  2.287   13.525  1.00 11.67 ? 13  ALA B O     1 
ATOM   797  C  CB    . ALA B 1 18 ? -4.200  3.906   11.195  1.00 11.58 ? 13  ALA B CB    1 
ATOM   798  N  N     . TYR B 1 19 ? -3.536  4.208   14.202  1.00 11.31 ? 14  TYR B N     1 
ATOM   799  C  CA    . TYR B 1 19 ? -2.592  4.426   15.314  1.00 11.11 ? 14  TYR B CA    1 
ATOM   800  C  C     . TYR B 1 19 ? -2.824  3.446   16.424  1.00 11.74 ? 14  TYR B C     1 
ATOM   801  O  O     . TYR B 1 19 ? -1.863  2.981   17.017  1.00 12.20 ? 14  TYR B O     1 
ATOM   802  C  CB    . TYR B 1 19 ? -2.629  5.903   15.764  1.00 11.45 ? 14  TYR B CB    1 
ATOM   803  C  CG    . TYR B 1 19 ? -1.900  6.776   14.802  1.00 9.92  ? 14  TYR B CG    1 
ATOM   804  C  CD1   . TYR B 1 19 ? -2.588  7.392   13.736  1.00 12.82 ? 14  TYR B CD1   1 
ATOM   805  C  CD2   . TYR B 1 19 ? -0.502  6.942   14.859  1.00 11.35 ? 14  TYR B CD2   1 
ATOM   806  C  CE1   . TYR B 1 19 ? -1.889  8.189   12.816  1.00 13.35 ? 14  TYR B CE1   1 
ATOM   807  C  CE2   . TYR B 1 19 ? 0.182   7.713   13.986  1.00 12.13 ? 14  TYR B CE2   1 
ATOM   808  C  CZ    . TYR B 1 19 ? -0.495  8.334   12.934  1.00 11.01 ? 14  TYR B CZ    1 
ATOM   809  O  OH    . TYR B 1 19 ? 0.263   9.070   12.020  1.00 12.16 ? 14  TYR B OH    1 
ATOM   810  N  N     . TYR B 1 20 ? -4.074  3.077   16.693  1.00 11.22 ? 15  TYR B N     1 
ATOM   811  C  CA    . TYR B 1 20 ? -4.359  2.059   17.709  1.00 10.18 ? 15  TYR B CA    1 
ATOM   812  C  C     . TYR B 1 20 ? -3.652  0.757   17.320  1.00 10.69 ? 15  TYR B C     1 
ATOM   813  O  O     . TYR B 1 20 ? -3.024  0.080   18.149  1.00 11.57 ? 15  TYR B O     1 
ATOM   814  C  CB    . TYR B 1 20 ? -5.870  1.877   17.865  1.00 10.77 ? 15  TYR B CB    1 
ATOM   815  C  CG    . TYR B 1 20 ? -6.283  0.911   18.937  1.00 9.42  ? 15  TYR B CG    1 
ATOM   816  C  CD1   . TYR B 1 20 ? -6.719  1.363   20.172  1.00 11.24 ? 15  TYR B CD1   1 
ATOM   817  C  CD2   . TYR B 1 20 ? -6.203  -0.469  18.754  1.00 10.64 ? 15  TYR B CD2   1 
ATOM   818  C  CE1   . TYR B 1 20 ? -7.072  0.515   21.135  1.00 10.04 ? 15  TYR B CE1   1 
ATOM   819  C  CE2   . TYR B 1 20 ? -6.583  -1.370  19.752  1.00 11.35 ? 15  TYR B CE2   1 
ATOM   820  C  CZ    . TYR B 1 20 ? -7.019  -0.868  20.941  1.00 10.59 ? 15  TYR B CZ    1 
ATOM   821  O  OH    . TYR B 1 20 ? -7.365  -1.756  21.889  1.00 10.36 ? 15  TYR B OH    1 
ATOM   822  N  N     . LYS B 1 21 ? -3.779  0.396   16.054  1.00 11.47 ? 16  LYS B N     1 
ATOM   823  C  CA    . LYS B 1 21 ? -3.192  -0.877  15.607  1.00 12.34 ? 16  LYS B CA    1 
ATOM   824  C  C     . LYS B 1 21 ? -1.653  -0.913  15.773  1.00 12.58 ? 16  LYS B C     1 
ATOM   825  O  O     . LYS B 1 21 ? -1.067  -1.974  15.998  1.00 12.75 ? 16  LYS B O     1 
ATOM   826  C  CB    . LYS B 1 21 ? -3.605  -1.214  14.168  1.00 13.08 ? 16  LYS B CB    1 
ATOM   827  C  CG    . LYS B 1 21 ? -5.066  -1.592  14.015  1.00 16.80 ? 16  LYS B CG    1 
ATOM   828  C  CD    . LYS B 1 21 ? -5.384  -2.159  12.641  1.00 22.12 ? 16  LYS B CD    1 
ATOM   829  C  CE    . LYS B 1 21 ? -6.899  -2.171  12.358  1.00 25.28 ? 16  LYS B CE    1 
ATOM   830  N  NZ    . LYS B 1 21 ? -7.423  -3.576  12.515  1.00 28.77 ? 16  LYS B NZ    1 
ATOM   831  N  N     . GLN B 1 22 ? -1.023  0.272   15.672  1.00 13.20 ? 17  GLN B N     1 
ATOM   832  C  CA    . GLN B 1 22 ? 0.411   0.426   15.766  1.00 13.92 ? 17  GLN B CA    1 
ATOM   833  C  C     . GLN B 1 22 ? 0.867   0.486   17.205  1.00 12.91 ? 17  GLN B C     1 
ATOM   834  O  O     . GLN B 1 22 ? 2.073   0.432   17.482  1.00 14.24 ? 17  GLN B O     1 
ATOM   835  C  CB    . GLN B 1 22 ? 0.867   1.716   14.998  1.00 15.43 ? 17  GLN B CB    1 
ATOM   836  C  CG    . GLN B 1 22 ? 0.714   1.567   13.491  1.00 20.77 ? 17  GLN B CG    1 
ATOM   837  C  CD    . GLN B 1 22 ? 0.864   2.879   12.678  1.00 26.34 ? 17  GLN B CD    1 
ATOM   838  O  OE1   . GLN B 1 22 ? 0.567   2.883   11.467  1.00 33.07 ? 17  GLN B OE1   1 
ATOM   839  N  NE2   . GLN B 1 22 ? 1.331   3.967   13.325  1.00 25.36 ? 17  GLN B NE2   1 
ATOM   840  N  N     . GLY B 1 23 ? -0.096  0.596   18.119  1.00 13.04 ? 18  GLY B N     1 
ATOM   841  C  CA    . GLY B 1 23 ? 0.172   0.650   19.543  1.00 12.43 ? 18  GLY B CA    1 
ATOM   842  C  C     . GLY B 1 23 ? 0.402   2.036   20.092  1.00 12.40 ? 18  GLY B C     1 
ATOM   843  O  O     . GLY B 1 23 ? 0.815   2.188   21.251  1.00 13.30 ? 18  GLY B O     1 
ATOM   844  N  N     . ASP B 1 24 ? 0.108   3.062   19.305  1.00 11.25 ? 19  ASP B N     1 
ATOM   845  C  CA    . ASP B 1 24 ? 0.267   4.447   19.731  1.00 10.44 ? 19  ASP B CA    1 
ATOM   846  C  C     . ASP B 1 24 ? -1.082  4.974   20.213  1.00 9.77  ? 19  ASP B C     1 
ATOM   847  O  O     . ASP B 1 24 ? -1.798  5.719   19.495  1.00 11.93 ? 19  ASP B O     1 
ATOM   848  C  CB    . ASP B 1 24 ? 0.821   5.320   18.604  1.00 9.21  ? 19  ASP B CB    1 
ATOM   849  C  CG    . ASP B 1 24 ? 1.365   6.630   19.086  1.00 12.38 ? 19  ASP B CG    1 
ATOM   850  O  OD1   . ASP B 1 24 ? 1.057   7.023   20.253  1.00 10.94 ? 19  ASP B OD1   1 
ATOM   851  O  OD2   . ASP B 1 24 ? 2.140   7.322   18.390  1.00 12.85 ? 19  ASP B OD2   1 
ATOM   852  N  N     . TYR B 1 25 ? -1.419  4.606   21.436  1.00 10.25 ? 20  TYR B N     1 
ATOM   853  C  CA    . TYR B 1 25 ? -2.753  4.882   21.974  1.00 10.28 ? 20  TYR B CA    1 
ATOM   854  C  C     . TYR B 1 25 ? -2.965  6.367   22.197  1.00 11.01 ? 20  TYR B C     1 
ATOM   855  O  O     . TYR B 1 25 ? -4.077  6.876   22.089  1.00 11.33 ? 20  TYR B O     1 
ATOM   856  C  CB    . TYR B 1 25 ? -2.995  4.076   23.242  1.00 11.22 ? 20  TYR B CB    1 
ATOM   857  C  CG    . TYR B 1 25 ? -2.821  2.613   22.997  1.00 10.47 ? 20  TYR B CG    1 
ATOM   858  C  CD1   . TYR B 1 25 ? -1.828  1.901   23.620  1.00 12.05 ? 20  TYR B CD1   1 
ATOM   859  C  CD2   . TYR B 1 25 ? -3.570  1.955   22.001  1.00 12.93 ? 20  TYR B CD2   1 
ATOM   860  C  CE1   . TYR B 1 25 ? -1.639  0.561   23.350  1.00 12.04 ? 20  TYR B CE1   1 
ATOM   861  C  CE2   . TYR B 1 25 ? -3.350  0.621   21.685  1.00 11.85 ? 20  TYR B CE2   1 
ATOM   862  C  CZ    . TYR B 1 25 ? -2.372  -0.079  22.389  1.00 14.16 ? 20  TYR B CZ    1 
ATOM   863  O  OH    . TYR B 1 25 ? -2.168  -1.414  22.119  1.00 16.44 ? 20  TYR B OH    1 
ATOM   864  N  N     . ASP B 1 26 ? -1.900  7.075   22.544  1.00 10.52 ? 21  ASP B N     1 
ATOM   865  C  CA    . ASP B 1 26 ? -2.003  8.507   22.784  1.00 9.84  ? 21  ASP B CA    1 
ATOM   866  C  C     . ASP B 1 26 ? -2.484  9.214   21.519  1.00 10.84 ? 21  ASP B C     1 
ATOM   867  O  O     . ASP B 1 26 ? -3.368  10.089  21.554  1.00 11.73 ? 21  ASP B O     1 
ATOM   868  C  CB    . ASP B 1 26 ? -0.673  9.075   23.254  1.00 10.73 ? 21  ASP B CB    1 
ATOM   869  C  CG    . ASP B 1 26 ? -0.765  10.526  23.520  1.00 9.20  ? 21  ASP B CG    1 
ATOM   870  O  OD1   . ASP B 1 26 ? -1.080  10.825  24.697  1.00 10.41 ? 21  ASP B OD1   1 
ATOM   871  O  OD2   . ASP B 1 26 ? -0.527  11.398  22.656  1.00 10.82 ? 21  ASP B OD2   1 
ATOM   872  N  N     . GLU B 1 27 ? -1.864  8.884   20.385  1.00 11.41 ? 22  GLU B N     1 
ATOM   873  C  CA    . GLU B 1 27 ? -2.215  9.494   19.122  1.00 13.62 ? 22  GLU B CA    1 
ATOM   874  C  C     . GLU B 1 27 ? -3.595  9.017   18.647  1.00 13.59 ? 22  GLU B C     1 
ATOM   875  O  O     . GLU B 1 27 ? -4.433  9.792   18.158  1.00 13.37 ? 22  GLU B O     1 
ATOM   876  C  CB    . GLU B 1 27 ? -1.135  9.207   18.099  1.00 15.63 ? 22  GLU B CB    1 
ATOM   877  C  CG    . GLU B 1 27 ? -1.380  9.975   16.833  1.00 20.97 ? 22  GLU B CG    1 
ATOM   878  C  CD    . GLU B 1 27 ? -0.522  11.134  16.620  1.00 28.40 ? 22  GLU B CD    1 
ATOM   879  O  OE1   . GLU B 1 27 ? -0.373  11.943  17.603  1.00 31.15 ? 22  GLU B OE1   1 
ATOM   880  O  OE2   . GLU B 1 27 ? -0.082  11.217  15.420  1.00 22.70 ? 22  GLU B OE2   1 
ATOM   881  N  N     . ALA B 1 28 ? -3.896  7.751   18.865  1.00 12.78 ? 23  ALA B N     1 
ATOM   882  C  CA    . ALA B 1 28 ? -5.205  7.198   18.528  1.00 12.50 ? 23  ALA B CA    1 
ATOM   883  C  C     . ALA B 1 28 ? -6.310  7.966   19.252  1.00 13.05 ? 23  ALA B C     1 
ATOM   884  O  O     . ALA B 1 28 ? -7.294  8.395   18.639  1.00 12.57 ? 23  ALA B O     1 
ATOM   885  C  CB    . ALA B 1 28 ? -5.290  5.697   18.888  1.00 12.80 ? 23  ALA B CB    1 
ATOM   886  N  N     . ILE B 1 29 ? -6.105  8.236   20.545  1.00 11.15 ? 24  ILE B N     1 
ATOM   887  C  CA    . ILE B 1 29 ? -7.073  8.997   21.333  1.00 10.31 ? 24  ILE B CA    1 
ATOM   888  C  C     . ILE B 1 29 ? -7.306  10.360  20.699  1.00 11.06 ? 24  ILE B C     1 
ATOM   889  O  O     . ILE B 1 29 ? -8.456  10.795  20.608  1.00 11.22 ? 24  ILE B O     1 
ATOM   890  C  CB    . ILE B 1 29 ? -6.600  9.110   22.771  1.00 10.01 ? 24  ILE B CB    1 
ATOM   891  C  CG1   . ILE B 1 29 ? -6.750  7.740   23.445  1.00 10.36 ? 24  ILE B CG1   1 
ATOM   892  C  CG2   . ILE B 1 29 ? -7.399  10.148  23.548  1.00 8.45  ? 24  ILE B CG2   1 
ATOM   893  C  CD1   . ILE B 1 29 ? -5.956  7.585   24.710  1.00 10.23 ? 24  ILE B CD1   1 
ATOM   894  N  N     . GLU B 1 30 ? -6.236  11.037  20.286  1.00 11.10 ? 25  GLU B N     1 
ATOM   895  C  CA    . GLU B 1 30 ? -6.393  12.350  19.675  1.00 11.52 ? 25  GLU B CA    1 
ATOM   896  C  C     . GLU B 1 30 ? -7.376  12.310  18.510  1.00 11.96 ? 25  GLU B C     1 
ATOM   897  O  O     . GLU B 1 30 ? -8.212  13.203  18.346  1.00 12.59 ? 25  GLU B O     1 
ATOM   898  C  CB    . GLU B 1 30 ? -5.025  12.825  19.216  1.00 13.60 ? 25  GLU B CB    1 
ATOM   899  C  CG    . GLU B 1 30 ? -4.975  14.241  18.774  1.00 15.53 ? 25  GLU B CG    1 
ATOM   900  C  CD    . GLU B 1 30 ? -3.571  14.792  18.676  1.00 20.42 ? 25  GLU B CD    1 
ATOM   901  O  OE1   . GLU B 1 30 ? -2.658  14.447  19.466  1.00 22.76 ? 25  GLU B OE1   1 
ATOM   902  O  OE2   . GLU B 1 30 ? -3.360  15.632  17.793  1.00 23.61 ? 25  GLU B OE2   1 
ATOM   903  N  N     . TYR B 1 31 ? -7.253  11.286  17.679  1.00 12.38 ? 26  TYR B N     1 
ATOM   904  C  CA    . TYR B 1 31 ? -8.065  11.269  16.477  1.00 12.06 ? 26  TYR B CA    1 
ATOM   905  C  C     . TYR B 1 31 ? -9.467  10.774  16.747  1.00 11.86 ? 26  TYR B C     1 
ATOM   906  O  O     . TYR B 1 31 ? -10.413 11.199  16.086  1.00 12.09 ? 26  TYR B O     1 
ATOM   907  C  CB    . TYR B 1 31 ? -7.360  10.478  15.381  1.00 12.03 ? 26  TYR B CB    1 
ATOM   908  C  CG    . TYR B 1 31 ? -5.961  11.052  15.118  1.00 12.84 ? 26  TYR B CG    1 
ATOM   909  C  CD1   . TYR B 1 31 ? -4.870  10.232  14.869  1.00 14.33 ? 26  TYR B CD1   1 
ATOM   910  C  CD2   . TYR B 1 31 ? -5.748  12.403  15.151  1.00 12.73 ? 26  TYR B CD2   1 
ATOM   911  C  CE1   . TYR B 1 31 ? -3.609  10.749  14.652  1.00 13.16 ? 26  TYR B CE1   1 
ATOM   912  C  CE2   . TYR B 1 31 ? -4.467  12.954  14.933  1.00 13.54 ? 26  TYR B CE2   1 
ATOM   913  C  CZ    . TYR B 1 31 ? -3.404  12.080  14.692  1.00 12.57 ? 26  TYR B CZ    1 
ATOM   914  O  OH    . TYR B 1 31 ? -2.184  12.695  14.518  1.00 15.10 ? 26  TYR B OH    1 
ATOM   915  N  N     . TYR B 1 32 ? -9.638  9.847   17.702  1.00 12.50 ? 27  TYR B N     1 
ATOM   916  C  CA    . TYR B 1 32 ? -10.965 9.400   18.089  1.00 11.45 ? 27  TYR B CA    1 
ATOM   917  C  C     . TYR B 1 32 ? -11.743 10.575  18.678  1.00 11.64 ? 27  TYR B C     1 
ATOM   918  O  O     . TYR B 1 32 ? -12.927 10.744  18.429  1.00 11.83 ? 27  TYR B O     1 
ATOM   919  C  CB    . TYR B 1 32 ? -10.903 8.290   19.113  1.00 11.94 ? 27  TYR B CB    1 
ATOM   920  C  CG    . TYR B 1 32 ? -10.428 6.970   18.639  1.00 11.22 ? 27  TYR B CG    1 
ATOM   921  C  CD1   . TYR B 1 32 ? -9.635  6.175   19.481  1.00 10.76 ? 27  TYR B CD1   1 
ATOM   922  C  CD2   . TYR B 1 32 ? -10.759 6.462   17.392  1.00 14.35 ? 27  TYR B CD2   1 
ATOM   923  C  CE1   . TYR B 1 32 ? -9.187  4.895   19.071  1.00 12.58 ? 27  TYR B CE1   1 
ATOM   924  C  CE2   . TYR B 1 32 ? -10.305 5.201   16.976  1.00 13.50 ? 27  TYR B CE2   1 
ATOM   925  C  CZ    . TYR B 1 32 ? -9.496  4.439   17.817  1.00 12.00 ? 27  TYR B CZ    1 
ATOM   926  O  OH    . TYR B 1 32 ? -9.082  3.191   17.432  1.00 13.29 ? 27  TYR B OH    1 
ATOM   927  N  N     . GLN B 1 33 ? -11.055 11.414  19.440  1.00 11.53 ? 28  GLN B N     1 
ATOM   928  C  CA    . GLN B 1 33 ? -11.678 12.580  20.001  1.00 12.39 ? 28  GLN B CA    1 
ATOM   929  C  C     . GLN B 1 33 ? -12.156 13.523  18.905  1.00 11.79 ? 28  GLN B C     1 
ATOM   930  O  O     . GLN B 1 33 ? -13.232 14.100  19.004  1.00 12.35 ? 28  GLN B O     1 
ATOM   931  C  CB    . GLN B 1 33 ? -10.689 13.304  20.947  1.00 13.38 ? 28  GLN B CB    1 
ATOM   932  C  CG    . GLN B 1 33 ? -10.445 12.574  22.241  1.00 17.90 ? 28  GLN B CG    1 
ATOM   933  C  CD    . GLN B 1 33 ? -9.363  13.250  23.097  1.00 22.57 ? 28  GLN B CD    1 
ATOM   934  O  OE1   . GLN B 1 33 ? -8.367  13.799  22.563  1.00 28.97 ? 28  GLN B OE1   1 
ATOM   935  N  NE2   . GLN B 1 33 ? -9.530  13.184  24.394  1.00 24.94 ? 28  GLN B NE2   1 
ATOM   936  N  N     . LYS B 1 34 ? -11.342 13.722  17.884  1.00 12.37 ? 29  LYS B N     1 
ATOM   937  C  CA    . LYS B 1 34 ? -11.727 14.556  16.770  1.00 11.19 ? 29  LYS B CA    1 
ATOM   938  C  C     . LYS B 1 34 ? -12.940 13.976  16.037  1.00 11.40 ? 29  LYS B C     1 
ATOM   939  O  O     . LYS B 1 34 ? -13.903 14.684  15.729  1.00 11.02 ? 29  LYS B O     1 
ATOM   940  C  CB    . LYS B 1 34 ? -10.530 14.829  15.856  1.00 13.52 ? 29  LYS B CB    1 
ATOM   941  C  CG    . LYS B 1 34 ? -10.830 15.679  14.731  1.00 14.75 ? 29  LYS B CG    1 
ATOM   942  C  CD    . LYS B 1 34 ? -11.238 17.130  15.084  1.00 17.37 ? 29  LYS B CD    1 
ATOM   943  C  CE    . LYS B 1 34 ? -11.475 17.961  13.798  1.00 18.36 ? 29  LYS B CE    1 
ATOM   944  N  NZ    . LYS B 1 34 ? -12.134 19.299  14.096  1.00 21.53 ? 29  LYS B NZ    1 
ATOM   945  N  N     . ALA B 1 35 ? -12.936 12.659  15.852  1.00 11.16 ? 30  ALA B N     1 
ATOM   946  C  CA    . ALA B 1 35 ? -14.054 11.979  15.215  1.00 12.04 ? 30  ALA B CA    1 
ATOM   947  C  C     . ALA B 1 35 ? -15.324 12.224  15.978  1.00 10.42 ? 30  ALA B C     1 
ATOM   948  O  O     . ALA B 1 35 ? -16.343 12.487  15.383  1.00 11.18 ? 30  ALA B O     1 
ATOM   949  C  CB    . ALA B 1 35 ? -13.760 10.465  15.096  1.00 11.63 ? 30  ALA B CB    1 
ATOM   950  N  N     . LEU B 1 36 ? -15.247 12.165  17.310  1.00 10.83 ? 31  LEU B N     1 
ATOM   951  C  CA    . LEU B 1 36 ? -16.432 12.269  18.155  1.00 10.78 ? 31  LEU B CA    1 
ATOM   952  C  C     . LEU B 1 36 ? -16.896 13.692  18.327  1.00 10.55 ? 31  LEU B C     1 
ATOM   953  O  O     . LEU B 1 36 ? -18.061 13.932  18.525  1.00 10.81 ? 31  LEU B O     1 
ATOM   954  C  CB    . LEU B 1 36 ? -16.187 11.621  19.522  1.00 10.80 ? 31  LEU B CB    1 
ATOM   955  C  CG    . LEU B 1 36 ? -16.025 10.110  19.430  1.00 12.42 ? 31  LEU B CG    1 
ATOM   956  C  CD1   . LEU B 1 36 ? -15.385 9.529   20.667  1.00 13.80 ? 31  LEU B CD1   1 
ATOM   957  C  CD2   . LEU B 1 36 ? -17.422 9.539   19.247  1.00 11.60 ? 31  LEU B CD2   1 
ATOM   958  N  N     . GLU B 1 37 ? -15.971 14.650  18.224  1.00 10.22 ? 32  GLU B N     1 
ATOM   959  C  CA    . GLU B 1 37 ? -16.340 16.049  18.130  1.00 11.51 ? 32  GLU B CA    1 
ATOM   960  C  C     . GLU B 1 37 ? -17.235 16.303  16.911  1.00 11.29 ? 32  GLU B C     1 
ATOM   961  O  O     . GLU B 1 37 ? -18.220 16.977  17.012  1.00 12.48 ? 32  GLU B O     1 
ATOM   962  C  CB    . GLU B 1 37 ? -15.113 16.940  18.087  1.00 13.35 ? 32  GLU B CB    1 
ATOM   963  C  CG    . GLU B 1 37 ? -14.429 17.090  19.427  1.00 18.77 ? 32  GLU B CG    1 
ATOM   964  C  CD    . GLU B 1 37 ? -13.099 17.861  19.321  1.00 27.75 ? 32  GLU B CD    1 
ATOM   965  O  OE1   . GLU B 1 37 ? -12.765 18.392  18.216  1.00 29.27 ? 32  GLU B OE1   1 
ATOM   966  O  OE2   . GLU B 1 37 ? -12.404 17.949  20.370  1.00 33.49 ? 32  GLU B OE2   1 
ATOM   967  N  N     . LEU B 1 38 ? -16.902 15.709  15.772  1.00 10.55 ? 33  LEU B N     1 
ATOM   968  C  CA    . LEU B 1 38 ? -17.657 15.913  14.553  1.00 9.97  ? 33  LEU B CA    1 
ATOM   969  C  C     . LEU B 1 38 ? -18.930 15.069  14.505  1.00 10.18 ? 33  LEU B C     1 
ATOM   970  O  O     . LEU B 1 38 ? -19.917 15.492  13.945  1.00 9.44  ? 33  LEU B O     1 
ATOM   971  C  CB    . LEU B 1 38 ? -16.796 15.538  13.354  1.00 10.57 ? 33  LEU B CB    1 
ATOM   972  C  CG    . LEU B 1 38 ? -15.606 16.486  13.177  1.00 10.94 ? 33  LEU B CG    1 
ATOM   973  C  CD1   . LEU B 1 38 ? -14.704 15.858  12.154  1.00 14.52 ? 33  LEU B CD1   1 
ATOM   974  C  CD2   . LEU B 1 38 ? -16.058 17.853  12.779  1.00 13.82 ? 33  LEU B CD2   1 
ATOM   975  N  N     . ASP B 1 39 ? -18.858 13.851  15.030  1.00 10.24 ? 34  ASP B N     1 
ATOM   976  C  CA    . ASP B 1 39 ? -20.008 12.965  15.136  1.00 10.25 ? 34  ASP B CA    1 
ATOM   977  C  C     . ASP B 1 39 ? -20.107 12.236  16.452  1.00 9.60  ? 34  ASP B C     1 
ATOM   978  O  O     . ASP B 1 39 ? -19.570 11.156  16.612  1.00 10.64 ? 34  ASP B O     1 
ATOM   979  C  CB    . ASP B 1 39 ? -19.968 11.942  13.991  1.00 9.56  ? 34  ASP B CB    1 
ATOM   980  C  CG    . ASP B 1 39 ? -21.189 11.048  13.976  1.00 12.40 ? 34  ASP B CG    1 
ATOM   981  O  OD1   . ASP B 1 39 ? -22.166 11.325  14.705  1.00 11.76 ? 34  ASP B OD1   1 
ATOM   982  O  OD2   . ASP B 1 39 ? -21.213 10.023  13.256  1.00 16.73 ? 34  ASP B OD2   1 
ATOM   983  N  N     . PRO B 1 40 ? -20.784 12.839  17.431  1.00 9.32  ? 35  PRO B N     1 
ATOM   984  C  CA    . PRO B 1 40 ? -20.860 12.241  18.772  1.00 10.58 ? 35  PRO B CA    1 
ATOM   985  C  C     . PRO B 1 40 ? -21.769 11.015  18.847  1.00 10.75 ? 35  PRO B C     1 
ATOM   986  O  O     . PRO B 1 40 ? -21.860 10.396  19.903  1.00 11.21 ? 35  PRO B O     1 
ATOM   987  C  CB    . PRO B 1 40 ? -21.346 13.427  19.629  1.00 11.17 ? 35  PRO B CB    1 
ATOM   988  C  CG    . PRO B 1 40 ? -22.037 14.282  18.746  1.00 11.17 ? 35  PRO B CG    1 
ATOM   989  C  CD    . PRO B 1 40 ? -21.365 14.191  17.380  1.00 10.53 ? 35  PRO B CD    1 
ATOM   990  N  N     . ASN B 1 41 ? -22.397 10.658  17.721  1.00 11.58 ? 36  ASN B N     1 
ATOM   991  C  CA    . ASN B 1 41 ? -23.211 9.439   17.635  1.00 11.10 ? 36  ASN B CA    1 
ATOM   992  C  C     . ASN B 1 41 ? -22.478 8.226   17.048  1.00 12.21 ? 36  ASN B C     1 
ATOM   993  O  O     . ASN B 1 41 ? -23.099 7.181   16.853  1.00 12.81 ? 36  ASN B O     1 
ATOM   994  C  CB    . ASN B 1 41 ? -24.484 9.725   16.842  1.00 11.14 ? 36  ASN B CB    1 
ATOM   995  C  CG    . ASN B 1 41 ? -25.419 10.628  17.599  1.00 12.35 ? 36  ASN B CG    1 
ATOM   996  O  OD1   . ASN B 1 41 ? -25.420 10.614  18.820  1.00 14.60 ? 36  ASN B OD1   1 
ATOM   997  N  ND2   . ASN B 1 41 ? -26.205 11.432  16.890  1.00 16.36 ? 36  ASN B ND2   1 
ATOM   998  N  N     . ASN B 1 42 ? -21.171 8.315   16.811  1.00 12.15 ? 37  ASN B N     1 
ATOM   999  C  CA    . ASN B 1 42 ? -20.391 7.175   16.323  1.00 12.53 ? 37  ASN B CA    1 
ATOM   1000 C  C     . ASN B 1 42 ? -20.042 6.224   17.428  1.00 13.04 ? 37  ASN B C     1 
ATOM   1001 O  O     . ASN B 1 42 ? -19.069 6.416   18.155  1.00 13.89 ? 37  ASN B O     1 
ATOM   1002 C  CB    . ASN B 1 42 ? -19.138 7.667   15.577  1.00 12.56 ? 37  ASN B CB    1 
ATOM   1003 C  CG    . ASN B 1 42 ? -18.368 6.520   14.894  1.00 14.42 ? 37  ASN B CG    1 
ATOM   1004 O  OD1   . ASN B 1 42 ? -18.527 5.362   15.235  1.00 18.10 ? 37  ASN B OD1   1 
ATOM   1005 N  ND2   . ASN B 1 42 ? -17.589 6.860   13.862  1.00 19.62 ? 37  ASN B ND2   1 
ATOM   1006 N  N     . ALA B 1 43 ? -20.863 5.186   17.608  1.00 12.87 ? 38  ALA B N     1 
ATOM   1007 C  CA    . ALA B 1 43 ? -20.694 4.243   18.694  1.00 12.99 ? 38  ALA B CA    1 
ATOM   1008 C  C     . ALA B 1 43 ? -19.346 3.509   18.635  1.00 12.47 ? 38  ALA B C     1 
ATOM   1009 O  O     . ALA B 1 43 ? -18.739 3.235   19.674  1.00 12.68 ? 38  ALA B O     1 
ATOM   1010 C  CB    . ALA B 1 43 ? -21.826 3.209   18.636  1.00 13.21 ? 38  ALA B CB    1 
ATOM   1011 N  N     . GLU B 1 44 ? -18.891 3.162   17.430  1.00 12.97 ? 39  GLU B N     1 
ATOM   1012 C  CA    . GLU B 1 44 ? -17.593 2.457   17.326  1.00 14.20 ? 39  GLU B CA    1 
ATOM   1013 C  C     . GLU B 1 44 ? -16.430 3.358   17.769  1.00 12.86 ? 39  GLU B C     1 
ATOM   1014 O  O     . GLU B 1 44 ? -15.447 2.871   18.340  1.00 11.93 ? 39  GLU B O     1 
ATOM   1015 C  CB    . GLU B 1 44 ? -17.362 1.894   15.900  1.00 15.94 ? 39  GLU B CB    1 
ATOM   1016 C  CG    . GLU B 1 44 ? -18.366 0.814   15.480  1.00 21.05 ? 39  GLU B CG    1 
ATOM   1017 C  CD    . GLU B 1 44 ? -18.333 -0.479  16.335  1.00 28.74 ? 39  GLU B CD    1 
ATOM   1018 O  OE1   . GLU B 1 44 ? -17.355 -0.703  17.100  1.00 34.60 ? 39  GLU B OE1   1 
ATOM   1019 O  OE2   . GLU B 1 44 ? -19.290 -1.295  16.229  1.00 33.52 ? 39  GLU B OE2   1 
ATOM   1020 N  N     . ALA B 1 45 ? -16.533 4.659   17.509  1.00 12.03 ? 40  ALA B N     1 
ATOM   1021 C  CA    . ALA B 1 45 ? -15.485 5.589   17.943  1.00 11.62 ? 40  ALA B CA    1 
ATOM   1022 C  C     . ALA B 1 45 ? -15.456 5.678   19.476  1.00 11.70 ? 40  ALA B C     1 
ATOM   1023 O  O     . ALA B 1 45 ? -14.386 5.638   20.071  1.00 12.01 ? 40  ALA B O     1 
ATOM   1024 C  CB    . ALA B 1 45 ? -15.658 6.947   17.304  1.00 11.36 ? 40  ALA B CB    1 
ATOM   1025 N  N     . TRP B 1 46 ? -16.620 5.738   20.136  1.00 11.76 ? 41  TRP B N     1 
ATOM   1026 C  CA    . TRP B 1 46 ? -16.648 5.662   21.578  1.00 11.08 ? 41  TRP B CA    1 
ATOM   1027 C  C     . TRP B 1 46 ? -16.043 4.372   22.089  1.00 11.31 ? 41  TRP B C     1 
ATOM   1028 O  O     . TRP B 1 46 ? -15.265 4.388   23.062  1.00 11.15 ? 41  TRP B O     1 
ATOM   1029 C  CB    . TRP B 1 46 ? -18.090 5.796   22.095  1.00 10.96 ? 41  TRP B CB    1 
ATOM   1030 C  CG    . TRP B 1 46 ? -18.680 7.160   21.949  1.00 8.80  ? 41  TRP B CG    1 
ATOM   1031 C  CD1   . TRP B 1 46 ? -19.709 7.517   21.139  1.00 9.68  ? 41  TRP B CD1   1 
ATOM   1032 C  CD2   . TRP B 1 46 ? -18.349 8.340   22.688  1.00 11.55 ? 41  TRP B CD2   1 
ATOM   1033 N  NE1   . TRP B 1 46 ? -20.028 8.841   21.309  1.00 8.89  ? 41  TRP B NE1   1 
ATOM   1034 C  CE2   . TRP B 1 46 ? -19.223 9.369   22.271  1.00 10.85 ? 41  TRP B CE2   1 
ATOM   1035 C  CE3   . TRP B 1 46 ? -17.406 8.642   23.678  1.00 11.31 ? 41  TRP B CE3   1 
ATOM   1036 C  CZ2   . TRP B 1 46 ? -19.138 10.652  22.761  1.00 12.86 ? 41  TRP B CZ2   1 
ATOM   1037 C  CZ3   . TRP B 1 46 ? -17.334 9.915   24.152  1.00 12.36 ? 41  TRP B CZ3   1 
ATOM   1038 C  CH2   . TRP B 1 46 ? -18.189 10.900  23.723  1.00 13.44 ? 41  TRP B CH2   1 
ATOM   1039 N  N     . TYR B 1 47 ? -16.397 3.260   21.460  1.00 10.99 ? 42  TYR B N     1 
ATOM   1040 C  CA    . TYR B 1 47 ? -15.918 1.942   21.896  1.00 11.87 ? 42  TYR B CA    1 
ATOM   1041 C  C     . TYR B 1 47 ? -14.378 1.860   21.777  1.00 11.74 ? 42  TYR B C     1 
ATOM   1042 O  O     . TYR B 1 47 ? -13.676 1.485   22.739  1.00 12.12 ? 42  TYR B O     1 
ATOM   1043 C  CB    . TYR B 1 47 ? -16.607 0.807   21.140  1.00 11.95 ? 42  TYR B CB    1 
ATOM   1044 C  CG    . TYR B 1 47 ? -15.883 -0.512  21.187  1.00 12.39 ? 42  TYR B CG    1 
ATOM   1045 C  CD1   . TYR B 1 47 ? -15.794 -1.240  22.362  1.00 14.17 ? 42  TYR B CD1   1 
ATOM   1046 C  CD2   . TYR B 1 47 ? -15.315 -1.056  20.042  1.00 13.04 ? 42  TYR B CD2   1 
ATOM   1047 C  CE1   . TYR B 1 47 ? -15.137 -2.477  22.395  1.00 13.61 ? 42  TYR B CE1   1 
ATOM   1048 C  CE2   . TYR B 1 47 ? -14.632 -2.277  20.079  1.00 16.88 ? 42  TYR B CE2   1 
ATOM   1049 C  CZ    . TYR B 1 47 ? -14.559 -2.971  21.257  1.00 16.73 ? 42  TYR B CZ    1 
ATOM   1050 O  OH    . TYR B 1 47 ? -13.850 -4.139  21.285  1.00 19.45 ? 42  TYR B OH    1 
ATOM   1051 N  N     . ASN B 1 48 ? -13.813 2.271   20.636  1.00 12.04 ? 43  ASN B N     1 
ATOM   1052 C  CA    . ASN B 1 48 ? -12.391 2.194   20.488  1.00 11.67 ? 43  ASN B CA    1 
ATOM   1053 C  C     . ASN B 1 48 ? -11.629 3.223   21.331  1.00 11.70 ? 43  ASN B C     1 
ATOM   1054 O  O     . ASN B 1 48 ? -10.483 2.984   21.738  1.00 11.37 ? 43  ASN B O     1 
ATOM   1055 C  CB    . ASN B 1 48 ? -11.981 2.203   19.013  1.00 12.17 ? 43  ASN B CB    1 
ATOM   1056 C  CG    . ASN B 1 48 ? -12.268 0.832   18.358  1.00 15.03 ? 43  ASN B CG    1 
ATOM   1057 O  OD1   . ASN B 1 48 ? -11.745 -0.178  18.815  1.00 22.31 ? 43  ASN B OD1   1 
ATOM   1058 N  ND2   . ASN B 1 48 ? -13.205 0.794   17.455  1.00 18.24 ? 43  ASN B ND2   1 
ATOM   1059 N  N     . LEU B 1 49 ? -12.245 4.380   21.572  1.00 11.15 ? 44  LEU B N     1 
ATOM   1060 C  CA    . LEU B 1 49 ? -11.683 5.360   22.511  1.00 10.27 ? 44  LEU B CA    1 
ATOM   1061 C  C     . LEU B 1 49 ? -11.571 4.735   23.897  1.00 10.96 ? 44  LEU B C     1 
ATOM   1062 O  O     . LEU B 1 49 ? -10.539 4.834   24.540  1.00 11.29 ? 44  LEU B O     1 
ATOM   1063 C  CB    . LEU B 1 49 ? -12.538 6.615   22.568  1.00 10.28 ? 44  LEU B CB    1 
ATOM   1064 C  CG    . LEU B 1 49 ? -12.069 7.709   23.528  1.00 11.22 ? 44  LEU B CG    1 
ATOM   1065 C  CD1   . LEU B 1 49 ? -10.723 8.343   23.148  1.00 12.71 ? 44  LEU B CD1   1 
ATOM   1066 C  CD2   . LEU B 1 49 ? -13.135 8.778   23.618  1.00 13.67 ? 44  LEU B CD2   1 
ATOM   1067 N  N     . GLY B 1 50 ? -12.604 4.017   24.295  1.00 10.76 ? 45  GLY B N     1 
ATOM   1068 C  CA    . GLY B 1 50 ? -12.579 3.296   25.546  1.00 11.81 ? 45  GLY B CA    1 
ATOM   1069 C  C     . GLY B 1 50 ? -11.442 2.286   25.542  1.00 11.43 ? 45  GLY B C     1 
ATOM   1070 O  O     . GLY B 1 50 ? -10.721 2.179   26.567  1.00 11.38 ? 45  GLY B O     1 
ATOM   1071 N  N     . ASN B 1 51 ? -11.276 1.522   24.469  1.00 11.35 ? 46  ASN B N     1 
ATOM   1072 C  CA    . ASN B 1 51 ? -10.193 0.528   24.400  1.00 11.45 ? 46  ASN B CA    1 
ATOM   1073 C  C     . ASN B 1 51 ? -8.821  1.203   24.529  1.00 11.67 ? 46  ASN B C     1 
ATOM   1074 O  O     . ASN B 1 51 ? -7.953  0.736   25.229  1.00 10.62 ? 46  ASN B O     1 
ATOM   1075 C  CB    . ASN B 1 51 ? -10.229 -0.220  23.077  1.00 11.53 ? 46  ASN B CB    1 
ATOM   1076 C  CG    . ASN B 1 51 ? -11.373 -1.233  22.966  1.00 11.80 ? 46  ASN B CG    1 
ATOM   1077 O  OD1   . ASN B 1 51 ? -11.655 -1.731  21.841  1.00 17.08 ? 46  ASN B OD1   1 
ATOM   1078 N  ND2   . ASN B 1 51 ? -11.965 -1.624  24.068  1.00 10.22 ? 46  ASN B ND2   1 
ATOM   1079 N  N     . ALA B 1 52 ? -8.654  2.363   23.905  1.00 11.63 ? 47  ALA B N     1 
ATOM   1080 C  CA    . ALA B 1 52 ? -7.383  3.057   23.935  1.00 10.96 ? 47  ALA B CA    1 
ATOM   1081 C  C     . ALA B 1 52 ? -7.026  3.493   25.349  1.00 12.23 ? 47  ALA B C     1 
ATOM   1082 O  O     . ALA B 1 52 ? -5.890  3.313   25.796  1.00 12.27 ? 47  ALA B O     1 
ATOM   1083 C  CB    . ALA B 1 52 ? -7.402  4.249   22.987  1.00 11.40 ? 47  ALA B CB    1 
ATOM   1084 N  N     . TYR B 1 53 ? -8.014  4.012   26.075  1.00 11.09 ? 48  TYR B N     1 
ATOM   1085 C  CA    . TYR B 1 53 ? -7.830  4.357   27.478  1.00 10.46 ? 48  TYR B CA    1 
ATOM   1086 C  C     . TYR B 1 53 ? -7.575  3.108   28.324  1.00 11.38 ? 48  TYR B C     1 
ATOM   1087 O  O     . TYR B 1 53 ? -6.710  3.120   29.166  1.00 10.30 ? 48  TYR B O     1 
ATOM   1088 C  CB    . TYR B 1 53 ? -9.014  5.162   27.999  1.00 9.98  ? 48  TYR B CB    1 
ATOM   1089 C  CG    . TYR B 1 53 ? -8.871  6.655   27.731  1.00 10.74 ? 48  TYR B CG    1 
ATOM   1090 C  CD1   . TYR B 1 53 ? -9.537  7.278   26.686  1.00 11.89 ? 48  TYR B CD1   1 
ATOM   1091 C  CD2   . TYR B 1 53 ? -8.023  7.434   28.501  1.00 13.20 ? 48  TYR B CD2   1 
ATOM   1092 C  CE1   . TYR B 1 53 ? -9.404  8.602   26.495  1.00 11.47 ? 48  TYR B CE1   1 
ATOM   1093 C  CE2   . TYR B 1 53 ? -7.886  8.806   28.260  1.00 15.16 ? 48  TYR B CE2   1 
ATOM   1094 C  CZ    . TYR B 1 53 ? -8.600  9.349   27.267  1.00 14.35 ? 48  TYR B CZ    1 
ATOM   1095 O  OH    . TYR B 1 53 ? -8.490  10.706  27.047  1.00 15.39 ? 48  TYR B OH    1 
ATOM   1096 N  N     . TYR B 1 54 ? -8.296  2.023   28.059  1.00 9.54  ? 49  TYR B N     1 
ATOM   1097 C  CA    . TYR B 1 54 ? -8.050  0.767   28.776  1.00 9.27  ? 49  TYR B CA    1 
ATOM   1098 C  C     . TYR B 1 54 ? -6.581  0.314   28.606  1.00 10.03 ? 49  TYR B C     1 
ATOM   1099 O  O     . TYR B 1 54 ? -5.948  -0.069  29.578  1.00 11.08 ? 49  TYR B O     1 
ATOM   1100 C  CB    . TYR B 1 54 ? -8.997  -0.334  28.279  1.00 10.93 ? 49  TYR B CB    1 
ATOM   1101 C  CG    . TYR B 1 54 ? -8.914  -1.656  29.034  1.00 11.53 ? 49  TYR B CG    1 
ATOM   1102 C  CD1   . TYR B 1 54 ? -9.944  -2.080  29.838  1.00 12.57 ? 49  TYR B CD1   1 
ATOM   1103 C  CD2   . TYR B 1 54 ? -7.834  -2.523  28.840  1.00 11.95 ? 49  TYR B CD2   1 
ATOM   1104 C  CE1   . TYR B 1 54 ? -9.890  -3.326  30.462  1.00 14.07 ? 49  TYR B CE1   1 
ATOM   1105 C  CE2   . TYR B 1 54 ? -7.745  -3.692  29.497  1.00 11.75 ? 49  TYR B CE2   1 
ATOM   1106 C  CZ    . TYR B 1 54 ? -8.774  -4.120  30.281  1.00 12.66 ? 49  TYR B CZ    1 
ATOM   1107 O  OH    . TYR B 1 54 ? -8.711  -5.347  30.886  1.00 12.29 ? 49  TYR B OH    1 
ATOM   1108 N  N     . LYS B 1 55 ? -6.061  0.397   27.387  1.00 10.39 ? 50  LYS B N     1 
ATOM   1109 C  CA    . LYS B 1 55 ? -4.669  0.028   27.107  1.00 11.02 ? 50  LYS B CA    1 
ATOM   1110 C  C     . LYS B 1 55 ? -3.696  0.858   27.903  1.00 12.26 ? 50  LYS B C     1 
ATOM   1111 O  O     . LYS B 1 55 ? -2.590  0.387   28.227  1.00 12.77 ? 50  LYS B O     1 
ATOM   1112 C  CB    . LYS B 1 55 ? -4.356  0.151   25.621  1.00 10.82 ? 50  LYS B CB    1 
ATOM   1113 C  CG    . LYS B 1 55 ? -5.087  -0.863  24.746  1.00 11.07 ? 50  LYS B CG    1 
ATOM   1114 C  CD    . LYS B 1 55 ? -4.485  -2.260  24.936  1.00 13.12 ? 50  LYS B CD    1 
ATOM   1115 C  CE    . LYS B 1 55 ? -4.877  -3.170  23.810  1.00 12.48 ? 50  LYS B CE    1 
ATOM   1116 N  NZ    . LYS B 1 55 ? -4.277  -4.569  24.086  1.00 13.05 ? 50  LYS B NZ    1 
ATOM   1117 N  N     . GLN B 1 56 ? -4.058  2.112   28.182  1.00 12.31 ? 51  GLN B N     1 
ATOM   1118 C  CA    . GLN B 1 56 ? -3.214  2.993   28.979  1.00 12.95 ? 51  GLN B CA    1 
ATOM   1119 C  C     . GLN B 1 56 ? -3.392  2.855   30.487  1.00 12.04 ? 51  GLN B C     1 
ATOM   1120 O  O     . GLN B 1 56 ? -2.703  3.519   31.273  1.00 12.27 ? 51  GLN B O     1 
ATOM   1121 C  CB    . GLN B 1 56 ? -3.493  4.448   28.613  1.00 12.37 ? 51  GLN B CB    1 
ATOM   1122 C  CG    . GLN B 1 56 ? -3.143  4.807   27.194  1.00 14.17 ? 51  GLN B CG    1 
ATOM   1123 C  CD    . GLN B 1 56 ? -3.183  6.295   26.955  1.00 17.70 ? 51  GLN B CD    1 
ATOM   1124 O  OE1   . GLN B 1 56 ? -3.981  7.030   27.583  1.00 21.63 ? 51  GLN B OE1   1 
ATOM   1125 N  NE2   . GLN B 1 56 ? -2.321  6.748   26.106  1.00 18.11 ? 51  GLN B NE2   1 
ATOM   1126 N  N     . GLY B 1 57 ? -4.283  1.967   30.909  1.00 11.33 ? 52  GLY B N     1 
ATOM   1127 C  CA    . GLY B 1 57 ? -4.517  1.722   32.316  1.00 11.41 ? 52  GLY B CA    1 
ATOM   1128 C  C     . GLY B 1 57 ? -5.484  2.707   32.929  1.00 11.19 ? 52  GLY B C     1 
ATOM   1129 O  O     . GLY B 1 57 ? -5.606  2.785   34.170  1.00 11.90 ? 52  GLY B O     1 
ATOM   1130 N  N     . ASP B 1 58 ? -6.188  3.422   32.064  1.00 10.79 ? 53  ASP B N     1 
ATOM   1131 C  CA    . ASP B 1 58 ? -7.108  4.476   32.470  1.00 11.17 ? 53  ASP B CA    1 
ATOM   1132 C  C     . ASP B 1 58 ? -8.525  3.936   32.484  1.00 10.38 ? 53  ASP B C     1 
ATOM   1133 O  O     . ASP B 1 58 ? -9.311  4.234   31.604  1.00 11.32 ? 53  ASP B O     1 
ATOM   1134 C  CB    . ASP B 1 58 ? -7.003  5.679   31.515  1.00 12.22 ? 53  ASP B CB    1 
ATOM   1135 C  CG    . ASP B 1 58 ? -5.742  6.478   31.694  1.00 16.11 ? 53  ASP B CG    1 
ATOM   1136 O  OD1   . ASP B 1 58 ? -5.360  6.765   32.837  1.00 16.65 ? 53  ASP B OD1   1 
ATOM   1137 O  OD2   . ASP B 1 58 ? -5.088  6.899   30.712  1.00 21.41 ? 53  ASP B OD2   1 
ATOM   1138 N  N     . TYR B 1 59 ? -8.824  3.119   33.479  1.00 11.36 ? 54  TYR B N     1 
ATOM   1139 C  CA    . TYR B 1 59 ? -10.071 2.344   33.507  1.00 10.88 ? 54  TYR B CA    1 
ATOM   1140 C  C     . TYR B 1 59 ? -11.281 3.253   33.752  1.00 11.44 ? 54  TYR B C     1 
ATOM   1141 O  O     . TYR B 1 59 ? -12.371 2.954   33.278  1.00 11.79 ? 54  TYR B O     1 
ATOM   1142 C  CB    . TYR B 1 59 ? -10.008 1.220   34.537  1.00 10.91 ? 54  TYR B CB    1 
ATOM   1143 C  CG    . TYR B 1 59 ? -8.822  0.329   34.298  1.00 10.90 ? 54  TYR B CG    1 
ATOM   1144 C  CD1   . TYR B 1 59 ? -7.781  0.261   35.204  1.00 9.00  ? 54  TYR B CD1   1 
ATOM   1145 C  CD2   . TYR B 1 59 ? -8.716  -0.391  33.115  1.00 11.49 ? 54  TYR B CD2   1 
ATOM   1146 C  CE1   . TYR B 1 59 ? -6.657  -0.540  34.958  1.00 12.63 ? 54  TYR B CE1   1 
ATOM   1147 C  CE2   . TYR B 1 59 ? -7.596  -1.197  32.868  1.00 13.38 ? 54  TYR B CE2   1 
ATOM   1148 C  CZ    . TYR B 1 59 ? -6.575  -1.231  33.765  1.00 13.50 ? 54  TYR B CZ    1 
ATOM   1149 O  OH    . TYR B 1 59 ? -5.471  -2.013  33.508  1.00 16.97 ? 54  TYR B OH    1 
ATOM   1150 N  N     . ASP B 1 60 ? -11.105 4.332   34.508  1.00 12.24 ? 55  ASP B N     1 
ATOM   1151 C  CA    . ASP B 1 60 ? -12.230 5.247   34.760  1.00 12.70 ? 55  ASP B CA    1 
ATOM   1152 C  C     . ASP B 1 60 ? -12.769 5.810   33.449  1.00 14.18 ? 55  ASP B C     1 
ATOM   1153 O  O     . ASP B 1 60 ? -13.997 5.777   33.212  1.00 14.17 ? 55  ASP B O     1 
ATOM   1154 C  CB    . ASP B 1 60 ? -11.781 6.411   35.638  1.00 13.56 ? 55  ASP B CB    1 
ATOM   1155 C  CG    . ASP B 1 60 ? -11.488 6.015   37.045  1.00 15.54 ? 55  ASP B CG    1 
ATOM   1156 O  OD1   . ASP B 1 60 ? -10.672 6.724   37.643  1.00 19.78 ? 55  ASP B OD1   1 
ATOM   1157 O  OD2   . ASP B 1 60 ? -12.027 5.074   37.669  1.00 16.73 ? 55  ASP B OD2   1 
ATOM   1158 N  N     . GLU B 1 61 ? -11.843 6.332   32.629  1.00 14.70 ? 56  GLU B N     1 
ATOM   1159 C  CA    . GLU B 1 61 ? -12.156 6.839   31.293  1.00 15.67 ? 56  GLU B CA    1 
ATOM   1160 C  C     . GLU B 1 61 ? -12.735 5.748   30.430  1.00 14.18 ? 56  GLU B C     1 
ATOM   1161 O  O     . GLU B 1 61 ? -13.740 5.966   29.736  1.00 15.45 ? 56  GLU B O     1 
ATOM   1162 C  CB    . GLU B 1 61 ? -10.908 7.411   30.576  1.00 16.45 ? 56  GLU B CB    1 
ATOM   1163 C  CG    . GLU B 1 61 ? -10.485 8.796   31.001  1.00 18.85 ? 56  GLU B CG    1 
ATOM   1164 C  CD    . GLU B 1 61 ? -9.705  8.852   32.318  1.00 18.51 ? 56  GLU B CD    1 
ATOM   1165 O  OE1   . GLU B 1 61 ? -9.407  7.800   32.934  1.00 17.35 ? 56  GLU B OE1   1 
ATOM   1166 O  OE2   . GLU B 1 61 ? -9.357  9.976   32.735  1.00 21.93 ? 56  GLU B OE2   1 
ATOM   1167 N  N     . ALA B 1 62 ? -12.132 4.560   30.447  1.00 12.55 ? 57  ALA B N     1 
ATOM   1168 C  CA    . ALA B 1 62 ? -12.591 3.497   29.567  1.00 11.66 ? 57  ALA B CA    1 
ATOM   1169 C  C     . ALA B 1 62 ? -14.064 3.174   29.864  1.00 11.55 ? 57  ALA B C     1 
ATOM   1170 O  O     . ALA B 1 62 ? -14.863 2.981   28.941  1.00 13.01 ? 57  ALA B O     1 
ATOM   1171 C  CB    . ALA B 1 62 ? -11.716 2.276   29.696  1.00 12.66 ? 57  ALA B CB    1 
ATOM   1172 N  N     . ILE B 1 63 ? -14.403 3.084   31.145  1.00 12.02 ? 58  ILE B N     1 
ATOM   1173 C  CA    . ILE B 1 63 ? -15.767 2.834   31.618  1.00 11.86 ? 58  ILE B CA    1 
ATOM   1174 C  C     . ILE B 1 63 ? -16.770 3.844   31.077  1.00 12.67 ? 58  ILE B C     1 
ATOM   1175 O  O     . ILE B 1 63 ? -17.775 3.465   30.465  1.00 13.15 ? 58  ILE B O     1 
ATOM   1176 C  CB    . ILE B 1 63 ? -15.810 2.734   33.164  1.00 12.58 ? 58  ILE B CB    1 
ATOM   1177 C  CG1   . ILE B 1 63 ? -15.135 1.421   33.590  1.00 13.97 ? 58  ILE B CG1   1 
ATOM   1178 C  CG2   . ILE B 1 63 ? -17.239 2.748   33.650  1.00 11.94 ? 58  ILE B CG2   1 
ATOM   1179 C  CD1   . ILE B 1 63 ? -14.713 1.400   35.041  1.00 13.46 ? 58  ILE B CD1   1 
ATOM   1180 N  N     . GLU B 1 64 ? -16.446 5.121   31.210  1.00 12.42 ? 59  GLU B N     1 
ATOM   1181 C  CA    . GLU B 1 64 ? -17.247 6.226   30.670  1.00 12.66 ? 59  GLU B CA    1 
ATOM   1182 C  C     . GLU B 1 64 ? -17.545 6.068   29.194  1.00 11.76 ? 59  GLU B C     1 
ATOM   1183 O  O     . GLU B 1 64 ? -18.685 6.187   28.743  1.00 11.45 ? 59  GLU B O     1 
ATOM   1184 C  CB    . GLU B 1 64 ? -16.449 7.513   30.930  1.00 13.84 ? 59  GLU B CB    1 
ATOM   1185 C  CG    . GLU B 1 64 ? -16.947 8.825   30.343  1.00 20.27 ? 59  GLU B CG    1 
ATOM   1186 C  CD    . GLU B 1 64 ? -16.139 10.047  30.850  1.00 26.45 ? 59  GLU B CD    1 
ATOM   1187 O  OE1   . GLU B 1 64 ? -15.732 10.082  32.048  1.00 29.78 ? 59  GLU B OE1   1 
ATOM   1188 O  OE2   . GLU B 1 64 ? -15.917 10.997  30.053  1.00 32.61 ? 59  GLU B OE2   1 
ATOM   1189 N  N     . TYR B 1 65 ? -16.508 5.750   28.444  1.00 11.29 ? 60  TYR B N     1 
ATOM   1190 C  CA    . TYR B 1 65 ? -16.627 5.714   26.993  1.00 11.24 ? 60  TYR B CA    1 
ATOM   1191 C  C     . TYR B 1 65 ? -17.326 4.447   26.515  1.00 11.93 ? 60  TYR B C     1 
ATOM   1192 O  O     . TYR B 1 65 ? -18.075 4.479   25.540  1.00 12.69 ? 60  TYR B O     1 
ATOM   1193 C  CB    . TYR B 1 65 ? -15.261 5.945   26.342  1.00 12.16 ? 60  TYR B CB    1 
ATOM   1194 C  CG    . TYR B 1 65 ? -14.664 7.284   26.691  1.00 11.31 ? 60  TYR B CG    1 
ATOM   1195 C  CD1   . TYR B 1 65 ? -13.310 7.414   27.003  1.00 14.73 ? 60  TYR B CD1   1 
ATOM   1196 C  CD2   . TYR B 1 65 ? -15.464 8.424   26.814  1.00 12.52 ? 60  TYR B CD2   1 
ATOM   1197 C  CE1   . TYR B 1 65 ? -12.758 8.602   27.345  1.00 13.80 ? 60  TYR B CE1   1 
ATOM   1198 C  CE2   . TYR B 1 65 ? -14.904 9.650   27.169  1.00 14.16 ? 60  TYR B CE2   1 
ATOM   1199 C  CZ    . TYR B 1 65 ? -13.545 9.742   27.429  1.00 14.84 ? 60  TYR B CZ    1 
ATOM   1200 O  OH    . TYR B 1 65 ? -12.987 10.979  27.782  1.00 16.41 ? 60  TYR B OH    1 
ATOM   1201 N  N     . TYR B 1 66 ? -17.112 3.303   27.200  1.00 12.02 ? 61  TYR B N     1 
ATOM   1202 C  CA    . TYR B 1 66 ? -17.852 2.085   26.873  1.00 11.54 ? 61  TYR B CA    1 
ATOM   1203 C  C     . TYR B 1 66 ? -19.353 2.284   27.128  1.00 11.03 ? 61  TYR B C     1 
ATOM   1204 O  O     . TYR B 1 66 ? -20.210 1.803   26.357  1.00 11.66 ? 61  TYR B O     1 
ATOM   1205 C  CB    . TYR B 1 66 ? -17.378 0.881   27.664  1.00 12.25 ? 61  TYR B CB    1 
ATOM   1206 C  CG    . TYR B 1 66 ? -15.973 0.388   27.379  1.00 11.29 ? 61  TYR B CG    1 
ATOM   1207 C  CD1   . TYR B 1 66 ? -15.170 -0.051  28.404  1.00 11.10 ? 61  TYR B CD1   1 
ATOM   1208 C  CD2   . TYR B 1 66 ? -15.446 0.354   26.083  1.00 12.60 ? 61  TYR B CD2   1 
ATOM   1209 C  CE1   . TYR B 1 66 ? -13.891 -0.563  28.154  1.00 12.52 ? 61  TYR B CE1   1 
ATOM   1210 C  CE2   . TYR B 1 66 ? -14.195 -0.176  25.819  1.00 13.34 ? 61  TYR B CE2   1 
ATOM   1211 C  CZ    . TYR B 1 66 ? -13.409 -0.618  26.866  1.00 12.07 ? 61  TYR B CZ    1 
ATOM   1212 O  OH    . TYR B 1 66 ? -12.164 -1.119  26.636  1.00 13.21 ? 61  TYR B OH    1 
ATOM   1213 N  N     . GLN B 1 67 ? -19.672 2.994   28.214  1.00 12.13 ? 62  GLN B N     1 
ATOM   1214 C  CA    . GLN B 1 67 ? -21.051 3.344   28.529  1.00 12.10 ? 62  GLN B CA    1 
ATOM   1215 C  C     . GLN B 1 67 ? -21.674 4.190   27.441  1.00 12.14 ? 62  GLN B C     1 
ATOM   1216 O  O     . GLN B 1 67 ? -22.802 3.906   27.048  1.00 12.32 ? 62  GLN B O     1 
ATOM   1217 C  CB    . GLN B 1 67 ? -21.152 4.006   29.905  1.00 12.83 ? 62  GLN B CB    1 
ATOM   1218 C  CG    . GLN B 1 67 ? -20.877 3.017   31.009  1.00 14.92 ? 62  GLN B CG    1 
ATOM   1219 C  CD    . GLN B 1 67 ? -20.777 3.672   32.393  1.00 18.02 ? 62  GLN B CD    1 
ATOM   1220 O  OE1   . GLN B 1 67 ? -20.473 4.855   32.511  1.00 20.10 ? 62  GLN B OE1   1 
ATOM   1221 N  NE2   . GLN B 1 67 ? -21.007 2.895   33.420  1.00 18.19 ? 62  GLN B NE2   1 
ATOM   1222 N  N     . LYS B 1 68 ? -20.939 5.178   26.932  1.00 12.63 ? 63  LYS B N     1 
ATOM   1223 C  CA    . LYS B 1 68 ? -21.443 5.995   25.811  1.00 13.59 ? 63  LYS B CA    1 
ATOM   1224 C  C     . LYS B 1 68 ? -21.674 5.139   24.555  1.00 11.60 ? 63  LYS B C     1 
ATOM   1225 O  O     . LYS B 1 68 ? -22.706 5.257   23.884  1.00 14.28 ? 63  LYS B O     1 
ATOM   1226 C  CB    . LYS B 1 68 ? -20.531 7.158   25.491  1.00 14.55 ? 63  LYS B CB    1 
ATOM   1227 C  CG    . LYS B 1 68 ? -20.314 8.102   26.631  1.00 21.14 ? 63  LYS B CG    1 
ATOM   1228 C  CD    . LYS B 1 68 ? -21.319 9.229   26.640  1.00 25.96 ? 63  LYS B CD    1 
ATOM   1229 C  CE    . LYS B 1 68 ? -20.908 10.303  27.663  1.00 29.11 ? 63  LYS B CE    1 
ATOM   1230 N  NZ    . LYS B 1 68 ? -21.553 11.621  27.372  1.00 30.87 ? 63  LYS B NZ    1 
ATOM   1231 N  N     . ALA B 1 69 ? -20.749 4.245   24.263  1.00 11.23 ? 64  ALA B N     1 
ATOM   1232 C  CA    . ALA B 1 69 ? -20.903 3.371   23.123  1.00 9.85  ? 64  ALA B CA    1 
ATOM   1233 C  C     . ALA B 1 69 ? -22.180 2.554   23.231  1.00 8.88  ? 64  ALA B C     1 
ATOM   1234 O  O     . ALA B 1 69 ? -22.870 2.350   22.239  1.00 8.85  ? 64  ALA B O     1 
ATOM   1235 C  CB    . ALA B 1 69 ? -19.729 2.443   22.988  1.00 9.54  ? 64  ALA B CB    1 
ATOM   1236 N  N     . LEU B 1 70 ? -22.442 2.026   24.416  1.00 8.72  ? 65  LEU B N     1 
ATOM   1237 C  CA    . LEU B 1 70 ? -23.575 1.118   24.615  1.00 9.31  ? 65  LEU B CA    1 
ATOM   1238 C  C     . LEU B 1 70 ? -24.933 1.842   24.590  1.00 9.33  ? 65  LEU B C     1 
ATOM   1239 O  O     . LEU B 1 70 ? -25.962 1.234   24.358  1.00 9.96  ? 65  LEU B O     1 
ATOM   1240 C  CB    . LEU B 1 70 ? -23.426 0.280   25.888  1.00 8.54  ? 65  LEU B CB    1 
ATOM   1241 C  CG    . LEU B 1 70 ? -22.355 -0.827  25.768  1.00 8.93  ? 65  LEU B CG    1 
ATOM   1242 C  CD1   . LEU B 1 70 ? -21.850 -1.188  27.176  1.00 12.52 ? 65  LEU B CD1   1 
ATOM   1243 C  CD2   . LEU B 1 70 ? -22.838 -2.034  25.074  1.00 10.40 ? 65  LEU B CD2   1 
ATOM   1244 N  N     . GLU B 1 71 ? -24.927 3.136   24.871  1.00 11.33 ? 66  GLU B N     1 
ATOM   1245 C  CA    . GLU B 1 71 ? -26.119 3.955   24.745  1.00 11.82 ? 66  GLU B CA    1 
ATOM   1246 C  C     . GLU B 1 71 ? -26.582 3.979   23.279  1.00 12.07 ? 66  GLU B C     1 
ATOM   1247 O  O     . GLU B 1 71 ? -27.783 3.935   22.977  1.00 12.50 ? 66  GLU B O     1 
ATOM   1248 C  CB    . GLU B 1 71 ? -25.828 5.383   25.252  1.00 13.74 ? 66  GLU B CB    1 
ATOM   1249 C  CG    . GLU B 1 71 ? -27.033 6.174   25.713  1.00 20.07 ? 66  GLU B CG    1 
ATOM   1250 C  CD    . GLU B 1 71 ? -26.786 6.920   27.037  1.00 25.95 ? 66  GLU B CD    1 
ATOM   1251 O  OE1   . GLU B 1 71 ? -25.618 7.331   27.291  1.00 30.71 ? 66  GLU B OE1   1 
ATOM   1252 O  OE2   . GLU B 1 71 ? -27.757 7.070   27.826  1.00 31.84 ? 66  GLU B OE2   1 
ATOM   1253 N  N     . LEU B 1 72 ? -25.597 4.007   22.374  1.00 11.32 ? 67  LEU B N     1 
ATOM   1254 C  CA    . LEU B 1 72 ? -25.841 4.113   20.942  1.00 11.77 ? 67  LEU B CA    1 
ATOM   1255 C  C     . LEU B 1 72 ? -26.046 2.764   20.274  1.00 12.44 ? 67  LEU B C     1 
ATOM   1256 O  O     . LEU B 1 72 ? -26.881 2.613   19.345  1.00 12.76 ? 67  LEU B O     1 
ATOM   1257 C  CB    . LEU B 1 72 ? -24.656 4.826   20.297  1.00 11.19 ? 67  LEU B CB    1 
ATOM   1258 C  CG    . LEU B 1 72 ? -24.513 6.284   20.730  1.00 11.68 ? 67  LEU B CG    1 
ATOM   1259 C  CD1   . LEU B 1 72 ? -23.125 6.864   20.474  1.00 13.82 ? 67  LEU B CD1   1 
ATOM   1260 C  CD2   . LEU B 1 72 ? -25.533 7.129   20.007  1.00 13.27 ? 67  LEU B CD2   1 
ATOM   1261 N  N     . ASP B 1 73 ? -25.275 1.791   20.742  1.00 11.69 ? 68  ASP B N     1 
ATOM   1262 C  CA    . ASP B 1 73 ? -25.307 0.406   20.239  1.00 13.18 ? 68  ASP B CA    1 
ATOM   1263 C  C     . ASP B 1 73 ? -25.399 -0.556  21.420  1.00 12.22 ? 68  ASP B C     1 
ATOM   1264 O  O     . ASP B 1 73 ? -24.400 -1.173  21.853  1.00 10.84 ? 68  ASP B O     1 
ATOM   1265 C  CB    . ASP B 1 73 ? -24.084 0.133   19.417  1.00 12.77 ? 68  ASP B CB    1 
ATOM   1266 C  CG    . ASP B 1 73 ? -24.094 -1.238  18.792  1.00 18.65 ? 68  ASP B CG    1 
ATOM   1267 O  OD1   . ASP B 1 73 ? -25.120 -1.963  18.897  1.00 26.29 ? 68  ASP B OD1   1 
ATOM   1268 O  OD2   . ASP B 1 73 ? -23.098 -1.682  18.232  1.00 22.12 ? 68  ASP B OD2   1 
ATOM   1269 N  N     . PRO B 1 74 ? -26.607 -0.677  21.992  1.00 12.00 ? 69  PRO B N     1 
ATOM   1270 C  CA    . PRO B 1 74 ? -26.802 -1.525  23.169  1.00 12.76 ? 69  PRO B CA    1 
ATOM   1271 C  C     . PRO B 1 74 ? -26.353 -2.986  23.083  1.00 11.46 ? 69  PRO B C     1 
ATOM   1272 O  O     . PRO B 1 74 ? -26.011 -3.592  24.098  1.00 13.50 ? 69  PRO B O     1 
ATOM   1273 C  CB    . PRO B 1 74 ? -28.304 -1.451  23.387  1.00 12.44 ? 69  PRO B CB    1 
ATOM   1274 C  CG    . PRO B 1 74 ? -28.736 -0.101  22.804  1.00 14.81 ? 69  PRO B CG    1 
ATOM   1275 C  CD    . PRO B 1 74 ? -27.828 0.076   21.634  1.00 13.20 ? 69  PRO B CD    1 
ATOM   1276 N  N     . ASN B 1 75 ? -26.333 -3.556  21.887  1.00 10.40 ? 70  ASN B N     1 
ATOM   1277 C  CA    . ASN B 1 75 ? -25.985 -4.954  21.748  1.00 9.02  ? 70  ASN B CA    1 
ATOM   1278 C  C     . ASN B 1 75 ? -24.541 -5.208  21.352  1.00 9.50  ? 70  ASN B C     1 
ATOM   1279 O  O     . ASN B 1 75 ? -24.214 -6.300  20.889  1.00 11.03 ? 70  ASN B O     1 
ATOM   1280 C  CB    . ASN B 1 75 ? -26.966 -5.605  20.784  1.00 8.44  ? 70  ASN B CB    1 
ATOM   1281 C  CG    . ASN B 1 75 ? -28.336 -5.695  21.363  1.00 9.76  ? 70  ASN B CG    1 
ATOM   1282 O  OD1   . ASN B 1 75 ? -28.497 -5.753  22.608  1.00 8.10  ? 70  ASN B OD1   1 
ATOM   1283 N  ND2   . ASN B 1 75 ? -29.365 -5.726  20.498  1.00 5.82  ? 70  ASN B ND2   1 
ATOM   1284 N  N     . ASN B 1 76 ? -23.702 -4.184  21.457  1.00 10.43 ? 71  ASN B N     1 
ATOM   1285 C  CA    . ASN B 1 76 ? -22.262 -4.340  21.219  1.00 10.24 ? 71  ASN B CA    1 
ATOM   1286 C  C     . ASN B 1 76 ? -21.628 -5.209  22.306  1.00 11.87 ? 71  ASN B C     1 
ATOM   1287 O  O     . ASN B 1 76 ? -21.395 -4.751  23.453  1.00 14.11 ? 71  ASN B O     1 
ATOM   1288 C  CB    . ASN B 1 76 ? -21.578 -2.972  21.160  1.00 11.58 ? 71  ASN B CB    1 
ATOM   1289 C  CG    . ASN B 1 76 ? -20.083 -3.062  20.849  1.00 13.43 ? 71  ASN B CG    1 
ATOM   1290 O  OD1   . ASN B 1 76 ? -19.408 -4.060  21.107  1.00 14.33 ? 71  ASN B OD1   1 
ATOM   1291 N  ND2   . ASN B 1 76 ? -19.549 -1.975  20.320  1.00 16.65 ? 71  ASN B ND2   1 
ATOM   1292 N  N     . ALA B 1 77 ? -21.408 -6.469  21.993  1.00 11.43 ? 72  ALA B N     1 
ATOM   1293 C  CA    . ALA B 1 77 ? -20.973 -7.425  23.011  1.00 11.84 ? 72  ALA B CA    1 
ATOM   1294 C  C     . ALA B 1 77 ? -19.578 -7.138  23.525  1.00 11.83 ? 72  ALA B C     1 
ATOM   1295 O  O     . ALA B 1 77 ? -19.271 -7.385  24.672  1.00 12.64 ? 72  ALA B O     1 
ATOM   1296 C  CB    . ALA B 1 77 ? -21.037 -8.852  22.468  1.00 12.10 ? 72  ALA B CB    1 
ATOM   1297 N  N     . GLU B 1 78 ? -18.712 -6.633  22.663  1.00 11.71 ? 73  GLU B N     1 
ATOM   1298 C  CA    . GLU B 1 78 ? -17.330 -6.383  23.059  1.00 12.63 ? 73  GLU B CA    1 
ATOM   1299 C  C     . GLU B 1 78 ? -17.238 -5.185  24.011  1.00 11.70 ? 73  GLU B C     1 
ATOM   1300 O  O     . GLU B 1 78 ? -16.443 -5.177  24.942  1.00 11.04 ? 73  GLU B O     1 
ATOM   1301 C  CB    . GLU B 1 78 ? -16.440 -6.199  21.818  1.00 13.25 ? 73  GLU B CB    1 
ATOM   1302 C  CG    . GLU B 1 78 ? -16.408 -7.414  20.891  1.00 17.20 ? 73  GLU B CG    1 
ATOM   1303 C  CD    . GLU B 1 78 ? -17.462 -7.387  19.758  1.00 23.24 ? 73  GLU B CD    1 
ATOM   1304 O  OE1   . GLU B 1 78 ? -18.507 -6.696  19.850  1.00 22.82 ? 73  GLU B OE1   1 
ATOM   1305 O  OE2   . GLU B 1 78 ? -17.270 -8.092  18.734  1.00 28.78 ? 73  GLU B OE2   1 
ATOM   1306 N  N     . ALA B 1 79 ? -18.038 -4.162  23.758  1.00 10.75 ? 74  ALA B N     1 
ATOM   1307 C  CA    . ALA B 1 79 ? -18.159 -3.035  24.652  1.00 10.60 ? 74  ALA B CA    1 
ATOM   1308 C  C     . ALA B 1 79 ? -18.646 -3.491  26.029  1.00 11.78 ? 74  ALA B C     1 
ATOM   1309 O  O     . ALA B 1 79 ? -18.063 -3.128  27.065  1.00 12.01 ? 74  ALA B O     1 
ATOM   1310 C  CB    . ALA B 1 79 ? -19.108 -1.993  24.039  1.00 11.82 ? 74  ALA B CB    1 
ATOM   1311 N  N     . LYS B 1 80 ? -19.677 -4.336  26.079  1.00 11.21 ? 75  LYS B N     1 
ATOM   1312 C  CA    . LYS B 1 80 ? -20.143 -4.897  27.361  1.00 12.46 ? 75  LYS B CA    1 
ATOM   1313 C  C     . LYS B 1 80 ? -19.055 -5.703  28.100  1.00 11.39 ? 75  LYS B C     1 
ATOM   1314 O  O     . LYS B 1 80 ? -18.851 -5.570  29.325  1.00 12.05 ? 75  LYS B O     1 
ATOM   1315 C  CB    . LYS B 1 80 ? -21.432 -5.765  27.173  1.00 13.67 ? 75  LYS B CB    1 
ATOM   1316 C  CG    . LYS B 1 80 ? -22.404 -5.631  28.306  1.00 18.35 ? 75  LYS B CG    1 
ATOM   1317 C  CD    . LYS B 1 80 ? -23.505 -6.686  28.291  1.00 22.72 ? 75  LYS B CD    1 
ATOM   1318 C  CE    . LYS B 1 80 ? -23.624 -7.386  29.653  1.00 25.97 ? 75  LYS B CE    1 
ATOM   1319 N  NZ    . LYS B 1 80 ? -24.910 -8.053  29.798  1.00 26.88 ? 75  LYS B NZ    1 
ATOM   1320 N  N     . GLN B 1 81 ? -18.382 -6.586  27.370  1.00 11.53 ? 76  GLN B N     1 
ATOM   1321 C  CA    . GLN B 1 81 ? -17.317 -7.400  27.947  1.00 12.98 ? 76  GLN B CA    1 
ATOM   1322 C  C     . GLN B 1 81 ? -16.197 -6.563  28.496  1.00 12.64 ? 76  GLN B C     1 
ATOM   1323 O  O     . GLN B 1 81 ? -15.714 -6.782  29.592  1.00 13.65 ? 76  GLN B O     1 
ATOM   1324 C  CB    . GLN B 1 81 ? -16.813 -8.395  26.910  1.00 13.38 ? 76  GLN B CB    1 
ATOM   1325 C  CG    . GLN B 1 81 ? -17.861 -9.542  26.720  1.00 18.23 ? 76  GLN B CG    1 
ATOM   1326 C  CD    . GLN B 1 81 ? -17.706 -10.319 25.429  1.00 22.57 ? 76  GLN B CD    1 
ATOM   1327 O  OE1   . GLN B 1 81 ? -16.990 -9.895  24.511  1.00 28.51 ? 76  GLN B OE1   1 
ATOM   1328 N  NE2   . GLN B 1 81 ? -18.378 -11.460 25.350  1.00 24.32 ? 76  GLN B NE2   1 
ATOM   1329 N  N     . ASN B 1 82 ? -15.752 -5.583  27.736  1.00 12.15 ? 77  ASN B N     1 
ATOM   1330 C  CA    . ASN B 1 82 ? -14.626 -4.780  28.159  1.00 11.74 ? 77  ASN B CA    1 
ATOM   1331 C  C     . ASN B 1 82 ? -15.025 -3.852  29.288  1.00 11.77 ? 77  ASN B C     1 
ATOM   1332 O  O     . ASN B 1 82 ? -14.198 -3.565  30.136  1.00 12.05 ? 77  ASN B O     1 
ATOM   1333 C  CB    . ASN B 1 82 ? -14.022 -4.054  26.962  1.00 10.56 ? 77  ASN B CB    1 
ATOM   1334 C  CG    . ASN B 1 82 ? -13.434 -5.033  25.964  1.00 11.24 ? 77  ASN B CG    1 
ATOM   1335 O  OD1   . ASN B 1 82 ? -13.329 -6.230  26.242  1.00 11.41 ? 77  ASN B OD1   1 
ATOM   1336 N  ND2   . ASN B 1 82 ? -13.052 -4.533  24.796  1.00 20.02 ? 77  ASN B ND2   1 
ATOM   1337 N  N     . LEU B 1 83 ? -16.261 -3.372  29.303  1.00 11.04 ? 78  LEU B N     1 
ATOM   1338 C  CA    . LEU B 1 83 ? -16.807 -2.627  30.431  1.00 11.39 ? 78  LEU B CA    1 
ATOM   1339 C  C     . LEU B 1 83 ? -16.711 -3.448  31.698  1.00 11.62 ? 78  LEU B C     1 
ATOM   1340 O  O     . LEU B 1 83 ? -16.254 -2.971  32.723  1.00 11.99 ? 78  LEU B O     1 
ATOM   1341 C  CB    . LEU B 1 83 ? -18.281 -2.253  30.181  1.00 12.11 ? 78  LEU B CB    1 
ATOM   1342 C  CG    . LEU B 1 83 ? -19.058 -1.508  31.266  1.00 12.66 ? 78  LEU B CG    1 
ATOM   1343 C  CD1   . LEU B 1 83 ? -18.332 -0.231  31.621  1.00 14.04 ? 78  LEU B CD1   1 
ATOM   1344 C  CD2   . LEU B 1 83 ? -20.485 -1.223  30.818  1.00 14.53 ? 78  LEU B CD2   1 
ATOM   1345 N  N     . GLY B 1 84 ? -17.147 -4.688  31.662  1.00 10.94 ? 79  GLY B N     1 
ATOM   1346 C  CA    . GLY B 1 84 ? -17.067 -5.469  32.870  1.00 10.82 ? 79  GLY B CA    1 
ATOM   1347 C  C     . GLY B 1 84 ? -15.646 -5.729  33.345  1.00 11.88 ? 79  GLY B C     1 
ATOM   1348 O  O     . GLY B 1 84 ? -15.370 -5.757  34.568  1.00 12.63 ? 79  GLY B O     1 
ATOM   1349 N  N     . ASN B 1 85 ? -14.757 -5.961  32.377  1.00 12.07 ? 80  ASN B N     1 
ATOM   1350 C  CA    . ASN B 1 85 ? -13.361 -6.153  32.694  1.00 13.57 ? 80  ASN B CA    1 
ATOM   1351 C  C     . ASN B 1 85 ? -12.800 -4.890  33.337  1.00 13.08 ? 80  ASN B C     1 
ATOM   1352 O  O     . ASN B 1 85 ? -12.130 -4.959  34.350  1.00 12.98 ? 80  ASN B O     1 
ATOM   1353 C  CB    . ASN B 1 85 ? -12.557 -6.505  31.445  1.00 15.51 ? 80  ASN B CB    1 
ATOM   1354 C  CG    . ASN B 1 85 ? -11.210 -7.088  31.791  1.00 17.50 ? 80  ASN B CG    1 
ATOM   1355 O  OD1   . ASN B 1 85 ? -11.005 -8.324  31.753  1.00 22.25 ? 80  ASN B OD1   1 
ATOM   1356 N  ND2   . ASN B 1 85 ? -10.294 -6.221  32.197  1.00 18.45 ? 80  ASN B ND2   1 
ATOM   1357 N  N     . ALA B 1 86 ? -13.069 -3.733  32.744  1.00 11.02 ? 81  ALA B N     1 
ATOM   1358 C  CA    . ALA B 1 86 ? -12.566 -2.452  33.281  1.00 11.02 ? 81  ALA B CA    1 
ATOM   1359 C  C     . ALA B 1 86 ? -13.074 -2.235  34.713  1.00 10.15 ? 81  ALA B C     1 
ATOM   1360 O  O     . ALA B 1 86 ? -12.317 -1.768  35.563  1.00 9.58  ? 81  ALA B O     1 
ATOM   1361 C  CB    . ALA B 1 86 ? -12.969 -1.288  32.376  1.00 11.40 ? 81  ALA B CB    1 
ATOM   1362 N  N     . LYS B 1 87 ? -14.346 -2.544  34.984  1.00 9.67  ? 82  LYS B N     1 
ATOM   1363 C  CA    . LYS B 1 87 ? -14.884 -2.350  36.334  1.00 10.11 ? 82  LYS B CA    1 
ATOM   1364 C  C     . LYS B 1 87 ? -14.191 -3.204  37.366  1.00 9.20  ? 82  LYS B C     1 
ATOM   1365 O  O     . LYS B 1 87 ? -14.037 -2.811  38.523  1.00 8.48  ? 82  LYS B O     1 
ATOM   1366 C  CB    . LYS B 1 87 ? -16.386 -2.609  36.383  1.00 10.41 ? 82  LYS B CB    1 
ATOM   1367 C  CG    . LYS B 1 87 ? -17.205 -1.622  35.595  1.00 13.75 ? 82  LYS B CG    1 
ATOM   1368 C  CD    . LYS B 1 87 ? -18.693 -1.796  35.876  1.00 17.82 ? 82  LYS B CD    1 
ATOM   1369 C  CE    . LYS B 1 87 ? -19.553 -0.846  35.018  1.00 21.01 ? 82  LYS B CE    1 
ATOM   1370 N  NZ    . LYS B 1 87 ? -20.001 0.382   35.715  1.00 24.50 ? 82  LYS B NZ    1 
ATOM   1371 N  N     . GLN B 1 88 ? -13.752 -4.378  36.947  1.00 9.01  ? 83  GLN B N     1 
ATOM   1372 C  CA    . GLN B 1 88 ? -13.038 -5.276  37.841  1.00 9.36  ? 83  GLN B CA    1 
ATOM   1373 C  C     . GLN B 1 88 ? -11.642 -4.746  38.151  1.00 9.09  ? 83  GLN B C     1 
ATOM   1374 O  O     . GLN B 1 88 ? -11.021 -5.102  39.159  1.00 9.59  ? 83  GLN B O     1 
ATOM   1375 C  CB    . GLN B 1 88 ? -12.965 -6.668  37.215  1.00 10.49 ? 83  GLN B CB    1 
ATOM   1376 C  CG    . GLN B 1 88 ? -14.247 -7.477  37.373  1.00 13.62 ? 83  GLN B CG    1 
ATOM   1377 C  CD    . GLN B 1 88 ? -14.893 -7.364  38.774  1.00 16.86 ? 83  GLN B CD    1 
ATOM   1378 O  OE1   . GLN B 1 88 ? -14.401 -7.955  39.757  1.00 20.84 ? 83  GLN B OE1   1 
ATOM   1379 N  NE2   . GLN B 1 88 ? -15.999 -6.589  38.860  1.00 19.54 ? 83  GLN B NE2   1 
ATOM   1380 N  N     . LYS B 1 89 ? -11.129 -3.899  37.277  1.00 9.31  ? 84  LYS B N     1 
ATOM   1381 C  CA    . LYS B 1 89 ? -9.807  -3.302  37.452  1.00 9.58  ? 84  LYS B CA    1 
ATOM   1382 C  C     . LYS B 1 89 ? -9.784  -1.884  38.035  1.00 10.49 ? 84  LYS B C     1 
ATOM   1383 O  O     . LYS B 1 89 ? -8.731  -1.398  38.435  1.00 10.19 ? 84  LYS B O     1 
ATOM   1384 C  CB    . LYS B 1 89 ? -9.101  -3.302  36.102  1.00 9.16  ? 84  LYS B CB    1 
ATOM   1385 C  CG    . LYS B 1 89 ? -8.674  -4.744  35.742  1.00 12.97 ? 84  LYS B CG    1 
ATOM   1386 C  CD    . LYS B 1 89 ? -8.128  -4.747  34.375  1.00 11.84 ? 84  LYS B CD    1 
ATOM   1387 C  CE    . LYS B 1 89 ? -7.379  -6.069  34.005  1.00 13.74 ? 84  LYS B CE    1 
ATOM   1388 N  NZ    . LYS B 1 89 ? -8.000  -7.287  34.483  1.00 9.99  ? 84  LYS B NZ    1 
ATOM   1389 N  N     . GLN B 1 90 ? -10.945 -1.242  38.115  1.00 12.75 ? 85  GLN B N     1 
ATOM   1390 C  CA    . GLN B 1 90 ? -11.060 0.180   38.426  1.00 13.76 ? 85  GLN B CA    1 
ATOM   1391 C  C     . GLN B 1 90 ? -10.675 0.445   39.877  1.00 15.70 ? 85  GLN B C     1 
ATOM   1392 O  O     . GLN B 1 90 ? -10.188 1.538   40.231  1.00 15.56 ? 85  GLN B O     1 
ATOM   1393 C  CB    . GLN B 1 90 ? -12.502 0.607   38.178  1.00 14.60 ? 85  GLN B CB    1 
ATOM   1394 C  CG    . GLN B 1 90 ? -12.800 2.028   38.491  1.00 15.91 ? 85  GLN B CG    1 
ATOM   1395 C  CD    . GLN B 1 90 ? -14.237 2.402   38.243  1.00 17.20 ? 85  GLN B CD    1 
ATOM   1396 O  OE1   . GLN B 1 90 ? -15.166 1.578   38.415  1.00 14.68 ? 85  GLN B OE1   1 
ATOM   1397 N  NE2   . GLN B 1 90 ? -14.442 3.664   37.862  1.00 18.95 ? 85  GLN B NE2   1 
ATOM   1398 N  N     . GLY B 1 91 ? -11.009 -0.558  40.681  1.00 16.27 ? 86  GLY B N     1 
ATOM   1399 C  CA    . GLY B 1 91 ? -10.622 -0.712  42.057  1.00 18.67 ? 86  GLY B CA    1 
ATOM   1400 C  C     . GLY B 1 91 ? -10.626 -2.213  42.340  1.00 19.59 ? 86  GLY B C     1 
ATOM   1401 O  O     . GLY B 1 91 ? -10.974 -2.573  43.473  1.00 20.28 ? 86  GLY B O     1 
ATOM   1402 O  OXT   . GLY B 1 91 ? -10.263 -3.039  41.457  1.00 20.18 ? 86  GLY B OXT   1 
HETATM 1403 C  C     . TRS C 2 .  ? 23.097  -4.691  -16.350 1.00 28.04 ? 101 TRS A C     1 
HETATM 1404 C  C1    . TRS C 2 .  ? 23.977  -3.427  -16.343 1.00 29.67 ? 101 TRS A C1    1 
HETATM 1405 C  C2    . TRS C 2 .  ? 23.063  -5.284  -14.958 1.00 28.27 ? 101 TRS A C2    1 
HETATM 1406 C  C3    . TRS C 2 .  ? 23.673  -5.684  -17.357 1.00 28.44 ? 101 TRS A C3    1 
HETATM 1407 N  N     . TRS C 2 .  ? 21.694  -4.350  -16.719 1.00 29.03 ? 101 TRS A N     1 
HETATM 1408 O  O1    . TRS C 2 .  ? 23.914  -2.757  -17.602 1.00 30.19 ? 101 TRS A O1    1 
HETATM 1409 O  O2    . TRS C 2 .  ? 22.372  -4.578  -14.019 1.00 27.16 ? 101 TRS A O2    1 
HETATM 1410 O  O3    . TRS C 2 .  ? 22.781  -6.766  -17.495 1.00 25.52 ? 101 TRS A O3    1 
HETATM 1411 C  C1    . IPT D 3 .  ? 13.800  5.843   -13.881 1.00 35.13 ? 201 IPT A C1    1 
HETATM 1412 S  S1    . IPT D 3 .  ? 14.606  4.595   -14.866 1.00 38.69 ? 201 IPT A S1    1 
HETATM 1413 C  "C1'" . IPT D 3 .  ? 13.413  3.303   -14.917 1.00 35.33 ? 201 IPT A "C1'" 1 
HETATM 1414 C  "C2'" . IPT D 3 .  ? 13.508  2.408   -13.682 1.00 34.90 ? 201 IPT A "C2'" 1 
HETATM 1415 C  "C3'" . IPT D 3 .  ? 13.633  2.477   -16.177 1.00 32.97 ? 201 IPT A "C3'" 1 
HETATM 1416 MG MG    . MG  E 4 .  ? -3.582  13.820  23.747  1.00 21.92 ? 301 MG  B MG    1 
HETATM 1417 MG MG    . MG  F 4 .  ? 2.961   10.906  20.359  1.00 18.41 ? 336 MG  B MG    1 
HETATM 1418 C  C1    . IPT G 3 .  ? -6.624  -6.201  26.269  1.00 29.68 ? 151 IPT B C1    1 
HETATM 1419 C  C2    . IPT G 3 .  ? -6.124  -7.646  26.096  1.00 29.24 ? 151 IPT B C2    1 
HETATM 1420 O  O2    . IPT G 3 .  ? -7.178  -8.574  25.854  1.00 28.84 ? 151 IPT B O2    1 
HETATM 1421 C  C3    . IPT G 3 .  ? -5.010  -8.093  27.029  1.00 28.79 ? 151 IPT B C3    1 
HETATM 1422 O  O3    . IPT G 3 .  ? -4.291  -9.255  26.589  1.00 27.06 ? 151 IPT B O3    1 
HETATM 1423 C  C4    . IPT G 3 .  ? -4.105  -6.984  27.603  1.00 29.25 ? 151 IPT B C4    1 
HETATM 1424 O  O4    . IPT G 3 .  ? -3.102  -6.815  26.598  1.00 31.10 ? 151 IPT B O4    1 
HETATM 1425 C  C5    . IPT G 3 .  ? -4.604  -5.544  27.645  1.00 32.33 ? 151 IPT B C5    1 
HETATM 1426 O  O5    . IPT G 3 .  ? -5.710  -5.222  26.804  1.00 30.19 ? 151 IPT B O5    1 
HETATM 1427 C  C6    . IPT G 3 .  ? -3.466  -4.528  27.396  1.00 36.31 ? 151 IPT B C6    1 
HETATM 1428 O  O6    . IPT G 3 .  ? -3.629  -3.566  28.417  1.00 43.65 ? 151 IPT B O6    1 
HETATM 1429 S  S1    . IPT G 3 .  ? -7.750  -5.580  25.016  1.00 30.10 ? 151 IPT B S1    1 
HETATM 1430 C  "C1'" . IPT G 3 .  ? -8.632  -4.326  25.914  1.00 31.05 ? 151 IPT B "C1'" 1 
HETATM 1431 C  "C2'" . IPT G 3 .  ? -9.853  -4.907  26.616  1.00 30.22 ? 151 IPT B "C2'" 1 
HETATM 1432 C  "C3'" . IPT G 3 .  ? -9.042  -3.240  24.932  1.00 31.13 ? 151 IPT B "C3'" 1 
HETATM 1433 O  O     . HOH H 5 .  ? 24.813  -11.521 -15.688 1.00 18.88 ? 305 HOH A O     1 
HETATM 1434 O  O     . HOH H 5 .  ? 17.476  0.810   -14.639 1.00 41.11 ? 307 HOH A O     1 
HETATM 1435 O  O     . HOH H 5 .  ? 22.882  -14.580 -15.215 1.00 19.39 ? 314 HOH A O     1 
HETATM 1436 O  O     . HOH H 5 .  ? 13.023  9.335   -36.226 1.00 23.79 ? 315 HOH A O     1 
HETATM 1437 O  O     . HOH H 5 .  ? 16.753  4.822   -17.858 1.00 25.62 ? 316 HOH A O     1 
HETATM 1438 O  O     . HOH H 5 .  ? 11.381  6.957   -35.966 1.00 39.72 ? 317 HOH A O     1 
HETATM 1439 O  O     . HOH H 5 .  ? 21.291  -2.002  -20.637 1.00 25.26 ? 318 HOH A O     1 
HETATM 1440 O  O     . HOH H 5 .  ? 26.031  -13.759 -14.558 1.00 22.27 ? 320 HOH A O     1 
HETATM 1441 O  O     . HOH H 5 .  ? 20.327  -9.097  -19.351 1.00 29.49 ? 322 HOH A O     1 
HETATM 1442 O  O     . HOH H 5 .  ? 12.899  -8.059  -7.689  1.00 41.06 ? 326 HOH A O     1 
HETATM 1443 O  O     . HOH H 5 .  ? 24.453  -15.669 -8.962  1.00 33.37 ? 331 HOH A O     1 
HETATM 1444 O  O     . HOH H 5 .  ? 20.278  8.783   -28.678 1.00 26.10 ? 335 HOH A O     1 
HETATM 1445 O  O     . HOH H 5 .  ? 19.673  -8.244  -30.560 1.00 32.08 ? 338 HOH A O     1 
HETATM 1446 O  O     . HOH H 5 .  ? 24.169  -3.129  -12.525 1.00 36.48 ? 340 HOH A O     1 
HETATM 1447 O  O     . HOH H 5 .  ? 7.488   -13.056 -18.829 1.00 29.89 ? 341 HOH A O     1 
HETATM 1448 O  O     . HOH H 5 .  ? 8.156   -3.649  -34.198 1.00 27.41 ? 344 HOH A O     1 
HETATM 1449 O  O     . HOH H 5 .  ? 1.448   5.000   -24.006 1.00 33.67 ? 345 HOH A O     1 
HETATM 1450 O  O     . HOH H 5 .  ? 7.978   -5.377  -5.048  1.00 41.38 ? 346 HOH A O     1 
HETATM 1451 O  O     . HOH H 5 .  ? 5.374   1.335   -29.830 1.00 30.62 ? 347 HOH A O     1 
HETATM 1452 O  O     . HOH H 5 .  ? 11.909  -14.602 -14.486 1.00 28.01 ? 348 HOH A O     1 
HETATM 1453 O  O     . HOH H 5 .  ? 20.235  10.389  -30.990 1.00 28.28 ? 350 HOH A O     1 
HETATM 1454 O  O     . HOH H 5 .  ? 22.673  3.107   -29.736 1.00 31.80 ? 356 HOH A O     1 
HETATM 1455 O  O     . HOH H 5 .  ? 3.156   -1.683  -27.253 1.00 37.96 ? 360 HOH A O     1 
HETATM 1456 O  O     . HOH H 5 .  ? 17.370  -13.355 -10.583 1.00 32.85 ? 361 HOH A O     1 
HETATM 1457 O  O     . HOH H 5 .  ? 15.665  -16.751 -13.467 1.00 30.14 ? 363 HOH A O     1 
HETATM 1458 O  O     . HOH H 5 .  ? 2.747   -8.586  -15.763 1.00 35.08 ? 368 HOH A O     1 
HETATM 1459 O  O     . HOH H 5 .  ? 17.567  -9.297  -30.085 1.00 40.73 ? 372 HOH A O     1 
HETATM 1460 O  O     . HOH H 5 .  ? 11.368  10.354  -32.627 1.00 29.29 ? 373 HOH A O     1 
HETATM 1461 O  O     . HOH H 5 .  ? 14.386  8.874   -13.468 1.00 44.74 ? 374 HOH A O     1 
HETATM 1462 O  O     . HOH H 5 .  ? 17.632  -9.713  -40.856 1.00 31.75 ? 376 HOH A O     1 
HETATM 1463 O  O     . HOH H 5 .  ? 19.972  -11.237 -36.861 1.00 38.52 ? 377 HOH A O     1 
HETATM 1464 O  O     . HOH H 5 .  ? 23.405  0.076   -28.067 1.00 34.00 ? 378 HOH A O     1 
HETATM 1465 O  O     . HOH H 5 .  ? 7.117   5.306   -14.896 1.00 36.03 ? 380 HOH A O     1 
HETATM 1466 O  O     . HOH H 5 .  ? 23.387  -9.256  -29.441 1.00 51.23 ? 381 HOH A O     1 
HETATM 1467 O  O     . HOH H 5 .  ? 20.448  -15.518 -23.617 1.00 34.98 ? 382 HOH A O     1 
HETATM 1468 O  O     . HOH H 5 .  ? 3.979   -11.168 -16.042 1.00 38.51 ? 384 HOH A O     1 
HETATM 1469 O  O     . HOH H 5 .  ? 21.496  -10.184 -31.231 1.00 40.18 ? 385 HOH A O     1 
HETATM 1470 O  O     . HOH H 5 .  ? 2.234   6.520   -21.120 1.00 37.34 ? 390 HOH A O     1 
HETATM 1471 O  O     . HOH H 5 .  ? 21.498  -14.660 -21.229 1.00 36.88 ? 393 HOH A O     1 
HETATM 1472 O  O     . HOH I 5 .  ? 3.335   12.519  19.133  1.00 21.24 ? 300 HOH B O     1 
HETATM 1473 O  O     . HOH I 5 .  ? 2.906   6.769   15.899  1.00 24.65 ? 302 HOH B O     1 
HETATM 1474 O  O     . HOH I 5 .  ? -12.356 1.702   42.231  1.00 43.33 ? 303 HOH B O     1 
HETATM 1475 O  O     . HOH I 5 .  ? -8.909  8.011   7.353   1.00 19.02 ? 304 HOH B O     1 
HETATM 1476 O  O     . HOH I 5 .  ? 2.412   9.188   21.318  1.00 19.92 ? 306 HOH B O     1 
HETATM 1477 O  O     . HOH I 5 .  ? -4.114  11.764  23.645  1.00 22.61 ? 308 HOH B O     1 
HETATM 1478 O  O     . HOH I 5 .  ? 5.038   10.450  20.531  1.00 19.03 ? 309 HOH B O     1 
HETATM 1479 O  O     . HOH I 5 .  ? -4.951  14.062  25.338  1.00 22.25 ? 310 HOH B O     1 
HETATM 1480 O  O     . HOH I 5 .  ? -2.316  13.528  22.145  1.00 21.68 ? 311 HOH B O     1 
HETATM 1481 O  O     . HOH I 5 .  ? -3.120  15.870  23.928  1.00 22.66 ? 312 HOH B O     1 
HETATM 1482 O  O     . HOH I 5 .  ? 0.948   11.393  20.404  1.00 21.96 ? 313 HOH B O     1 
HETATM 1483 O  O     . HOH I 5 .  ? -2.096  13.302  25.051  1.00 22.43 ? 319 HOH B O     1 
HETATM 1484 O  O     . HOH I 5 .  ? -1.322  17.057  22.375  1.00 29.00 ? 321 HOH B O     1 
HETATM 1485 O  O     . HOH I 5 .  ? -27.542 -2.530  18.808  1.00 26.92 ? 323 HOH B O     1 
HETATM 1486 O  O     . HOH I 5 .  ? 2.766   9.802   18.578  1.00 19.18 ? 324 HOH B O     1 
HETATM 1487 O  O     . HOH I 5 .  ? -7.578  -4.264  21.434  1.00 26.63 ? 325 HOH B O     1 
HETATM 1488 O  O     . HOH I 5 .  ? 2.941   9.277   12.129  1.00 28.42 ? 327 HOH B O     1 
HETATM 1489 O  O     . HOH I 5 .  ? -5.261  14.356  22.355  1.00 26.34 ? 328 HOH B O     1 
HETATM 1490 O  O     . HOH I 5 .  ? -15.722 5.847   35.265  1.00 37.36 ? 329 HOH B O     1 
HETATM 1491 O  O     . HOH I 5 .  ? -0.059  5.296   25.315  1.00 36.59 ? 330 HOH B O     1 
HETATM 1492 O  O     . HOH I 5 .  ? -6.572  -6.953  30.493  1.00 28.44 ? 332 HOH B O     1 
HETATM 1493 O  O     . HOH I 5 .  ? -8.237  15.712  19.492  1.00 25.74 ? 333 HOH B O     1 
HETATM 1494 O  O     . HOH I 5 .  ? 1.657   7.084   25.734  1.00 35.07 ? 339 HOH B O     1 
HETATM 1495 O  O     . HOH I 5 .  ? -2.927  -2.148  19.689  1.00 28.58 ? 342 HOH B O     1 
HETATM 1496 O  O     . HOH I 5 .  ? -7.544  2.435   9.723   1.00 31.72 ? 343 HOH B O     1 
HETATM 1497 O  O     . HOH I 5 .  ? -10.664 1.509   10.494  1.00 36.55 ? 349 HOH B O     1 
HETATM 1498 O  O     . HOH I 5 .  ? -24.060 -5.314  24.600  1.00 36.90 ? 351 HOH B O     1 
HETATM 1499 O  O     . HOH I 5 .  ? -22.674 7.926   13.483  1.00 35.93 ? 352 HOH B O     1 
HETATM 1500 O  O     . HOH I 5 .  ? -20.674 7.759   29.969  1.00 36.57 ? 353 HOH B O     1 
HETATM 1501 O  O     . HOH I 5 .  ? -20.315 3.209   14.627  1.00 38.32 ? 354 HOH B O     1 
HETATM 1502 O  O     . HOH I 5 .  ? 1.020   6.209   23.004  1.00 28.98 ? 355 HOH B O     1 
HETATM 1503 O  O     . HOH I 5 .  ? -22.208 0.661   33.504  1.00 42.88 ? 357 HOH B O     1 
HETATM 1504 O  O     . HOH I 5 .  ? -18.305 14.527  9.366   1.00 33.38 ? 358 HOH B O     1 
HETATM 1505 O  O     . HOH I 5 .  ? -1.133  -6.257  27.880  1.00 46.18 ? 359 HOH B O     1 
HETATM 1506 O  O     . HOH I 5 .  ? -2.340  -4.220  16.735  1.00 29.87 ? 362 HOH B O     1 
HETATM 1507 O  O     . HOH I 5 .  ? -4.831  -3.530  36.085  1.00 38.92 ? 364 HOH B O     1 
HETATM 1508 O  O     . HOH I 5 .  ? 3.467   9.268   14.844  1.00 35.18 ? 365 HOH B O     1 
HETATM 1509 O  O     . HOH I 5 .  ? -8.812  -1.069  15.866  1.00 51.90 ? 366 HOH B O     1 
HETATM 1510 O  O     . HOH I 5 .  ? -8.320  -2.469  43.755  1.00 38.28 ? 367 HOH B O     1 
HETATM 1511 O  O     . HOH I 5 .  ? -10.718 -7.342  34.746  1.00 34.32 ? 369 HOH B O     1 
HETATM 1512 O  O     . HOH I 5 .  ? -29.033 -5.714  17.629  1.00 32.62 ? 370 HOH B O     1 
HETATM 1513 O  O     . HOH I 5 .  ? -4.043  -5.919  31.284  1.00 42.60 ? 371 HOH B O     1 
HETATM 1514 O  O     . HOH I 5 .  ? -11.939 -11.000 31.322  1.00 33.97 ? 375 HOH B O     1 
HETATM 1515 O  O     . HOH I 5 .  ? -12.458 -12.274 33.841  1.00 31.07 ? 379 HOH B O     1 
HETATM 1516 O  O     . HOH I 5 .  ? -24.522 2.711   28.769  1.00 35.52 ? 383 HOH B O     1 
HETATM 1517 O  O     . HOH I 5 .  ? -6.081  11.919  27.364  1.00 46.80 ? 386 HOH B O     1 
HETATM 1518 O  O     . HOH I 5 .  ? -19.210 9.267   11.579  1.00 47.07 ? 387 HOH B O     1 
HETATM 1519 O  O     . HOH I 5 .  ? -20.670 -5.259  31.500  1.00 39.56 ? 388 HOH B O     1 
HETATM 1520 O  O     . HOH I 5 .  ? -29.204 5.686   21.474  1.00 40.25 ? 389 HOH B O     1 
HETATM 1521 O  O     . HOH I 5 .  ? -25.431 5.847   16.143  1.00 32.59 ? 391 HOH B O     1 
HETATM 1522 O  O     . HOH I 5 .  ? -11.258 -10.860 35.397  1.00 34.71 ? 392 HOH B O     1 
# 
